data_2IQ7
#
_entry.id   2IQ7
#
_cell.length_a   85.640
_cell.length_b   127.266
_cell.length_c   205.828
_cell.angle_alpha   90.00
_cell.angle_beta   90.00
_cell.angle_gamma   90.00
#
_symmetry.space_group_name_H-M   'P 21 21 21'
#
loop_
_entity.id
_entity.type
_entity.pdbx_description
1 polymer endopolygalacturonase
2 branched alpha-D-mannopyranose-(1-6)-alpha-D-mannopyranose-(1-6)-[alpha-D-mannopyranose-(1-3)]alpha-D-mannopyranose-(1-4)-2-acetamido-2-deoxy-beta-D-glucopyranose-(1-4)-2-acetamido-2-deoxy-beta-D-glucopyranose
3 branched 2-acetamido-2-deoxy-beta-D-glucopyranose-(1-4)-2-acetamido-2-deoxy-beta-D-glucopyranose
4 non-polymer 'TETRAETHYLENE GLYCOL'
5 non-polymer DI(HYDROXYETHYL)ETHER
6 non-polymer 'ACETIC ACID'
7 water water
#
_entity_poly.entity_id   1
_entity_poly.type   'polypeptide(L)'
_entity_poly.pdbx_seq_one_letter_code
;ASCTFTDAAAAIKGKASCTSIILNGIVVPAGTTLDMTGLKSGTTVTFQGKTTFGYKEWEGPLISFSGTNININGASGHSI
DCQGSRWWDSKGSNGGKTKPKFFYAHSLKSSNIKGLNVLNTPVQAFSINSATTLGVYDVIIDNSAGDSAGGHNTDAFDVG
SSTGVYISGANVKNQDDCLAINSGTNITFTGGTCSGGHGLSIGSVGGRSDNTVKTVTISNSKIVNSDNGVRIKTVSGATG
SVSGVTYSGITLSNIAKYGIVIEQDYENGSPTGTPTNGVPITGLTLSKITGSVASSGTNVYILCASGACSNWKWSGVSVT
GGKKSTKCSNIPSGSGAAC
;
_entity_poly.pdbx_strand_id   A,B,C,D,E,F,G
#
loop_
_chem_comp.id
_chem_comp.type
_chem_comp.name
_chem_comp.formula
ACY non-polymer 'ACETIC ACID' 'C2 H4 O2'
MAN D-saccharide, alpha linking alpha-D-mannopyranose 'C6 H12 O6'
NAG D-saccharide, beta linking 2-acetamido-2-deoxy-beta-D-glucopyranose 'C8 H15 N O6'
PEG non-polymer DI(HYDROXYETHYL)ETHER 'C4 H10 O3'
PG4 non-polymer 'TETRAETHYLENE GLYCOL' 'C8 H18 O5'
#
# COMPACT_ATOMS: atom_id res chain seq x y z
N ALA A 1 -28.23 31.95 11.86
CA ALA A 1 -26.97 31.72 12.65
C ALA A 1 -26.81 32.78 13.72
N SER A 2 -26.12 32.45 14.80
CA SER A 2 -25.76 33.43 15.82
C SER A 2 -25.04 34.60 15.18
N CYS A 3 -24.11 34.32 14.28
CA CYS A 3 -23.20 35.32 13.76
C CYS A 3 -22.90 35.10 12.30
N THR A 4 -23.05 36.14 11.49
CA THR A 4 -22.65 36.07 10.09
C THR A 4 -21.56 37.13 9.89
N PHE A 5 -20.42 36.71 9.36
CA PHE A 5 -19.27 37.61 9.15
C PHE A 5 -18.88 37.68 7.69
N THR A 6 -18.61 38.90 7.20
CA THR A 6 -18.02 39.09 5.89
C THR A 6 -16.60 39.63 6.06
N ASP A 7 -16.16 39.70 7.30
CA ASP A 7 -14.84 40.23 7.61
C ASP A 7 -14.06 39.22 8.44
N ALA A 8 -12.81 38.96 8.03
CA ALA A 8 -11.99 37.93 8.67
C ALA A 8 -11.64 38.28 10.13
N ALA A 9 -11.10 39.48 10.35
CA ALA A 9 -10.76 39.85 11.71
C ALA A 9 -11.97 39.87 12.67
N ALA A 10 -13.15 40.33 12.20
CA ALA A 10 -14.40 40.28 13.00
C ALA A 10 -14.74 38.83 13.40
N ALA A 11 -14.66 37.91 12.43
CA ALA A 11 -14.95 36.48 12.66
C ALA A 11 -14.03 35.88 13.71
N ILE A 12 -12.74 36.20 13.62
CA ILE A 12 -11.72 35.68 14.56
C ILE A 12 -11.94 36.25 15.96
N LYS A 13 -12.26 37.54 16.02
CA LYS A 13 -12.57 38.16 17.31
C LYS A 13 -13.81 37.53 17.95
N GLY A 14 -14.85 37.30 17.16
CA GLY A 14 -16.15 36.92 17.74
C GLY A 14 -16.49 35.44 17.86
N LYS A 15 -15.70 34.59 17.20
CA LYS A 15 -16.02 33.17 17.04
C LYS A 15 -16.48 32.42 18.30
N ALA A 16 -15.78 32.61 19.42
CA ALA A 16 -16.03 31.80 20.61
C ALA A 16 -17.33 32.18 21.33
N SER A 17 -17.95 33.28 20.92
CA SER A 17 -19.24 33.68 21.46
C SER A 17 -20.42 33.26 20.57
N CYS A 18 -20.11 32.60 19.44
CA CYS A 18 -21.13 32.25 18.44
C CYS A 18 -21.37 30.74 18.43
N THR A 19 -22.61 30.33 18.67
CA THR A 19 -22.92 28.90 18.60
C THR A 19 -23.03 28.43 17.15
N SER A 20 -23.45 29.32 16.26
CA SER A 20 -23.40 29.03 14.82
C SER A 20 -22.84 30.23 14.12
N ILE A 21 -22.00 29.97 13.14
CA ILE A 21 -21.28 30.99 12.41
C ILE A 21 -21.50 30.77 10.94
N ILE A 22 -21.76 31.86 10.24
CA ILE A 22 -21.66 31.86 8.80
C ILE A 22 -20.49 32.76 8.39
N LEU A 23 -19.58 32.21 7.59
CA LEU A 23 -18.48 32.96 7.01
C LEU A 23 -18.90 33.26 5.57
N ASN A 24 -19.28 34.50 5.31
CA ASN A 24 -19.96 34.86 4.06
C ASN A 24 -19.09 35.76 3.17
N GLY A 25 -18.51 35.17 2.14
CA GLY A 25 -17.78 35.90 1.12
C GLY A 25 -16.54 36.60 1.65
N ILE A 26 -15.94 36.05 2.69
CA ILE A 26 -14.78 36.70 3.32
C ILE A 26 -13.56 36.76 2.41
N VAL A 27 -12.99 37.95 2.30
CA VAL A 27 -11.66 38.13 1.72
C VAL A 27 -10.66 38.09 2.88
N VAL A 28 -9.89 37.01 2.94
CA VAL A 28 -9.00 36.82 4.09
C VAL A 28 -7.73 37.66 3.80
N PRO A 29 -7.37 38.60 4.69
CA PRO A 29 -6.20 39.46 4.43
C PRO A 29 -4.96 38.67 4.04
N ALA A 30 -4.17 39.21 3.11
CA ALA A 30 -2.92 38.58 2.67
C ALA A 30 -2.00 38.22 3.84
N GLY A 31 -1.47 37.00 3.80
CA GLY A 31 -0.49 36.60 4.82
C GLY A 31 -1.10 36.28 6.19
N THR A 32 -2.42 36.15 6.24
CA THR A 32 -3.13 35.80 7.48
C THR A 32 -3.98 34.53 7.33
N THR A 33 -4.23 33.91 8.48
CA THR A 33 -5.08 32.72 8.55
C THR A 33 -6.51 33.13 8.90
N LEU A 34 -7.48 32.55 8.20
CA LEU A 34 -8.87 32.58 8.65
C LEU A 34 -8.94 31.63 9.86
N ASP A 35 -8.67 32.19 11.03
CA ASP A 35 -8.33 31.42 12.22
C ASP A 35 -9.60 31.06 12.98
N MET A 36 -10.09 29.85 12.71
CA MET A 36 -11.26 29.31 13.40
C MET A 36 -10.84 28.20 14.37
N THR A 37 -9.66 28.34 14.96
CA THR A 37 -9.25 27.46 16.07
C THR A 37 -9.96 27.88 17.37
N GLY A 38 -10.04 26.96 18.33
CA GLY A 38 -10.58 27.29 19.64
C GLY A 38 -12.06 27.65 19.63
N LEU A 39 -12.83 26.99 18.76
CA LEU A 39 -14.28 27.22 18.75
C LEU A 39 -14.90 26.61 20.00
N LYS A 40 -16.00 27.22 20.45
CA LYS A 40 -16.82 26.69 21.55
C LYS A 40 -17.27 25.30 21.08
N SER A 41 -17.16 24.33 21.96
CA SER A 41 -17.64 22.98 21.63
C SER A 41 -19.10 23.00 21.14
N GLY A 42 -19.36 22.28 20.04
CA GLY A 42 -20.70 22.20 19.48
C GLY A 42 -21.03 23.28 18.45
N THR A 43 -20.03 24.08 18.09
CA THR A 43 -20.23 25.16 17.12
C THR A 43 -20.39 24.60 15.71
N THR A 44 -21.37 25.15 15.01
CA THR A 44 -21.47 24.97 13.58
C THR A 44 -20.94 26.17 12.80
N VAL A 45 -20.15 25.89 11.79
CA VAL A 45 -19.59 26.91 10.91
C VAL A 45 -19.89 26.63 9.44
N THR A 46 -20.48 27.60 8.77
CA THR A 46 -20.96 27.42 7.41
C THR A 46 -20.30 28.44 6.47
N PHE A 47 -19.69 27.96 5.40
CA PHE A 47 -19.21 28.83 4.35
C PHE A 47 -20.32 29.21 3.35
N GLN A 48 -20.40 30.49 3.05
CA GLN A 48 -21.35 31.02 2.09
C GLN A 48 -20.59 31.96 1.15
N GLY A 49 -21.14 32.15 -0.06
CA GLY A 49 -20.52 33.00 -1.06
C GLY A 49 -19.14 32.48 -1.43
N LYS A 50 -18.29 33.37 -1.90
CA LYS A 50 -16.96 32.99 -2.35
C LYS A 50 -15.93 33.52 -1.37
N THR A 51 -15.23 32.60 -0.72
CA THR A 51 -14.14 32.97 0.18
C THR A 51 -12.89 33.14 -0.70
N THR A 52 -12.17 34.24 -0.48
CA THR A 52 -10.88 34.46 -1.19
C THR A 52 -9.78 34.88 -0.21
N PHE A 53 -8.56 35.03 -0.73
CA PHE A 53 -7.38 35.31 0.11
C PHE A 53 -6.48 36.28 -0.59
N GLY A 54 -5.91 37.20 0.19
CA GLY A 54 -4.91 38.13 -0.32
C GLY A 54 -3.66 37.34 -0.66
N TYR A 55 -2.84 37.90 -1.54
CA TYR A 55 -1.61 37.26 -1.97
C TYR A 55 -0.45 37.67 -1.10
N LYS A 56 0.22 36.66 -0.59
CA LYS A 56 1.53 36.79 0.04
C LYS A 56 2.25 35.47 -0.11
N GLU A 57 3.57 35.53 -0.27
CA GLU A 57 4.38 34.33 -0.28
C GLU A 57 4.72 33.98 1.16
N TRP A 58 4.00 32.98 1.69
CA TRP A 58 4.13 32.57 3.09
C TRP A 58 3.64 31.15 3.27
N GLU A 59 3.80 30.60 4.48
CA GLU A 59 3.62 29.18 4.71
C GLU A 59 2.20 28.76 5.04
N GLY A 60 1.33 29.74 5.28
CA GLY A 60 -0.05 29.43 5.67
C GLY A 60 -0.11 28.98 7.14
N PRO A 61 -1.22 28.38 7.55
CA PRO A 61 -2.37 28.01 6.75
C PRO A 61 -3.29 29.18 6.39
N LEU A 62 -3.95 29.06 5.24
CA LEU A 62 -5.00 30.01 4.85
C LEU A 62 -6.23 29.88 5.77
N ILE A 63 -6.55 28.65 6.18
CA ILE A 63 -7.69 28.41 7.06
C ILE A 63 -7.29 27.41 8.14
N SER A 64 -7.81 27.58 9.36
CA SER A 64 -7.50 26.64 10.45
C SER A 64 -8.71 26.46 11.36
N PHE A 65 -9.06 25.20 11.64
CA PHE A 65 -10.18 24.88 12.54
C PHE A 65 -9.73 23.94 13.63
N SER A 66 -10.24 24.13 14.84
CA SER A 66 -10.06 23.15 15.91
C SER A 66 -11.22 23.25 16.90
N GLY A 67 -11.43 22.20 17.67
CA GLY A 67 -12.54 22.14 18.61
C GLY A 67 -13.12 20.74 18.71
N THR A 68 -14.15 20.63 19.53
CA THR A 68 -14.84 19.36 19.76
C THR A 68 -16.27 19.55 19.28
N ASN A 69 -16.83 18.54 18.63
CA ASN A 69 -18.23 18.57 18.17
C ASN A 69 -18.48 19.74 17.21
N ILE A 70 -17.50 20.00 16.35
CA ILE A 70 -17.60 21.06 15.39
C ILE A 70 -18.20 20.52 14.08
N ASN A 71 -19.15 21.22 13.51
CA ASN A 71 -19.61 20.92 12.14
C ASN A 71 -19.20 22.04 11.20
N ILE A 72 -18.49 21.69 10.14
CA ILE A 72 -17.99 22.68 9.19
C ILE A 72 -18.66 22.39 7.87
N ASN A 73 -19.51 23.29 7.41
CA ASN A 73 -20.35 23.00 6.26
C ASN A 73 -20.20 24.04 5.18
N GLY A 74 -20.63 23.69 3.97
CA GLY A 74 -20.68 24.62 2.87
C GLY A 74 -22.12 24.81 2.44
N ALA A 75 -22.53 26.06 2.30
CA ALA A 75 -23.87 26.37 1.82
C ALA A 75 -23.98 26.20 0.29
N SER A 76 -25.21 26.01 -0.18
CA SER A 76 -25.47 25.96 -1.62
C SER A 76 -24.85 27.18 -2.30
N GLY A 77 -24.10 26.97 -3.37
CA GLY A 77 -23.53 28.10 -4.12
C GLY A 77 -22.17 28.61 -3.62
N HIS A 78 -21.72 28.15 -2.46
CA HIS A 78 -20.47 28.69 -1.91
C HIS A 78 -19.27 28.12 -2.67
N SER A 79 -18.15 28.84 -2.62
CA SER A 79 -16.86 28.25 -2.98
C SER A 79 -15.79 28.84 -2.09
N ILE A 80 -14.68 28.13 -1.98
CA ILE A 80 -13.47 28.67 -1.37
C ILE A 80 -12.41 28.65 -2.46
N ASP A 81 -12.17 29.82 -3.05
CA ASP A 81 -11.31 29.91 -4.22
C ASP A 81 -10.00 30.60 -3.84
N CYS A 82 -8.93 29.83 -3.73
CA CYS A 82 -7.64 30.33 -3.28
C CYS A 82 -6.86 31.03 -4.40
N GLN A 83 -7.38 30.98 -5.64
CA GLN A 83 -6.71 31.56 -6.81
C GLN A 83 -5.23 31.25 -6.80
N GLY A 84 -4.95 29.95 -6.64
CA GLY A 84 -3.61 29.40 -6.53
C GLY A 84 -2.65 29.70 -7.67
N SER A 85 -3.18 30.02 -8.86
CA SER A 85 -2.32 30.35 -10.00
C SER A 85 -1.39 31.53 -9.70
N ARG A 86 -1.73 32.34 -8.70
CA ARG A 86 -0.88 33.46 -8.28
C ARG A 86 0.49 33.00 -7.73
N TRP A 87 0.49 31.84 -7.09
CA TRP A 87 1.72 31.18 -6.58
C TRP A 87 2.30 30.14 -7.53
N TRP A 88 1.44 29.41 -8.25
CA TRP A 88 1.90 28.23 -9.02
C TRP A 88 3.06 28.57 -9.95
N ASP A 89 4.09 27.74 -9.91
CA ASP A 89 5.33 28.01 -10.64
C ASP A 89 6.03 26.70 -11.02
N SER A 90 5.24 25.61 -11.06
CA SER A 90 5.71 24.28 -11.43
C SER A 90 6.61 23.65 -10.36
N LYS A 91 6.80 24.32 -9.22
CA LYS A 91 7.75 23.85 -8.17
C LYS A 91 7.10 23.48 -6.83
N GLY A 92 5.86 23.93 -6.63
CA GLY A 92 5.05 23.57 -5.47
C GLY A 92 5.73 23.88 -4.15
N SER A 93 5.77 22.89 -3.27
CA SER A 93 6.37 23.08 -1.96
C SER A 93 7.85 22.67 -1.91
N ASN A 94 8.40 22.36 -3.08
CA ASN A 94 9.78 21.93 -3.20
C ASN A 94 10.73 22.94 -3.81
N GLY A 95 10.25 24.17 -3.98
CA GLY A 95 11.10 25.23 -4.50
C GLY A 95 10.27 26.38 -5.02
N GLY A 96 10.93 27.32 -5.69
CA GLY A 96 10.27 28.54 -6.19
C GLY A 96 9.72 29.36 -5.03
N LYS A 97 8.56 29.99 -5.24
CA LYS A 97 7.89 30.79 -4.22
C LYS A 97 7.52 29.97 -2.99
N THR A 98 7.57 30.61 -1.82
CA THR A 98 6.96 30.05 -0.62
C THR A 98 5.44 30.12 -0.81
N LYS A 99 4.75 28.98 -0.62
CA LYS A 99 3.34 28.88 -0.96
C LYS A 99 2.59 28.37 0.28
N PRO A 100 1.45 29.00 0.61
CA PRO A 100 0.72 28.63 1.84
C PRO A 100 -0.10 27.34 1.79
N LYS A 101 -0.02 26.54 2.86
CA LYS A 101 -0.89 25.38 3.01
C LYS A 101 -2.30 25.92 3.12
N PHE A 102 -3.30 25.15 2.72
CA PHE A 102 -4.66 25.69 2.65
C PHE A 102 -5.42 25.53 3.98
N PHE A 103 -5.76 24.30 4.35
CA PHE A 103 -6.73 24.06 5.45
C PHE A 103 -6.15 23.13 6.52
N TYR A 104 -5.93 23.68 7.72
CA TYR A 104 -5.46 22.87 8.84
C TYR A 104 -6.69 22.36 9.61
N ALA A 105 -7.01 21.09 9.37
CA ALA A 105 -8.06 20.40 10.14
C ALA A 105 -7.31 19.71 11.26
N HIS A 106 -6.89 20.49 12.25
CA HIS A 106 -6.00 20.02 13.31
C HIS A 106 -6.71 20.06 14.66
N SER A 107 -6.50 19.04 15.49
CA SER A 107 -7.11 18.98 16.83
C SER A 107 -8.64 19.16 16.78
N LEU A 108 -9.25 18.47 15.82
CA LEU A 108 -10.69 18.38 15.74
C LEU A 108 -11.11 17.03 16.31
N LYS A 109 -12.02 17.08 17.28
CA LYS A 109 -12.54 15.88 17.92
C LYS A 109 -14.04 15.73 17.72
N SER A 110 -14.48 14.52 17.36
CA SER A 110 -15.89 14.22 17.15
C SER A 110 -16.55 15.33 16.30
N SER A 111 -15.93 15.60 15.15
CA SER A 111 -16.28 16.72 14.29
C SER A 111 -16.55 16.26 12.86
N ASN A 112 -17.15 17.14 12.07
CA ASN A 112 -17.48 16.85 10.68
CA ASN A 112 -17.52 16.84 10.69
C ASN A 112 -17.27 18.03 9.75
N ILE A 113 -16.76 17.72 8.56
CA ILE A 113 -16.62 18.68 7.49
C ILE A 113 -17.52 18.12 6.39
N LYS A 114 -18.40 18.95 5.84
CA LYS A 114 -19.32 18.47 4.81
C LYS A 114 -19.48 19.49 3.70
N GLY A 115 -19.25 19.03 2.48
CA GLY A 115 -19.67 19.77 1.29
C GLY A 115 -18.85 20.99 0.94
N LEU A 116 -17.65 21.12 1.49
CA LEU A 116 -16.79 22.25 1.12
C LEU A 116 -16.37 22.15 -0.34
N ASN A 117 -16.42 23.29 -1.02
CA ASN A 117 -16.17 23.38 -2.43
C ASN A 117 -14.93 24.24 -2.63
N VAL A 118 -13.79 23.58 -2.81
CA VAL A 118 -12.49 24.24 -2.75
C VAL A 118 -11.89 24.29 -4.15
N LEU A 119 -11.39 25.46 -4.55
CA LEU A 119 -10.76 25.61 -5.88
C LEU A 119 -9.37 26.21 -5.76
N ASN A 120 -8.45 25.67 -6.56
CA ASN A 120 -7.18 26.33 -6.82
C ASN A 120 -6.32 26.56 -5.59
N THR A 121 -6.09 25.52 -4.80
CA THR A 121 -5.20 25.65 -3.64
C THR A 121 -3.77 25.91 -4.12
N PRO A 122 -3.04 26.83 -3.45
CA PRO A 122 -1.64 27.13 -3.83
C PRO A 122 -0.76 25.88 -3.84
N VAL A 123 -0.92 25.03 -2.80
CA VAL A 123 -0.18 23.76 -2.66
C VAL A 123 -1.12 22.73 -1.99
N GLN A 124 -0.71 22.06 -0.91
CA GLN A 124 -1.60 21.04 -0.33
C GLN A 124 -2.90 21.63 0.19
N ALA A 125 -3.99 20.87 0.06
CA ALA A 125 -5.31 21.30 0.47
C ALA A 125 -5.57 21.03 1.97
N PHE A 126 -6.09 19.84 2.30
CA PHE A 126 -6.38 19.50 3.69
C PHE A 126 -5.27 18.78 4.38
N SER A 127 -4.84 19.34 5.49
CA SER A 127 -3.92 18.70 6.42
C SER A 127 -4.76 18.25 7.62
N ILE A 128 -4.82 16.93 7.82
CA ILE A 128 -5.60 16.38 8.92
C ILE A 128 -4.56 15.86 9.90
N ASN A 129 -4.53 16.47 11.08
CA ASN A 129 -3.51 16.11 12.05
C ASN A 129 -4.07 16.23 13.44
N SER A 130 -3.71 15.29 14.30
CA SER A 130 -4.23 15.24 15.68
C SER A 130 -5.77 15.31 15.75
N ALA A 131 -6.41 14.62 14.83
CA ALA A 131 -7.87 14.57 14.75
C ALA A 131 -8.31 13.28 15.43
N THR A 132 -9.43 13.36 16.13
CA THR A 132 -10.00 12.18 16.82
C THR A 132 -11.48 12.04 16.44
N THR A 133 -11.76 11.19 15.45
CA THR A 133 -13.12 11.00 14.91
C THR A 133 -13.57 12.23 14.13
N LEU A 134 -13.25 12.23 12.83
CA LEU A 134 -13.50 13.34 11.95
C LEU A 134 -14.08 12.84 10.65
N GLY A 135 -15.31 13.27 10.35
CA GLY A 135 -15.93 12.93 9.08
C GLY A 135 -15.64 14.01 8.07
N VAL A 136 -15.39 13.61 6.83
CA VAL A 136 -15.04 14.53 5.75
C VAL A 136 -15.87 14.09 4.55
N TYR A 137 -17.02 14.72 4.38
CA TYR A 137 -18.06 14.23 3.47
C TYR A 137 -18.26 15.16 2.28
N ASP A 138 -18.27 14.59 1.08
CA ASP A 138 -18.67 15.29 -0.15
C ASP A 138 -17.85 16.57 -0.36
N VAL A 139 -16.57 16.50 -0.01
CA VAL A 139 -15.67 17.62 -0.21
C VAL A 139 -15.19 17.60 -1.65
N ILE A 140 -15.20 18.77 -2.29
CA ILE A 140 -14.75 18.91 -3.66
C ILE A 140 -13.48 19.75 -3.67
N ILE A 141 -12.42 19.21 -4.27
CA ILE A 141 -11.17 19.95 -4.42
C ILE A 141 -10.85 20.01 -5.89
N ASP A 142 -11.08 21.16 -6.50
CA ASP A 142 -10.85 21.34 -7.92
C ASP A 142 -9.59 22.17 -8.19
N ASN A 143 -8.48 21.46 -8.40
CA ASN A 143 -7.20 22.05 -8.79
C ASN A 143 -6.87 21.78 -10.24
N SER A 144 -7.89 21.46 -11.04
CA SER A 144 -7.67 21.14 -12.46
C SER A 144 -7.00 22.28 -13.25
N ALA A 145 -7.32 23.54 -12.93
CA ALA A 145 -6.63 24.69 -13.54
C ALA A 145 -5.10 24.57 -13.42
N GLY A 146 -4.66 23.94 -12.34
CA GLY A 146 -3.23 23.74 -12.07
C GLY A 146 -2.50 22.90 -13.10
N ASP A 147 -3.22 22.05 -13.84
CA ASP A 147 -2.60 21.22 -14.88
C ASP A 147 -1.93 22.08 -15.96
N SER A 148 -2.52 23.23 -16.25
CA SER A 148 -2.01 24.12 -17.29
C SER A 148 -1.54 25.48 -16.75
N ALA A 149 -1.36 25.57 -15.43
CA ALA A 149 -0.90 26.81 -14.83
C ALA A 149 0.16 26.58 -13.73
N GLY A 150 0.85 25.45 -13.78
CA GLY A 150 1.98 25.22 -12.90
C GLY A 150 1.71 24.63 -11.52
N GLY A 151 0.54 24.02 -11.35
CA GLY A 151 0.18 23.36 -10.09
C GLY A 151 1.07 22.18 -9.78
N HIS A 152 1.45 22.05 -8.51
CA HIS A 152 2.43 21.05 -8.07
C HIS A 152 2.32 20.90 -6.55
N ASN A 153 2.41 19.66 -6.05
CA ASN A 153 2.25 19.33 -4.61
C ASN A 153 0.89 19.81 -4.09
N THR A 154 -0.14 19.65 -4.93
CA THR A 154 -1.49 20.04 -4.58
C THR A 154 -2.30 18.87 -3.98
N ASP A 155 -1.72 18.18 -2.99
CA ASP A 155 -2.36 16.98 -2.37
C ASP A 155 -3.70 17.36 -1.79
N ALA A 156 -4.67 16.45 -1.89
CA ALA A 156 -6.02 16.76 -1.41
C ALA A 156 -6.14 16.55 0.08
N PHE A 157 -5.79 15.34 0.56
CA PHE A 157 -5.96 14.96 1.96
C PHE A 157 -4.68 14.32 2.47
N ASP A 158 -4.02 15.03 3.38
CA ASP A 158 -2.83 14.49 4.03
CA ASP A 158 -2.81 14.53 4.03
C ASP A 158 -3.19 14.22 5.47
N VAL A 159 -2.97 12.97 5.88
CA VAL A 159 -3.40 12.49 7.20
C VAL A 159 -2.21 12.04 8.06
N GLY A 160 -2.10 12.58 9.26
CA GLY A 160 -1.12 12.14 10.26
C GLY A 160 -1.64 12.21 11.69
N SER A 161 -1.13 11.33 12.55
CA SER A 161 -1.37 11.38 13.99
C SER A 161 -2.84 11.61 14.27
N SER A 162 -3.69 10.83 13.59
CA SER A 162 -5.13 10.97 13.71
C SER A 162 -5.78 9.61 13.85
N THR A 163 -6.98 9.61 14.42
CA THR A 163 -7.77 8.39 14.52
C THR A 163 -9.20 8.65 14.05
N GLY A 164 -9.82 7.62 13.46
CA GLY A 164 -11.23 7.70 13.13
C GLY A 164 -11.59 8.73 12.07
N VAL A 165 -10.67 8.92 11.13
CA VAL A 165 -10.90 9.83 10.00
C VAL A 165 -11.69 9.08 8.94
N TYR A 166 -12.78 9.69 8.48
CA TYR A 166 -13.69 9.04 7.56
C TYR A 166 -13.96 10.00 6.42
N ILE A 167 -13.26 9.78 5.31
CA ILE A 167 -13.42 10.59 4.12
C ILE A 167 -14.33 9.88 3.13
N SER A 168 -15.42 10.53 2.76
CA SER A 168 -16.45 9.89 1.97
C SER A 168 -16.92 10.81 0.85
N GLY A 169 -17.01 10.28 -0.37
CA GLY A 169 -17.57 11.03 -1.50
C GLY A 169 -16.74 12.23 -1.95
N ALA A 170 -15.44 12.20 -1.69
CA ALA A 170 -14.57 13.29 -2.13
C ALA A 170 -14.49 13.29 -3.66
N ASN A 171 -14.40 14.49 -4.24
CA ASN A 171 -14.13 14.63 -5.68
C ASN A 171 -12.91 15.52 -5.87
N VAL A 172 -11.82 14.93 -6.35
CA VAL A 172 -10.52 15.59 -6.37
C VAL A 172 -9.97 15.68 -7.80
N LYS A 173 -9.56 16.87 -8.19
CA LYS A 173 -8.79 17.06 -9.42
C LYS A 173 -7.54 17.81 -9.03
N ASN A 174 -6.36 17.19 -9.16
CA ASN A 174 -5.15 17.83 -8.66
C ASN A 174 -3.87 17.32 -9.34
N GLN A 175 -2.71 17.58 -8.71
CA GLN A 175 -1.41 17.21 -9.30
C GLN A 175 -0.54 16.40 -8.35
N ASP A 176 -1.14 15.83 -7.30
CA ASP A 176 -0.34 15.06 -6.35
C ASP A 176 -1.31 14.08 -5.67
N ASP A 177 -0.93 13.53 -4.51
CA ASP A 177 -1.78 12.52 -3.87
C ASP A 177 -3.20 12.95 -3.70
N CYS A 178 -4.12 12.07 -4.08
CA CYS A 178 -5.52 12.23 -3.73
C CYS A 178 -5.64 12.01 -2.22
N LEU A 179 -4.91 11.02 -1.70
CA LEU A 179 -4.83 10.76 -0.28
C LEU A 179 -3.40 10.35 0.07
N ALA A 180 -2.88 10.88 1.16
CA ALA A 180 -1.63 10.41 1.75
C ALA A 180 -1.80 10.21 3.26
N ILE A 181 -1.80 8.97 3.67
CA ILE A 181 -1.83 8.66 5.09
C ILE A 181 -0.39 8.38 5.55
N ASN A 182 0.17 9.31 6.31
CA ASN A 182 1.53 9.17 6.84
C ASN A 182 1.55 8.40 8.14
N SER A 183 0.45 8.49 8.88
CA SER A 183 0.20 7.79 10.13
C SER A 183 -1.28 7.91 10.46
N GLY A 184 -1.77 6.96 11.24
CA GLY A 184 -3.11 7.08 11.80
C GLY A 184 -3.74 5.72 11.99
N THR A 185 -4.81 5.68 12.75
CA THR A 185 -5.53 4.45 13.05
CA THR A 185 -5.53 4.43 12.97
C THR A 185 -7.01 4.63 12.73
N ASN A 186 -7.59 3.63 12.06
CA ASN A 186 -8.99 3.66 11.71
C ASN A 186 -9.26 4.87 10.81
N ILE A 187 -8.65 4.79 9.61
CA ILE A 187 -8.75 5.83 8.59
C ILE A 187 -9.52 5.22 7.43
N THR A 188 -10.54 5.92 6.94
CA THR A 188 -11.29 5.49 5.76
C THR A 188 -11.30 6.54 4.66
N PHE A 189 -11.11 6.10 3.42
CA PHE A 189 -11.41 6.88 2.23
C PHE A 189 -12.33 6.03 1.37
N THR A 190 -13.51 6.54 1.05
CA THR A 190 -14.52 5.73 0.34
C THR A 190 -15.43 6.56 -0.56
N GLY A 191 -15.91 5.94 -1.63
CA GLY A 191 -16.82 6.61 -2.57
C GLY A 191 -16.22 7.83 -3.23
N GLY A 192 -14.90 7.85 -3.39
CA GLY A 192 -14.23 9.03 -3.94
C GLY A 192 -13.92 8.96 -5.44
N THR A 193 -13.65 10.13 -6.03
CA THR A 193 -13.18 10.20 -7.41
C THR A 193 -11.89 11.02 -7.37
N CYS A 194 -10.80 10.43 -7.85
CA CYS A 194 -9.49 11.05 -7.87
C CYS A 194 -9.01 11.16 -9.30
N SER A 195 -8.81 12.39 -9.76
CA SER A 195 -8.37 12.62 -11.13
C SER A 195 -7.09 13.46 -11.18
N GLY A 196 -6.17 13.11 -12.08
CA GLY A 196 -5.05 14.00 -12.39
C GLY A 196 -3.83 13.92 -11.47
N GLY A 197 -4.00 13.30 -10.30
CA GLY A 197 -2.95 13.28 -9.27
C GLY A 197 -2.05 12.04 -9.20
N HIS A 198 -1.73 11.64 -7.97
CA HIS A 198 -0.77 10.57 -7.72
C HIS A 198 -1.40 9.36 -7.03
N GLY A 199 -2.73 9.36 -6.90
CA GLY A 199 -3.47 8.17 -6.44
C GLY A 199 -3.80 8.16 -4.95
N LEU A 200 -4.09 6.97 -4.45
CA LEU A 200 -4.57 6.79 -3.08
C LEU A 200 -3.46 6.10 -2.30
N SER A 201 -2.72 6.92 -1.54
CA SER A 201 -1.42 6.53 -1.01
C SER A 201 -1.36 6.37 0.50
N ILE A 202 -0.64 5.34 0.90
CA ILE A 202 -0.17 5.23 2.27
C ILE A 202 1.29 5.57 2.24
N GLY A 203 1.68 6.54 3.08
CA GLY A 203 3.06 6.89 3.21
C GLY A 203 3.46 8.16 2.50
N SER A 204 4.76 8.45 2.45
CA SER A 204 5.79 7.54 2.98
C SER A 204 5.73 7.37 4.50
N VAL A 205 5.79 6.12 4.95
CA VAL A 205 5.71 5.80 6.37
C VAL A 205 7.11 5.60 6.92
N GLY A 206 7.41 6.34 7.99
CA GLY A 206 8.68 6.23 8.66
C GLY A 206 9.41 7.57 8.71
N GLY A 207 10.31 7.70 9.69
CA GLY A 207 11.13 8.90 9.82
C GLY A 207 10.45 10.14 10.38
N ARG A 208 9.18 10.01 10.79
CA ARG A 208 8.41 11.12 11.34
C ARG A 208 8.22 10.92 12.84
N SER A 209 7.50 11.83 13.48
CA SER A 209 7.15 11.67 14.89
C SER A 209 6.20 10.47 15.09
N ASP A 210 5.42 10.16 14.06
CA ASP A 210 4.44 9.08 14.12
C ASP A 210 4.55 8.24 12.86
N ASN A 211 4.79 6.95 13.04
CA ASN A 211 5.07 6.04 11.91
C ASN A 211 4.21 4.79 11.92
N THR A 212 3.02 4.93 12.49
CA THR A 212 2.10 3.80 12.62
C THR A 212 0.86 4.06 11.78
N VAL A 213 0.60 3.15 10.84
CA VAL A 213 -0.64 3.12 10.06
C VAL A 213 -1.30 1.78 10.41
N LYS A 214 -2.51 1.85 10.97
CA LYS A 214 -3.23 0.65 11.39
C LYS A 214 -4.72 0.81 11.10
N THR A 215 -5.33 -0.19 10.47
CA THR A 215 -6.78 -0.23 10.25
C THR A 215 -7.19 0.86 9.27
N VAL A 216 -6.98 0.59 7.99
CA VAL A 216 -7.27 1.53 6.92
C VAL A 216 -8.17 0.82 5.89
N THR A 217 -9.20 1.55 5.46
CA THR A 217 -10.09 1.08 4.42
C THR A 217 -10.15 2.16 3.36
N ILE A 218 -9.74 1.79 2.16
CA ILE A 218 -9.80 2.67 1.02
C ILE A 218 -10.59 1.92 -0.05
N SER A 219 -11.81 2.35 -0.28
CA SER A 219 -12.75 1.53 -1.03
C SER A 219 -13.66 2.31 -1.97
N ASN A 220 -14.22 1.56 -2.93
CA ASN A 220 -15.31 2.05 -3.76
C ASN A 220 -15.02 3.42 -4.33
N SER A 221 -13.84 3.54 -4.94
CA SER A 221 -13.34 4.80 -5.48
C SER A 221 -12.78 4.58 -6.89
N LYS A 222 -12.78 5.67 -7.66
CA LYS A 222 -12.24 5.69 -9.02
C LYS A 222 -10.98 6.52 -9.05
N ILE A 223 -9.95 6.05 -9.74
CA ILE A 223 -8.72 6.81 -9.94
C ILE A 223 -8.47 6.94 -11.44
N VAL A 224 -8.43 8.19 -11.92
CA VAL A 224 -8.41 8.47 -13.37
C VAL A 224 -7.28 9.43 -13.70
N ASN A 225 -6.56 9.17 -14.80
CA ASN A 225 -5.51 10.07 -15.29
C ASN A 225 -4.53 10.46 -14.20
N SER A 226 -4.06 9.46 -13.45
CA SER A 226 -3.18 9.66 -12.31
C SER A 226 -1.89 8.87 -12.47
N ASP A 227 -0.86 9.27 -11.74
CA ASP A 227 0.44 8.61 -11.83
C ASP A 227 0.38 7.18 -11.28
N ASN A 228 -0.32 7.02 -10.16
CA ASN A 228 -0.43 5.74 -9.48
C ASN A 228 -1.89 5.47 -9.13
N GLY A 229 -2.22 4.19 -8.94
CA GLY A 229 -3.53 3.79 -8.41
C GLY A 229 -3.42 3.55 -6.91
N VAL A 230 -3.15 2.30 -6.56
CA VAL A 230 -2.89 1.88 -5.19
C VAL A 230 -1.40 2.07 -4.89
N ARG A 231 -1.07 2.81 -3.82
CA ARG A 231 0.33 3.07 -3.48
C ARG A 231 0.61 2.99 -2.00
N ILE A 232 1.64 2.22 -1.65
CA ILE A 232 2.13 2.17 -0.28
C ILE A 232 3.63 2.36 -0.32
N LYS A 233 4.15 3.31 0.47
CA LYS A 233 5.57 3.60 0.48
C LYS A 233 6.06 3.63 1.90
N THR A 234 7.21 3.04 2.13
CA THR A 234 7.81 3.18 3.45
C THR A 234 9.24 3.68 3.25
N VAL A 235 9.77 4.28 4.31
CA VAL A 235 11.05 5.00 4.28
C VAL A 235 12.22 4.05 4.57
N SER A 236 13.23 4.10 3.71
CA SER A 236 14.46 3.32 3.89
C SER A 236 15.12 3.61 5.25
N GLY A 237 15.43 2.54 5.99
CA GLY A 237 16.10 2.65 7.29
C GLY A 237 15.23 3.05 8.48
N ALA A 238 13.96 3.37 8.21
CA ALA A 238 13.02 3.83 9.24
C ALA A 238 12.39 2.68 10.04
N THR A 239 11.76 3.03 11.17
CA THR A 239 10.93 2.09 11.94
C THR A 239 9.48 2.58 11.94
N GLY A 240 8.56 1.62 11.87
CA GLY A 240 7.15 1.95 11.83
C GLY A 240 6.38 0.68 11.56
N SER A 241 5.14 0.85 11.11
CA SER A 241 4.25 -0.27 10.91
C SER A 241 3.12 0.16 9.99
N VAL A 242 2.82 -0.68 9.00
CA VAL A 242 1.61 -0.54 8.19
C VAL A 242 0.87 -1.88 8.31
N SER A 243 -0.27 -1.90 9.02
CA SER A 243 -1.01 -3.15 9.19
C SER A 243 -2.51 -2.97 9.07
N GLY A 244 -3.21 -4.03 8.62
CA GLY A 244 -4.67 -4.03 8.57
C GLY A 244 -5.18 -3.00 7.58
N VAL A 245 -4.57 -2.99 6.40
CA VAL A 245 -4.94 -2.08 5.33
C VAL A 245 -5.72 -2.85 4.26
N THR A 246 -6.88 -2.33 3.88
CA THR A 246 -7.68 -2.91 2.82
C THR A 246 -7.95 -1.88 1.72
N TYR A 247 -7.54 -2.20 0.48
CA TYR A 247 -8.05 -1.48 -0.70
C TYR A 247 -9.05 -2.39 -1.40
N SER A 248 -10.27 -1.91 -1.61
CA SER A 248 -11.28 -2.74 -2.26
C SER A 248 -12.18 -1.94 -3.18
N GLY A 249 -12.53 -2.51 -4.32
CA GLY A 249 -13.48 -1.88 -5.25
C GLY A 249 -12.88 -0.59 -5.78
N ILE A 250 -11.65 -0.71 -6.26
CA ILE A 250 -10.94 0.43 -6.82
C ILE A 250 -10.85 0.28 -8.33
N THR A 251 -11.40 1.25 -9.06
CA THR A 251 -11.30 1.27 -10.51
C THR A 251 -10.19 2.24 -10.95
N LEU A 252 -9.37 1.80 -11.89
CA LEU A 252 -8.27 2.61 -12.42
C LEU A 252 -8.45 2.87 -13.90
N SER A 253 -8.16 4.10 -14.34
CA SER A 253 -8.24 4.44 -15.76
C SER A 253 -7.05 5.29 -16.17
N ASN A 254 -6.30 4.82 -17.16
CA ASN A 254 -5.16 5.57 -17.70
C ASN A 254 -4.19 5.99 -16.60
N ILE A 255 -3.74 5.02 -15.81
CA ILE A 255 -2.69 5.26 -14.82
C ILE A 255 -1.33 5.33 -15.53
N ALA A 256 -0.58 6.39 -15.28
CA ALA A 256 0.67 6.66 -16.02
C ALA A 256 1.90 5.85 -15.60
N LYS A 257 2.08 5.66 -14.29
CA LYS A 257 3.33 5.14 -13.74
C LYS A 257 3.16 3.71 -13.17
N TYR A 258 2.34 3.58 -12.13
CA TYR A 258 2.08 2.25 -11.53
C TYR A 258 0.61 2.06 -11.21
N GLY A 259 0.01 0.96 -11.65
CA GLY A 259 -1.36 0.61 -11.23
C GLY A 259 -1.38 0.35 -9.72
N ILE A 260 -0.47 -0.52 -9.28
CA ILE A 260 -0.26 -0.81 -7.87
C ILE A 260 1.22 -0.76 -7.60
N VAL A 261 1.60 0.00 -6.59
CA VAL A 261 2.99 0.11 -6.22
C VAL A 261 3.12 0.09 -4.71
N ILE A 262 3.89 -0.89 -4.25
CA ILE A 262 4.19 -1.08 -2.83
C ILE A 262 5.69 -1.23 -2.73
N GLU A 263 6.33 -0.28 -2.09
CA GLU A 263 7.79 -0.35 -1.98
C GLU A 263 8.33 0.21 -0.69
N GLN A 264 9.35 -0.46 -0.19
CA GLN A 264 9.93 -0.17 1.12
C GLN A 264 11.31 0.51 1.02
N ASP A 265 11.48 1.38 0.03
CA ASP A 265 12.83 1.90 -0.30
C ASP A 265 12.92 3.42 -0.49
N TYR A 266 12.07 4.18 0.19
CA TYR A 266 12.08 5.64 0.06
C TYR A 266 13.13 6.33 0.95
N GLU A 267 13.96 7.15 0.32
CA GLU A 267 14.99 7.89 1.02
C GLU A 267 14.98 9.29 0.46
N ASN A 268 14.72 10.26 1.34
CA ASN A 268 14.68 11.68 0.99
C ASN A 268 13.67 11.98 -0.12
N GLY A 269 12.59 11.22 -0.14
CA GLY A 269 11.50 11.40 -1.12
C GLY A 269 11.64 10.62 -2.42
N SER A 270 12.71 9.83 -2.55
CA SER A 270 12.96 9.07 -3.78
C SER A 270 13.27 7.60 -3.47
N PRO A 271 12.81 6.68 -4.35
CA PRO A 271 13.19 5.26 -4.22
C PRO A 271 14.69 5.02 -4.44
N THR A 272 15.27 4.09 -3.65
CA THR A 272 16.68 3.70 -3.80
C THR A 272 16.88 2.41 -4.58
N GLY A 273 15.81 1.63 -4.69
CA GLY A 273 15.86 0.34 -5.39
C GLY A 273 16.17 -0.78 -4.44
N THR A 274 16.50 -0.42 -3.20
CA THR A 274 16.84 -1.37 -2.16
C THR A 274 15.89 -1.19 -0.97
N PRO A 275 14.98 -2.16 -0.76
CA PRO A 275 14.03 -2.09 0.35
C PRO A 275 14.67 -2.35 1.71
N THR A 276 14.08 -1.81 2.77
CA THR A 276 14.53 -2.07 4.15
C THR A 276 13.36 -2.63 4.96
N ASN A 277 13.66 -3.26 6.10
CA ASN A 277 12.70 -4.10 6.80
C ASN A 277 12.00 -3.49 8.05
N GLY A 278 12.33 -2.25 8.37
CA GLY A 278 11.88 -1.65 9.62
C GLY A 278 10.44 -1.15 9.67
N VAL A 279 9.77 -1.13 8.51
CA VAL A 279 8.36 -0.75 8.46
C VAL A 279 7.59 -1.89 7.76
N PRO A 280 7.30 -2.99 8.50
CA PRO A 280 6.60 -4.12 7.89
C PRO A 280 5.22 -3.75 7.40
N ILE A 281 4.83 -4.33 6.29
CA ILE A 281 3.48 -4.17 5.73
C ILE A 281 2.78 -5.51 5.88
N THR A 282 1.83 -5.57 6.81
CA THR A 282 1.17 -6.84 7.15
C THR A 282 -0.34 -6.68 7.17
N GLY A 283 -1.07 -7.76 6.94
CA GLY A 283 -2.53 -7.71 6.92
C GLY A 283 -3.02 -6.79 5.82
N LEU A 284 -2.40 -6.90 4.64
CA LEU A 284 -2.79 -6.10 3.47
C LEU A 284 -3.78 -6.87 2.62
N THR A 285 -4.95 -6.27 2.39
CA THR A 285 -5.95 -6.86 1.50
C THR A 285 -6.18 -5.98 0.30
N LEU A 286 -6.02 -6.56 -0.89
CA LEU A 286 -6.52 -5.94 -2.12
C LEU A 286 -7.62 -6.80 -2.71
N SER A 287 -8.78 -6.19 -2.93
CA SER A 287 -9.91 -6.92 -3.47
C SER A 287 -10.59 -6.09 -4.55
N LYS A 288 -10.77 -6.70 -5.71
CA LYS A 288 -11.46 -6.04 -6.83
C LYS A 288 -10.80 -4.70 -7.19
N ILE A 289 -9.54 -4.79 -7.62
CA ILE A 289 -8.77 -3.64 -8.07
C ILE A 289 -8.60 -3.84 -9.57
N THR A 290 -9.25 -2.99 -10.36
CA THR A 290 -9.33 -3.23 -11.80
C THR A 290 -9.07 -1.96 -12.60
N GLY A 291 -8.45 -2.12 -13.77
CA GLY A 291 -8.34 -1.02 -14.72
C GLY A 291 -7.07 -0.98 -15.53
N SER A 292 -6.83 0.19 -16.11
CA SER A 292 -5.84 0.34 -17.15
C SER A 292 -4.65 1.20 -16.77
N VAL A 293 -3.49 0.75 -17.20
CA VAL A 293 -2.24 1.48 -17.04
C VAL A 293 -1.76 1.83 -18.45
N ALA A 294 -1.22 3.03 -18.61
CA ALA A 294 -0.59 3.44 -19.87
C ALA A 294 0.50 2.47 -20.29
N SER A 295 0.67 2.28 -21.61
CA SER A 295 1.68 1.36 -22.13
C SER A 295 3.10 1.67 -21.62
N SER A 296 3.36 2.94 -21.31
CA SER A 296 4.69 3.33 -20.84
C SER A 296 4.86 3.15 -19.33
N GLY A 297 3.76 2.81 -18.66
CA GLY A 297 3.77 2.54 -17.23
C GLY A 297 3.94 1.06 -16.89
N THR A 298 3.76 0.73 -15.62
CA THR A 298 3.98 -0.61 -15.09
C THR A 298 2.74 -1.03 -14.33
N ASN A 299 2.23 -2.24 -14.58
CA ASN A 299 1.01 -2.70 -13.91
C ASN A 299 1.12 -2.72 -12.39
N VAL A 300 2.11 -3.48 -11.90
CA VAL A 300 2.27 -3.77 -10.47
C VAL A 300 3.77 -3.78 -10.14
N TYR A 301 4.13 -3.13 -9.05
CA TYR A 301 5.52 -3.16 -8.58
C TYR A 301 5.46 -3.40 -7.09
N ILE A 302 5.99 -4.53 -6.64
CA ILE A 302 6.07 -4.82 -5.21
C ILE A 302 7.51 -4.99 -4.84
N LEU A 303 8.01 -4.09 -4.01
CA LEU A 303 9.39 -4.15 -3.60
C LEU A 303 9.46 -4.26 -2.09
N CYS A 304 9.33 -5.49 -1.61
CA CYS A 304 9.41 -5.79 -0.19
C CYS A 304 10.82 -6.25 0.18
N ALA A 305 11.28 -5.81 1.36
CA ALA A 305 12.50 -6.38 1.94
C ALA A 305 12.17 -7.79 2.44
N SER A 306 13.20 -8.62 2.61
CA SER A 306 13.05 -9.98 3.08
C SER A 306 12.32 -10.02 4.41
N GLY A 307 11.29 -10.86 4.48
CA GLY A 307 10.51 -11.03 5.71
C GLY A 307 9.60 -9.88 6.11
N ALA A 308 9.64 -8.77 5.36
CA ALA A 308 9.03 -7.50 5.79
C ALA A 308 7.59 -7.28 5.32
N CYS A 309 7.08 -8.19 4.50
CA CYS A 309 5.68 -8.18 4.07
C CYS A 309 5.10 -9.56 4.30
N SER A 310 3.98 -9.63 5.01
CA SER A 310 3.33 -10.92 5.28
C SER A 310 1.86 -10.75 5.56
N ASN A 311 1.14 -11.88 5.49
CA ASN A 311 -0.29 -11.92 5.66
C ASN A 311 -0.98 -10.96 4.69
N TRP A 312 -0.79 -11.21 3.41
CA TRP A 312 -1.48 -10.45 2.38
C TRP A 312 -2.56 -11.30 1.76
N LYS A 313 -3.62 -10.65 1.25
CA LYS A 313 -4.71 -11.34 0.57
C LYS A 313 -5.14 -10.51 -0.64
N TRP A 314 -4.81 -10.98 -1.83
CA TRP A 314 -5.18 -10.28 -3.06
C TRP A 314 -6.10 -11.15 -3.90
N SER A 315 -7.24 -10.61 -4.31
CA SER A 315 -8.15 -11.33 -5.21
C SER A 315 -8.90 -10.36 -6.09
N GLY A 316 -9.30 -10.82 -7.28
CA GLY A 316 -10.02 -9.97 -8.22
C GLY A 316 -9.19 -8.74 -8.62
N VAL A 317 -7.86 -8.91 -8.62
CA VAL A 317 -6.97 -7.83 -9.08
C VAL A 317 -6.74 -8.05 -10.57
N SER A 318 -7.14 -7.08 -11.38
CA SER A 318 -6.94 -7.15 -12.83
C SER A 318 -6.48 -5.79 -13.36
N VAL A 319 -5.17 -5.61 -13.36
CA VAL A 319 -4.58 -4.34 -13.75
C VAL A 319 -3.78 -4.63 -15.02
N THR A 320 -4.16 -3.98 -16.12
CA THR A 320 -3.60 -4.30 -17.45
C THR A 320 -3.24 -3.06 -18.26
N GLY A 321 -2.39 -3.27 -19.26
CA GLY A 321 -2.06 -2.23 -20.23
C GLY A 321 -0.62 -1.76 -20.17
N GLY A 322 0.00 -1.85 -19.00
CA GLY A 322 1.38 -1.42 -18.87
C GLY A 322 2.36 -2.59 -19.01
N LYS A 323 3.64 -2.30 -18.76
CA LYS A 323 4.69 -3.32 -18.68
C LYS A 323 4.54 -4.18 -17.43
N LYS A 324 5.08 -5.39 -17.47
CA LYS A 324 5.15 -6.21 -16.28
C LYS A 324 6.55 -6.05 -15.69
N SER A 325 6.62 -5.67 -14.42
CA SER A 325 7.90 -5.44 -13.74
C SER A 325 8.75 -6.73 -13.61
N THR A 326 10.02 -6.62 -13.95
CA THR A 326 11.02 -7.67 -13.69
C THR A 326 11.75 -7.43 -12.36
N LYS A 327 11.30 -6.43 -11.60
CA LYS A 327 12.06 -5.94 -10.45
C LYS A 327 11.42 -6.20 -9.09
N CYS A 328 10.30 -6.91 -9.06
CA CYS A 328 9.59 -7.16 -7.81
C CYS A 328 10.40 -8.07 -6.88
N SER A 329 10.22 -7.88 -5.57
CA SER A 329 10.98 -8.68 -4.60
C SER A 329 10.15 -9.13 -3.40
N ASN A 330 10.37 -10.38 -2.98
CA ASN A 330 9.82 -10.90 -1.73
C ASN A 330 8.30 -10.67 -1.58
N ILE A 331 7.56 -10.94 -2.65
CA ILE A 331 6.09 -10.88 -2.62
C ILE A 331 5.60 -11.98 -1.67
N PRO A 332 4.73 -11.65 -0.69
CA PRO A 332 4.18 -12.67 0.21
C PRO A 332 3.68 -13.93 -0.50
N SER A 333 4.28 -15.09 -0.18
CA SER A 333 3.95 -16.31 -0.90
C SER A 333 2.55 -16.78 -0.54
N GLY A 334 1.83 -17.30 -1.54
CA GLY A 334 0.45 -17.75 -1.39
C GLY A 334 -0.60 -16.65 -1.27
N SER A 335 -0.19 -15.38 -1.33
CA SER A 335 -1.08 -14.24 -1.09
C SER A 335 -2.05 -13.95 -2.25
N GLY A 336 -1.68 -14.42 -3.44
CA GLY A 336 -2.38 -14.09 -4.67
C GLY A 336 -1.81 -12.84 -5.33
N ALA A 337 -0.90 -12.15 -4.63
CA ALA A 337 -0.23 -10.98 -5.19
C ALA A 337 0.78 -11.43 -6.25
N ALA A 338 0.87 -10.67 -7.34
CA ALA A 338 1.75 -10.97 -8.47
C ALA A 338 2.05 -9.71 -9.25
N CYS A 339 3.27 -9.61 -9.78
CA CYS A 339 3.59 -8.51 -10.68
C CYS A 339 3.28 -8.89 -12.13
N ALA B 1 -11.77 -21.37 -24.73
CA ALA B 1 -12.28 -22.14 -23.56
C ALA B 1 -11.17 -22.38 -22.53
N SER B 2 -11.56 -22.42 -21.26
CA SER B 2 -10.64 -22.75 -20.17
C SER B 2 -10.66 -24.27 -19.88
N CYS B 3 -9.48 -24.90 -19.89
CA CYS B 3 -9.41 -26.35 -19.65
C CYS B 3 -8.38 -26.75 -18.59
N THR B 4 -8.77 -27.71 -17.74
CA THR B 4 -7.88 -28.25 -16.71
C THR B 4 -7.70 -29.74 -16.91
N PHE B 5 -6.44 -30.18 -16.98
CA PHE B 5 -6.11 -31.57 -17.20
C PHE B 5 -5.26 -32.15 -16.09
N THR B 6 -5.55 -33.41 -15.75
CA THR B 6 -4.83 -34.12 -14.71
C THR B 6 -4.17 -35.37 -15.28
N ASP B 7 -4.32 -35.60 -16.59
CA ASP B 7 -3.52 -36.62 -17.27
C ASP B 7 -3.01 -36.15 -18.63
N ALA B 8 -1.88 -36.71 -19.02
CA ALA B 8 -1.17 -36.28 -20.22
C ALA B 8 -1.99 -36.53 -21.50
N ALA B 9 -2.57 -37.73 -21.63
CA ALA B 9 -3.31 -38.11 -22.83
C ALA B 9 -4.46 -37.15 -23.11
N ALA B 10 -5.25 -36.86 -22.07
CA ALA B 10 -6.36 -35.92 -22.18
C ALA B 10 -5.89 -34.53 -22.60
N ALA B 11 -4.78 -34.05 -22.02
CA ALA B 11 -4.20 -32.73 -22.37
C ALA B 11 -3.75 -32.65 -23.83
N ILE B 12 -3.04 -33.67 -24.30
CA ILE B 12 -2.53 -33.73 -25.67
C ILE B 12 -3.70 -33.77 -26.67
N LYS B 13 -4.73 -34.54 -26.32
CA LYS B 13 -5.94 -34.65 -27.12
C LYS B 13 -6.70 -33.32 -27.16
N GLY B 14 -6.90 -32.71 -26.00
CA GLY B 14 -7.76 -31.52 -25.89
C GLY B 14 -7.14 -30.16 -26.14
N LYS B 15 -5.81 -30.11 -26.24
CA LYS B 15 -5.08 -28.82 -26.31
C LYS B 15 -5.57 -27.81 -27.36
N ALA B 16 -5.89 -28.25 -28.58
CA ALA B 16 -6.22 -27.28 -29.65
C ALA B 16 -7.59 -26.62 -29.50
N SER B 17 -8.36 -27.10 -28.51
CA SER B 17 -9.69 -26.57 -28.24
C SER B 17 -9.70 -25.64 -27.02
N CYS B 18 -8.51 -25.34 -26.49
CA CYS B 18 -8.37 -24.55 -25.26
C CYS B 18 -7.59 -23.26 -25.45
N THR B 19 -8.09 -22.16 -24.88
CA THR B 19 -7.38 -20.88 -24.86
C THR B 19 -6.55 -20.75 -23.61
N SER B 20 -7.00 -21.36 -22.52
CA SER B 20 -6.18 -21.47 -21.33
C SER B 20 -6.21 -22.90 -20.84
N ILE B 21 -5.00 -23.43 -20.63
CA ILE B 21 -4.80 -24.81 -20.25
C ILE B 21 -4.14 -24.82 -18.88
N ILE B 22 -4.72 -25.61 -17.98
CA ILE B 22 -4.06 -25.88 -16.71
C ILE B 22 -3.59 -27.34 -16.72
N LEU B 23 -2.30 -27.54 -16.43
CA LEU B 23 -1.70 -28.87 -16.36
C LEU B 23 -1.43 -29.18 -14.90
N ASN B 24 -2.33 -29.96 -14.32
CA ASN B 24 -2.37 -30.12 -12.87
C ASN B 24 -1.90 -31.49 -12.41
N GLY B 25 -0.69 -31.51 -11.86
CA GLY B 25 -0.13 -32.72 -11.24
C GLY B 25 0.00 -33.92 -12.15
N ILE B 26 0.25 -33.66 -13.44
CA ILE B 26 0.31 -34.75 -14.41
C ILE B 26 1.55 -35.65 -14.26
N VAL B 27 1.30 -36.96 -14.26
CA VAL B 27 2.34 -37.95 -14.36
C VAL B 27 2.43 -38.31 -15.84
N VAL B 28 3.52 -37.90 -16.49
CA VAL B 28 3.69 -38.15 -17.91
C VAL B 28 4.16 -39.59 -18.10
N PRO B 29 3.40 -40.41 -18.88
CA PRO B 29 3.75 -41.81 -19.06
C PRO B 29 5.20 -41.97 -19.50
N ALA B 30 5.85 -43.00 -18.97
CA ALA B 30 7.25 -43.29 -19.29
C ALA B 30 7.44 -43.37 -20.81
N GLY B 31 8.56 -42.81 -21.30
CA GLY B 31 8.88 -42.88 -22.71
C GLY B 31 8.05 -42.01 -23.65
N THR B 32 7.21 -41.12 -23.08
CA THR B 32 6.36 -40.22 -23.88
C THR B 32 6.60 -38.74 -23.53
N THR B 33 6.20 -37.87 -24.45
CA THR B 33 6.36 -36.43 -24.27
C THR B 33 5.03 -35.82 -23.79
N LEU B 34 5.10 -34.94 -22.79
CA LEU B 34 3.98 -34.05 -22.51
C LEU B 34 3.92 -33.08 -23.70
N ASP B 35 3.18 -33.49 -24.73
CA ASP B 35 3.25 -32.86 -26.04
C ASP B 35 2.28 -31.68 -26.15
N MET B 36 2.79 -30.47 -25.89
CA MET B 36 2.03 -29.24 -26.03
C MET B 36 2.49 -28.43 -27.27
N THR B 37 2.86 -29.15 -28.34
CA THR B 37 3.16 -28.50 -29.60
C THR B 37 1.86 -28.20 -30.33
N GLY B 38 1.91 -27.23 -31.23
CA GLY B 38 0.80 -26.92 -32.12
C GLY B 38 -0.38 -26.29 -31.39
N LEU B 39 -0.09 -25.52 -30.35
CA LEU B 39 -1.12 -24.77 -29.64
C LEU B 39 -1.74 -23.69 -30.53
N LYS B 40 -3.04 -23.45 -30.33
CA LYS B 40 -3.72 -22.32 -30.97
C LYS B 40 -3.05 -21.04 -30.50
N SER B 41 -2.87 -20.09 -31.42
CA SER B 41 -2.25 -18.81 -31.10
C SER B 41 -2.92 -18.12 -29.90
N GLY B 42 -2.10 -17.56 -29.01
CA GLY B 42 -2.61 -16.89 -27.82
C GLY B 42 -2.95 -17.77 -26.63
N THR B 43 -2.58 -19.05 -26.70
CA THR B 43 -2.89 -19.98 -25.61
C THR B 43 -2.00 -19.71 -24.39
N THR B 44 -2.62 -19.75 -23.23
CA THR B 44 -1.92 -19.72 -21.97
C THR B 44 -1.89 -21.11 -21.34
N VAL B 45 -0.70 -21.55 -20.94
CA VAL B 45 -0.51 -22.81 -20.26
C VAL B 45 0.13 -22.66 -18.89
N THR B 46 -0.49 -23.28 -17.89
CA THR B 46 -0.10 -23.12 -16.52
C THR B 46 0.17 -24.48 -15.88
N PHE B 47 1.38 -24.67 -15.35
CA PHE B 47 1.67 -25.83 -14.53
C PHE B 47 1.20 -25.67 -13.10
N GLN B 48 0.44 -26.66 -12.65
CA GLN B 48 -0.03 -26.67 -11.27
C GLN B 48 0.42 -27.96 -10.61
N GLY B 49 0.57 -27.91 -9.29
CA GLY B 49 0.97 -29.09 -8.52
C GLY B 49 2.34 -29.59 -8.96
N LYS B 50 2.58 -30.88 -8.80
CA LYS B 50 3.87 -31.45 -9.18
C LYS B 50 3.73 -32.30 -10.42
N THR B 51 4.47 -31.93 -11.46
CA THR B 51 4.54 -32.70 -12.69
C THR B 51 5.68 -33.69 -12.55
N THR B 52 5.41 -34.95 -12.87
CA THR B 52 6.43 -36.02 -12.83
C THR B 52 6.37 -36.86 -14.11
N PHE B 53 7.34 -37.77 -14.25
CA PHE B 53 7.55 -38.53 -15.49
C PHE B 53 7.90 -39.98 -15.19
N GLY B 54 7.31 -40.89 -15.95
CA GLY B 54 7.70 -42.29 -15.84
C GLY B 54 9.13 -42.47 -16.31
N TYR B 55 9.74 -43.58 -15.90
CA TYR B 55 11.11 -43.90 -16.27
C TYR B 55 11.22 -44.79 -17.52
N LYS B 56 11.96 -44.29 -18.50
CA LYS B 56 12.42 -45.09 -19.64
C LYS B 56 13.74 -44.48 -20.06
N GLU B 57 14.63 -45.32 -20.56
CA GLU B 57 15.89 -44.85 -21.14
C GLU B 57 15.63 -44.54 -22.62
N TRP B 58 15.45 -43.25 -22.89
CA TRP B 58 15.10 -42.77 -24.23
C TRP B 58 15.55 -41.31 -24.35
N GLU B 59 15.39 -40.73 -25.53
CA GLU B 59 16.01 -39.43 -25.83
C GLU B 59 15.16 -38.20 -25.49
N GLY B 60 13.90 -38.40 -25.16
CA GLY B 60 12.99 -37.31 -24.87
C GLY B 60 12.46 -36.70 -26.16
N PRO B 61 11.88 -35.49 -26.09
CA PRO B 61 11.80 -34.66 -24.89
C PRO B 61 10.69 -35.08 -23.93
N LEU B 62 10.90 -34.76 -22.66
CA LEU B 62 9.87 -34.95 -21.63
C LEU B 62 8.68 -33.99 -21.81
N ILE B 63 8.98 -32.77 -22.25
CA ILE B 63 7.95 -31.74 -22.46
C ILE B 63 8.29 -31.04 -23.77
N SER B 64 7.26 -30.69 -24.56
CA SER B 64 7.52 -29.92 -25.78
C SER B 64 6.41 -28.90 -26.00
N PHE B 65 6.79 -27.68 -26.38
CA PHE B 65 5.82 -26.61 -26.66
C PHE B 65 6.14 -25.95 -28.00
N SER B 66 5.09 -25.61 -28.75
CA SER B 66 5.25 -24.75 -29.93
C SER B 66 3.97 -24.00 -30.20
N GLY B 67 4.09 -22.88 -30.91
CA GLY B 67 2.96 -22.01 -31.21
C GLY B 67 3.39 -20.56 -31.18
N THR B 68 2.41 -19.68 -31.39
CA THR B 68 2.63 -18.24 -31.49
C THR B 68 1.85 -17.57 -30.36
N ASN B 69 2.41 -16.52 -29.76
CA ASN B 69 1.78 -15.82 -28.64
C ASN B 69 1.37 -16.74 -27.49
N ILE B 70 2.28 -17.65 -27.14
CA ILE B 70 2.04 -18.62 -26.08
C ILE B 70 2.65 -18.12 -24.78
N ASN B 71 1.90 -18.22 -23.69
CA ASN B 71 2.43 -17.91 -22.37
C ASN B 71 2.44 -19.16 -21.50
N ILE B 72 3.63 -19.55 -21.08
CA ILE B 72 3.81 -20.75 -20.28
C ILE B 72 4.27 -20.35 -18.89
N ASN B 73 3.46 -20.65 -17.88
CA ASN B 73 3.82 -20.24 -16.52
C ASN B 73 3.56 -21.30 -15.46
N GLY B 74 3.97 -21.01 -14.23
CA GLY B 74 3.80 -21.95 -13.14
C GLY B 74 2.99 -21.31 -12.04
N ALA B 75 2.05 -22.06 -11.50
CA ALA B 75 1.25 -21.60 -10.37
C ALA B 75 2.07 -21.63 -9.10
N SER B 76 1.60 -20.88 -8.09
CA SER B 76 2.17 -20.87 -6.76
C SER B 76 2.30 -22.30 -6.27
N GLY B 77 3.51 -22.69 -5.84
CA GLY B 77 3.70 -24.02 -5.25
C GLY B 77 3.92 -25.16 -6.25
N HIS B 78 3.84 -24.86 -7.54
CA HIS B 78 4.03 -25.91 -8.55
C HIS B 78 5.51 -26.32 -8.61
N SER B 79 5.77 -27.53 -9.09
CA SER B 79 7.12 -27.93 -9.46
C SER B 79 7.05 -28.92 -10.60
N ILE B 80 8.14 -29.04 -11.33
CA ILE B 80 8.28 -30.05 -12.35
C ILE B 80 9.52 -30.85 -11.95
N ASP B 81 9.27 -32.02 -11.38
CA ASP B 81 10.34 -32.80 -10.79
C ASP B 81 10.58 -34.02 -11.67
N CYS B 82 11.70 -34.01 -12.39
CA CYS B 82 12.03 -35.06 -13.33
C CYS B 82 12.63 -36.29 -12.65
N GLN B 83 12.90 -36.18 -11.34
CA GLN B 83 13.52 -37.28 -10.59
CA GLN B 83 13.57 -37.24 -10.57
C GLN B 83 14.69 -37.85 -11.41
N GLY B 84 15.58 -36.96 -11.87
CA GLY B 84 16.69 -37.32 -12.77
C GLY B 84 17.67 -38.35 -12.23
N SER B 85 17.75 -38.48 -10.91
CA SER B 85 18.67 -39.47 -10.30
C SER B 85 18.41 -40.89 -10.79
N ARG B 86 17.20 -41.15 -11.29
CA ARG B 86 16.88 -42.46 -11.86
C ARG B 86 17.78 -42.82 -13.05
N TRP B 87 18.18 -41.80 -13.81
CA TRP B 87 19.08 -41.92 -14.96
C TRP B 87 20.54 -41.57 -14.66
N TRP B 88 20.78 -40.60 -13.78
CA TRP B 88 22.15 -40.15 -13.50
C TRP B 88 23.11 -41.31 -13.23
N ASP B 89 24.22 -41.33 -13.98
CA ASP B 89 25.21 -42.40 -13.87
C ASP B 89 26.63 -41.87 -14.10
N SER B 90 26.82 -40.57 -13.87
CA SER B 90 28.10 -39.85 -14.08
C SER B 90 28.53 -39.67 -15.54
N LYS B 91 27.71 -40.13 -16.48
CA LYS B 91 28.11 -40.12 -17.91
C LYS B 91 27.25 -39.22 -18.79
N GLY B 92 26.11 -38.82 -18.25
CA GLY B 92 25.24 -37.85 -18.93
C GLY B 92 24.83 -38.23 -20.35
N SER B 93 25.00 -37.28 -21.27
CA SER B 93 24.64 -37.48 -22.68
CA SER B 93 24.61 -37.50 -22.67
C SER B 93 25.77 -38.09 -23.48
N ASN B 94 26.87 -38.41 -22.81
CA ASN B 94 28.08 -38.90 -23.49
C ASN B 94 28.38 -40.38 -23.23
N GLY B 95 27.48 -41.07 -22.55
CA GLY B 95 27.68 -42.48 -22.28
C GLY B 95 26.66 -43.01 -21.30
N GLY B 96 26.83 -44.27 -20.91
CA GLY B 96 25.91 -44.95 -19.99
C GLY B 96 24.51 -45.04 -20.57
N LYS B 97 23.51 -44.84 -19.72
CA LYS B 97 22.10 -44.91 -20.13
C LYS B 97 21.76 -43.81 -21.13
N THR B 98 20.84 -44.11 -22.03
CA THR B 98 20.20 -43.07 -22.83
C THR B 98 19.28 -42.26 -21.91
N LYS B 99 19.44 -40.94 -21.93
CA LYS B 99 18.74 -40.06 -20.99
C LYS B 99 17.95 -39.01 -21.74
N PRO B 100 16.67 -38.78 -21.33
CA PRO B 100 15.82 -37.85 -22.09
C PRO B 100 16.10 -36.38 -21.83
N LYS B 101 16.17 -35.61 -22.92
CA LYS B 101 16.19 -34.16 -22.84
C LYS B 101 14.90 -33.70 -22.19
N PHE B 102 14.95 -32.58 -21.46
CA PHE B 102 13.78 -32.16 -20.67
C PHE B 102 12.71 -31.37 -21.42
N PHE B 103 13.03 -30.15 -21.87
CA PHE B 103 12.02 -29.23 -22.33
C PHE B 103 12.42 -28.66 -23.68
N TYR B 104 11.63 -29.00 -24.70
CA TYR B 104 11.82 -28.41 -26.02
C TYR B 104 10.99 -27.14 -26.16
N ALA B 105 11.67 -26.00 -26.03
CA ALA B 105 11.08 -24.71 -26.35
C ALA B 105 11.45 -24.42 -27.81
N HIS B 106 10.79 -25.15 -28.70
CA HIS B 106 11.10 -25.10 -30.12
C HIS B 106 9.92 -24.52 -30.88
N SER B 107 10.22 -23.68 -31.86
CA SER B 107 9.18 -23.12 -32.73
C SER B 107 8.12 -22.37 -31.94
N LEU B 108 8.58 -21.63 -30.94
CA LEU B 108 7.77 -20.69 -30.20
C LEU B 108 8.07 -19.29 -30.76
N LYS B 109 6.99 -18.57 -31.11
CA LYS B 109 7.12 -17.25 -31.68
C LYS B 109 6.38 -16.25 -30.79
N SER B 110 7.05 -15.14 -30.45
CA SER B 110 6.43 -14.08 -29.61
C SER B 110 5.79 -14.65 -28.37
N SER B 111 6.51 -15.53 -27.69
CA SER B 111 6.01 -16.30 -26.56
C SER B 111 6.85 -16.03 -25.32
N ASN B 112 6.36 -16.48 -24.17
CA ASN B 112 7.06 -16.32 -22.90
C ASN B 112 6.94 -17.56 -22.05
N ILE B 113 8.01 -17.87 -21.32
CA ILE B 113 8.05 -18.93 -20.28
C ILE B 113 8.38 -18.20 -18.99
N LYS B 114 7.55 -18.36 -17.95
CA LYS B 114 7.73 -17.58 -16.74
C LYS B 114 7.59 -18.42 -15.47
N GLY B 115 8.59 -18.36 -14.61
CA GLY B 115 8.46 -18.88 -13.25
C GLY B 115 8.44 -20.39 -13.07
N LEU B 116 8.79 -21.14 -14.11
CA LEU B 116 8.84 -22.60 -13.99
C LEU B 116 9.90 -23.04 -12.97
N ASN B 117 9.49 -23.98 -12.12
CA ASN B 117 10.28 -24.49 -11.04
C ASN B 117 10.64 -25.95 -11.36
N VAL B 118 11.86 -26.14 -11.86
CA VAL B 118 12.30 -27.43 -12.43
C VAL B 118 13.34 -28.06 -11.52
N LEU B 119 13.19 -29.35 -11.27
CA LEU B 119 14.10 -30.07 -10.40
C LEU B 119 14.58 -31.34 -11.07
N ASN B 120 15.87 -31.61 -10.90
CA ASN B 120 16.49 -32.89 -11.23
C ASN B 120 16.25 -33.37 -12.68
N THR B 121 16.63 -32.56 -13.67
CA THR B 121 16.49 -33.00 -15.05
C THR B 121 17.49 -34.14 -15.30
N PRO B 122 17.07 -35.16 -16.10
CA PRO B 122 17.95 -36.29 -16.41
C PRO B 122 19.26 -35.83 -17.07
N VAL B 123 19.16 -34.94 -18.06
CA VAL B 123 20.35 -34.35 -18.70
C VAL B 123 20.07 -32.86 -18.96
N GLN B 124 20.15 -32.39 -20.21
CA GLN B 124 19.92 -30.96 -20.49
C GLN B 124 18.49 -30.55 -20.12
N ALA B 125 18.35 -29.33 -19.61
CA ALA B 125 17.04 -28.80 -19.20
C ALA B 125 16.29 -28.18 -20.40
N PHE B 126 16.53 -26.90 -20.68
CA PHE B 126 15.83 -26.22 -21.77
C PHE B 126 16.61 -26.18 -23.08
N SER B 127 16.00 -26.70 -24.14
CA SER B 127 16.51 -26.56 -25.48
C SER B 127 15.66 -25.50 -26.15
N ILE B 128 16.29 -24.40 -26.52
CA ILE B 128 15.61 -23.31 -27.23
C ILE B 128 16.10 -23.37 -28.67
N ASN B 129 15.20 -23.68 -29.58
CA ASN B 129 15.57 -23.85 -30.98
C ASN B 129 14.46 -23.40 -31.92
N SER B 130 14.82 -22.74 -33.03
CA SER B 130 13.85 -22.24 -34.02
C SER B 130 12.78 -21.35 -33.35
N ALA B 131 13.21 -20.57 -32.36
CA ALA B 131 12.35 -19.66 -31.62
C ALA B 131 12.55 -18.23 -32.11
N THR B 132 11.47 -17.48 -32.16
CA THR B 132 11.53 -16.07 -32.57
C THR B 132 10.82 -15.21 -31.54
N THR B 133 11.60 -14.39 -30.83
CA THR B 133 11.10 -13.53 -29.75
C THR B 133 10.52 -14.40 -28.64
N LEU B 134 11.41 -14.90 -27.79
CA LEU B 134 11.00 -15.75 -26.68
C LEU B 134 11.57 -15.17 -25.39
N GLY B 135 10.68 -14.83 -24.47
CA GLY B 135 11.08 -14.38 -23.13
C GLY B 135 11.09 -15.54 -22.17
N VAL B 136 12.12 -15.64 -21.33
CA VAL B 136 12.21 -16.72 -20.37
C VAL B 136 12.60 -16.13 -19.02
N TYR B 137 11.61 -15.98 -18.14
CA TYR B 137 11.74 -15.15 -16.93
C TYR B 137 11.67 -15.98 -15.66
N ASP B 138 12.62 -15.75 -14.76
CA ASP B 138 12.59 -16.24 -13.40
C ASP B 138 12.37 -17.74 -13.33
N VAL B 139 13.02 -18.43 -14.27
CA VAL B 139 13.03 -19.89 -14.24
C VAL B 139 14.02 -20.39 -13.19
N ILE B 140 13.59 -21.40 -12.43
CA ILE B 140 14.45 -22.05 -11.45
C ILE B 140 14.78 -23.45 -11.97
N ILE B 141 16.07 -23.73 -12.10
CA ILE B 141 16.51 -25.09 -12.41
C ILE B 141 17.41 -25.55 -11.28
N ASP B 142 16.89 -26.49 -10.48
CA ASP B 142 17.65 -27.00 -9.37
C ASP B 142 18.03 -28.45 -9.61
N ASN B 143 19.26 -28.65 -10.14
CA ASN B 143 19.88 -29.96 -10.29
C ASN B 143 21.03 -30.13 -9.31
N SER B 144 20.98 -29.38 -8.18
CA SER B 144 21.99 -29.48 -7.14
C SER B 144 22.17 -30.91 -6.61
N ALA B 145 21.08 -31.69 -6.55
CA ALA B 145 21.16 -33.10 -6.13
C ALA B 145 22.10 -33.92 -7.03
N GLY B 146 22.25 -33.46 -8.27
CA GLY B 146 23.17 -34.10 -9.24
C GLY B 146 24.63 -34.12 -8.82
N ASP B 147 25.03 -33.15 -7.97
CA ASP B 147 26.43 -33.09 -7.50
C ASP B 147 26.88 -34.37 -6.76
N SER B 148 25.95 -34.98 -6.02
CA SER B 148 26.27 -36.18 -5.25
C SER B 148 25.48 -37.42 -5.71
N ALA B 149 24.89 -37.34 -6.89
CA ALA B 149 24.13 -38.49 -7.41
C ALA B 149 24.37 -38.74 -8.91
N GLY B 150 25.50 -38.25 -9.42
CA GLY B 150 25.96 -38.56 -10.79
C GLY B 150 25.46 -37.69 -11.92
N GLY B 151 24.98 -36.49 -11.61
CA GLY B 151 24.49 -35.56 -12.63
C GLY B 151 25.62 -35.12 -13.55
N HIS B 152 25.33 -35.04 -14.85
CA HIS B 152 26.35 -34.75 -15.85
C HIS B 152 25.64 -34.24 -17.10
N ASN B 153 26.21 -33.22 -17.78
CA ASN B 153 25.56 -32.64 -18.97
C ASN B 153 24.14 -32.15 -18.68
N THR B 154 23.96 -31.56 -17.50
CA THR B 154 22.68 -31.01 -17.09
C THR B 154 22.59 -29.51 -17.40
N ASP B 155 22.98 -29.15 -18.62
CA ASP B 155 22.88 -27.76 -19.13
C ASP B 155 21.53 -27.13 -18.82
N ALA B 156 21.56 -25.87 -18.40
CA ALA B 156 20.31 -25.16 -18.08
C ALA B 156 19.60 -24.67 -19.34
N PHE B 157 20.32 -23.92 -20.19
CA PHE B 157 19.72 -23.34 -21.42
C PHE B 157 20.66 -23.51 -22.62
N ASP B 158 20.21 -24.29 -23.60
CA ASP B 158 20.96 -24.50 -24.84
C ASP B 158 20.18 -23.78 -25.94
N VAL B 159 20.83 -22.88 -26.66
CA VAL B 159 20.17 -22.03 -27.65
C VAL B 159 20.78 -22.26 -29.01
N GLY B 160 19.93 -22.48 -30.02
CA GLY B 160 20.39 -22.67 -31.38
C GLY B 160 19.35 -22.15 -32.33
N SER B 161 19.80 -21.61 -33.46
CA SER B 161 18.91 -21.19 -34.55
C SER B 161 17.68 -20.41 -34.10
N SER B 162 17.89 -19.39 -33.29
CA SER B 162 16.79 -18.62 -32.71
C SER B 162 17.14 -17.17 -32.76
N THR B 163 16.14 -16.32 -32.68
CA THR B 163 16.38 -14.87 -32.70
CA THR B 163 16.36 -14.87 -32.70
C THR B 163 15.50 -14.20 -31.65
N GLY B 164 16.05 -13.20 -30.96
CA GLY B 164 15.30 -12.43 -29.99
C GLY B 164 14.94 -13.19 -28.74
N VAL B 165 15.85 -14.04 -28.26
CA VAL B 165 15.66 -14.83 -27.04
C VAL B 165 16.13 -13.97 -25.87
N TYR B 166 15.29 -13.86 -24.84
CA TYR B 166 15.58 -12.99 -23.70
C TYR B 166 15.36 -13.79 -22.39
N ILE B 167 16.46 -14.21 -21.78
CA ILE B 167 16.43 -14.99 -20.55
C ILE B 167 16.79 -14.07 -19.40
N SER B 168 15.91 -14.00 -18.42
CA SER B 168 16.05 -13.00 -17.36
C SER B 168 15.76 -13.63 -16.00
N GLY B 169 16.65 -13.39 -15.04
CA GLY B 169 16.40 -13.83 -13.67
C GLY B 169 16.52 -15.33 -13.43
N ALA B 170 17.22 -16.05 -14.30
CA ALA B 170 17.32 -17.51 -14.16
C ALA B 170 18.11 -17.83 -12.88
N ASN B 171 17.72 -18.88 -12.17
CA ASN B 171 18.50 -19.37 -11.04
C ASN B 171 18.81 -20.83 -11.31
N VAL B 172 20.11 -21.13 -11.46
CA VAL B 172 20.54 -22.45 -11.96
C VAL B 172 21.56 -23.07 -11.02
N LYS B 173 21.34 -24.34 -10.68
CA LYS B 173 22.29 -25.13 -9.92
C LYS B 173 22.42 -26.43 -10.71
N ASN B 174 23.58 -26.69 -11.29
CA ASN B 174 23.69 -27.83 -12.22
C ASN B 174 25.13 -28.31 -12.35
N GLN B 175 25.43 -29.09 -13.39
CA GLN B 175 26.77 -29.68 -13.56
C GLN B 175 27.36 -29.41 -14.95
N ASP B 176 26.77 -28.48 -15.69
CA ASP B 176 27.28 -28.17 -17.03
C ASP B 176 26.93 -26.71 -17.33
N ASP B 177 26.94 -26.31 -18.60
CA ASP B 177 26.69 -24.91 -18.96
C ASP B 177 25.43 -24.33 -18.31
N CYS B 178 25.56 -23.14 -17.75
CA CYS B 178 24.39 -22.37 -17.34
C CYS B 178 23.69 -21.89 -18.61
N LEU B 179 24.50 -21.52 -19.60
CA LEU B 179 24.01 -21.10 -20.89
C LEU B 179 25.01 -21.60 -21.95
N ALA B 180 24.49 -22.09 -23.06
CA ALA B 180 25.33 -22.43 -24.20
C ALA B 180 24.61 -21.95 -25.44
N ILE B 181 25.15 -20.92 -26.08
CA ILE B 181 24.62 -20.45 -27.35
C ILE B 181 25.45 -21.04 -28.48
N ASN B 182 24.85 -22.00 -29.19
CA ASN B 182 25.51 -22.66 -30.32
C ASN B 182 25.33 -21.87 -31.62
N SER B 183 24.20 -21.17 -31.70
CA SER B 183 23.88 -20.27 -32.80
C SER B 183 22.71 -19.38 -32.40
N GLY B 184 22.57 -18.27 -33.09
CA GLY B 184 21.43 -17.40 -32.86
C GLY B 184 21.77 -15.94 -32.99
N THR B 185 20.74 -15.13 -33.10
CA THR B 185 20.88 -13.70 -33.28
C THR B 185 20.06 -13.00 -32.23
N ASN B 186 20.64 -11.93 -31.65
CA ASN B 186 19.94 -11.14 -30.64
C ASN B 186 19.48 -12.01 -29.44
N ILE B 187 20.46 -12.54 -28.72
CA ILE B 187 20.21 -13.42 -27.58
C ILE B 187 20.70 -12.69 -26.34
N THR B 188 19.87 -12.68 -25.29
CA THR B 188 20.19 -12.02 -24.04
C THR B 188 20.03 -13.00 -22.88
N PHE B 189 20.99 -12.99 -21.98
CA PHE B 189 20.86 -13.65 -20.70
C PHE B 189 21.28 -12.64 -19.66
N THR B 190 20.37 -12.30 -18.77
CA THR B 190 20.64 -11.23 -17.82
C THR B 190 20.06 -11.55 -16.45
N GLY B 191 20.67 -11.01 -15.40
CA GLY B 191 20.07 -11.09 -14.05
C GLY B 191 20.10 -12.50 -13.48
N GLY B 192 21.07 -13.30 -13.92
CA GLY B 192 21.09 -14.72 -13.62
C GLY B 192 22.05 -15.11 -12.51
N THR B 193 21.74 -16.24 -11.86
CA THR B 193 22.62 -16.85 -10.91
C THR B 193 22.93 -18.27 -11.41
N CYS B 194 24.22 -18.53 -11.62
CA CYS B 194 24.70 -19.79 -12.16
C CYS B 194 25.63 -20.43 -11.15
N SER B 195 25.25 -21.59 -10.64
CA SER B 195 26.03 -22.27 -9.60
C SER B 195 26.35 -23.70 -9.99
N GLY B 196 27.58 -24.13 -9.74
CA GLY B 196 27.96 -25.54 -9.82
C GLY B 196 28.30 -26.03 -11.22
N GLY B 197 27.99 -25.22 -12.24
CA GLY B 197 28.05 -25.66 -13.63
C GLY B 197 29.31 -25.27 -14.38
N HIS B 198 29.19 -25.00 -15.67
CA HIS B 198 30.38 -24.71 -16.51
C HIS B 198 30.44 -23.29 -17.04
N GLY B 199 29.53 -22.45 -16.55
CA GLY B 199 29.55 -21.02 -16.86
C GLY B 199 28.58 -20.54 -17.91
N LEU B 200 28.85 -19.32 -18.40
CA LEU B 200 28.01 -18.68 -19.40
C LEU B 200 28.73 -18.70 -20.75
N SER B 201 28.33 -19.62 -21.61
CA SER B 201 29.14 -19.99 -22.78
C SER B 201 28.54 -19.66 -24.13
N ILE B 202 29.39 -19.18 -25.02
CA ILE B 202 29.08 -19.14 -26.45
C ILE B 202 29.75 -20.39 -27.00
N GLY B 203 28.96 -21.24 -27.66
CA GLY B 203 29.51 -22.37 -28.36
C GLY B 203 29.29 -23.68 -27.61
N SER B 204 29.97 -24.74 -28.03
CA SER B 204 30.89 -24.71 -29.19
C SER B 204 30.21 -24.26 -30.50
N VAL B 205 30.85 -23.34 -31.22
CA VAL B 205 30.29 -22.84 -32.48
C VAL B 205 31.05 -23.49 -33.65
N GLY B 206 30.30 -24.06 -34.59
CA GLY B 206 30.91 -24.72 -35.74
C GLY B 206 30.46 -26.17 -35.88
N GLY B 207 30.44 -26.66 -37.12
CA GLY B 207 30.13 -28.07 -37.41
C GLY B 207 28.67 -28.46 -37.32
N ARG B 208 27.79 -27.47 -37.17
CA ARG B 208 26.36 -27.70 -37.10
C ARG B 208 25.73 -27.16 -38.38
N SER B 209 24.40 -27.23 -38.47
CA SER B 209 23.70 -26.64 -39.60
C SER B 209 23.69 -25.12 -39.46
N ASP B 210 23.85 -24.63 -38.23
CA ASP B 210 23.85 -23.19 -37.98
C ASP B 210 25.06 -22.85 -37.12
N ASN B 211 25.95 -22.03 -37.63
CA ASN B 211 27.18 -21.70 -36.91
C ASN B 211 27.38 -20.19 -36.80
N THR B 212 26.29 -19.45 -36.77
CA THR B 212 26.40 -18.01 -36.69
C THR B 212 25.79 -17.53 -35.37
N VAL B 213 26.61 -16.85 -34.58
CA VAL B 213 26.18 -16.20 -33.35
C VAL B 213 26.38 -14.70 -33.61
N LYS B 214 25.32 -13.91 -33.51
CA LYS B 214 25.42 -12.47 -33.75
C LYS B 214 24.53 -11.69 -32.80
N THR B 215 25.12 -10.71 -32.12
CA THR B 215 24.38 -9.79 -31.23
C THR B 215 23.89 -10.53 -30.01
N VAL B 216 24.75 -10.56 -29.01
CA VAL B 216 24.47 -11.28 -27.77
C VAL B 216 24.82 -10.35 -26.62
N THR B 217 23.94 -10.30 -25.62
CA THR B 217 24.28 -9.65 -24.36
C THR B 217 24.16 -10.67 -23.23
N ILE B 218 25.23 -10.85 -22.48
CA ILE B 218 25.19 -11.64 -21.25
C ILE B 218 25.62 -10.71 -20.14
N SER B 219 24.71 -10.38 -19.22
CA SER B 219 24.97 -9.27 -18.33
C SER B 219 24.40 -9.47 -16.94
N ASN B 220 24.96 -8.74 -15.98
CA ASN B 220 24.39 -8.58 -14.64
C ASN B 220 24.05 -9.91 -14.01
N SER B 221 25.03 -10.81 -14.00
CA SER B 221 24.88 -12.19 -13.57
C SER B 221 26.05 -12.63 -12.71
N LYS B 222 25.81 -13.64 -11.87
CA LYS B 222 26.78 -14.19 -10.95
C LYS B 222 27.06 -15.62 -11.37
N ILE B 223 28.34 -15.99 -11.38
CA ILE B 223 28.73 -17.38 -11.63
C ILE B 223 29.54 -17.82 -10.42
N VAL B 224 29.11 -18.91 -9.80
CA VAL B 224 29.63 -19.37 -8.50
CA VAL B 224 29.70 -19.36 -8.55
C VAL B 224 29.97 -20.86 -8.56
N ASN B 225 31.11 -21.24 -8.00
CA ASN B 225 31.48 -22.65 -7.87
C ASN B 225 31.26 -23.38 -9.19
N SER B 226 31.79 -22.81 -10.27
CA SER B 226 31.61 -23.34 -11.62
C SER B 226 32.98 -23.53 -12.24
N ASP B 227 33.07 -24.33 -13.30
CA ASP B 227 34.35 -24.62 -13.96
C ASP B 227 34.91 -23.40 -14.68
N ASN B 228 34.02 -22.65 -15.32
CA ASN B 228 34.43 -21.47 -16.10
C ASN B 228 33.51 -20.32 -15.76
N GLY B 229 33.96 -19.10 -16.02
CA GLY B 229 33.11 -17.92 -15.92
C GLY B 229 32.59 -17.57 -17.30
N VAL B 230 33.29 -16.66 -17.96
CA VAL B 230 33.00 -16.27 -19.35
C VAL B 230 33.71 -17.27 -20.29
N ARG B 231 32.97 -17.86 -21.24
CA ARG B 231 33.54 -18.85 -22.15
C ARG B 231 33.02 -18.72 -23.58
N ILE B 232 33.97 -18.68 -24.52
CA ILE B 232 33.65 -18.79 -25.94
C ILE B 232 34.52 -19.89 -26.53
N LYS B 233 33.86 -20.85 -27.19
CA LYS B 233 34.53 -21.99 -27.79
C LYS B 233 34.09 -22.12 -29.22
N THR B 234 35.06 -22.31 -30.12
CA THR B 234 34.70 -22.60 -31.49
C THR B 234 35.42 -23.86 -31.94
N VAL B 235 34.88 -24.45 -33.01
CA VAL B 235 35.26 -25.78 -33.42
C VAL B 235 36.40 -25.74 -34.42
N SER B 236 37.42 -26.52 -34.11
CA SER B 236 38.60 -26.67 -34.96
C SER B 236 38.23 -27.12 -36.38
N GLY B 237 38.68 -26.35 -37.38
CA GLY B 237 38.42 -26.65 -38.78
C GLY B 237 37.05 -26.25 -39.27
N ALA B 238 36.22 -25.69 -38.39
CA ALA B 238 34.85 -25.30 -38.73
C ALA B 238 34.74 -23.92 -39.39
N THR B 239 33.58 -23.67 -39.99
CA THR B 239 33.20 -22.38 -40.57
CA THR B 239 33.24 -22.34 -40.49
C THR B 239 32.03 -21.82 -39.74
N GLY B 240 32.03 -20.51 -39.52
CA GLY B 240 30.94 -19.85 -38.79
C GLY B 240 31.43 -18.47 -38.37
N SER B 241 30.71 -17.83 -37.47
CA SER B 241 31.19 -16.56 -36.90
C SER B 241 30.53 -16.26 -35.59
N VAL B 242 31.29 -15.60 -34.72
CA VAL B 242 30.79 -15.12 -33.44
C VAL B 242 31.06 -13.61 -33.45
N SER B 243 30.00 -12.80 -33.45
CA SER B 243 30.18 -11.34 -33.54
C SER B 243 29.18 -10.56 -32.69
N GLY B 244 29.61 -9.38 -32.25
CA GLY B 244 28.72 -8.49 -31.51
C GLY B 244 28.30 -9.13 -30.19
N VAL B 245 29.24 -9.77 -29.51
CA VAL B 245 28.99 -10.39 -28.19
C VAL B 245 29.48 -9.46 -27.08
N THR B 246 28.61 -9.18 -26.12
CA THR B 246 28.97 -8.37 -24.97
C THR B 246 28.69 -9.14 -23.68
N TYR B 247 29.73 -9.32 -22.88
CA TYR B 247 29.55 -9.75 -21.49
C TYR B 247 29.80 -8.54 -20.60
N SER B 248 28.85 -8.20 -19.73
CA SER B 248 29.02 -7.04 -18.84
C SER B 248 28.44 -7.27 -17.46
N GLY B 249 29.15 -6.81 -16.44
CA GLY B 249 28.67 -6.90 -15.06
C GLY B 249 28.51 -8.35 -14.66
N ILE B 250 29.55 -9.14 -14.92
CA ILE B 250 29.58 -10.54 -14.53
C ILE B 250 30.47 -10.66 -13.30
N THR B 251 29.94 -11.26 -12.24
CA THR B 251 30.77 -11.50 -11.07
C THR B 251 31.05 -12.99 -10.95
N LEU B 252 32.31 -13.31 -10.62
CA LEU B 252 32.79 -14.70 -10.57
C LEU B 252 33.23 -15.06 -9.17
N SER B 253 32.89 -16.26 -8.72
CA SER B 253 33.23 -16.69 -7.38
C SER B 253 33.70 -18.14 -7.38
N ASN B 254 34.96 -18.36 -7.00
CA ASN B 254 35.51 -19.72 -6.88
C ASN B 254 35.33 -20.51 -8.18
N ILE B 255 35.88 -19.94 -9.25
CA ILE B 255 35.88 -20.59 -10.56
C ILE B 255 37.04 -21.58 -10.60
N ALA B 256 36.75 -22.83 -10.99
CA ALA B 256 37.72 -23.94 -10.88
C ALA B 256 38.80 -23.99 -11.98
N LYS B 257 38.42 -23.78 -13.22
CA LYS B 257 39.32 -24.01 -14.36
C LYS B 257 39.75 -22.72 -15.07
N TYR B 258 38.77 -21.93 -15.53
CA TYR B 258 39.07 -20.67 -16.25
C TYR B 258 38.10 -19.55 -15.90
N GLY B 259 38.62 -18.45 -15.38
CA GLY B 259 37.78 -17.25 -15.14
C GLY B 259 37.16 -16.79 -16.44
N ILE B 260 38.02 -16.58 -17.44
CA ILE B 260 37.63 -16.24 -18.81
C ILE B 260 38.38 -17.18 -19.75
N VAL B 261 37.66 -17.83 -20.65
CA VAL B 261 38.34 -18.67 -21.67
C VAL B 261 37.70 -18.47 -23.04
N ILE B 262 38.55 -18.15 -24.02
CA ILE B 262 38.12 -17.95 -25.40
C ILE B 262 39.10 -18.77 -26.24
N GLU B 263 38.61 -19.81 -26.90
CA GLU B 263 39.51 -20.66 -27.67
C GLU B 263 38.87 -21.22 -28.91
N GLN B 264 39.67 -21.31 -29.98
CA GLN B 264 39.18 -21.69 -31.30
C GLN B 264 39.67 -23.07 -31.73
N ASP B 265 39.71 -24.01 -30.78
CA ASP B 265 40.48 -25.25 -30.97
C ASP B 265 39.77 -26.50 -30.46
N TYR B 266 38.44 -26.51 -30.50
CA TYR B 266 37.67 -27.66 -30.05
C TYR B 266 37.48 -28.69 -31.16
N GLU B 267 37.92 -29.92 -30.88
CA GLU B 267 37.73 -31.03 -31.81
C GLU B 267 37.09 -32.17 -31.05
N ASN B 268 35.94 -32.63 -31.53
CA ASN B 268 35.19 -33.72 -30.88
C ASN B 268 34.98 -33.44 -29.39
N GLY B 269 34.74 -32.18 -29.05
CA GLY B 269 34.39 -31.81 -27.69
C GLY B 269 35.55 -31.52 -26.77
N SER B 270 36.78 -31.63 -27.28
CA SER B 270 38.01 -31.35 -26.50
C SER B 270 38.96 -30.38 -27.21
N PRO B 271 39.64 -29.51 -26.44
CA PRO B 271 40.70 -28.66 -27.00
C PRO B 271 41.88 -29.43 -27.60
N THR B 272 42.37 -28.97 -28.75
CA THR B 272 43.56 -29.57 -29.37
C THR B 272 44.83 -28.81 -29.01
N GLY B 273 44.67 -27.58 -28.53
CA GLY B 273 45.81 -26.71 -28.27
C GLY B 273 46.21 -25.85 -29.46
N THR B 274 45.64 -26.14 -30.62
CA THR B 274 45.97 -25.39 -31.82
C THR B 274 44.71 -24.83 -32.46
N PRO B 275 44.54 -23.50 -32.41
CA PRO B 275 43.31 -22.88 -32.92
C PRO B 275 43.28 -22.83 -34.44
N THR B 276 42.08 -22.80 -35.00
CA THR B 276 41.90 -22.57 -36.43
C THR B 276 41.14 -21.26 -36.62
N ASN B 277 41.08 -20.80 -37.87
CA ASN B 277 40.64 -19.45 -38.15
C ASN B 277 39.27 -19.28 -38.84
N GLY B 278 38.52 -20.36 -39.00
CA GLY B 278 37.27 -20.29 -39.79
C GLY B 278 36.03 -19.81 -39.05
N VAL B 279 36.14 -19.65 -37.74
CA VAL B 279 35.05 -19.13 -36.91
C VAL B 279 35.56 -17.87 -36.18
N PRO B 280 35.69 -16.74 -36.92
CA PRO B 280 36.20 -15.53 -36.32
C PRO B 280 35.34 -15.02 -35.16
N ILE B 281 36.01 -14.50 -34.13
CA ILE B 281 35.34 -13.87 -32.99
C ILE B 281 35.64 -12.37 -33.08
N THR B 282 34.64 -11.59 -33.47
CA THR B 282 34.85 -10.16 -33.68
C THR B 282 33.80 -9.33 -32.94
N GLY B 283 34.11 -8.08 -32.62
CA GLY B 283 33.14 -7.22 -31.94
C GLY B 283 32.80 -7.78 -30.56
N LEU B 284 33.82 -8.28 -29.86
CA LEU B 284 33.62 -8.81 -28.52
C LEU B 284 33.91 -7.74 -27.48
N THR B 285 32.92 -7.49 -26.63
CA THR B 285 33.08 -6.55 -25.52
C THR B 285 33.00 -7.27 -24.19
N LEU B 286 34.00 -7.08 -23.34
CA LEU B 286 33.89 -7.50 -21.95
C LEU B 286 33.97 -6.26 -21.11
N SER B 287 33.00 -6.10 -20.21
CA SER B 287 32.98 -4.92 -19.35
C SER B 287 32.62 -5.33 -17.93
N LYS B 288 33.45 -4.93 -16.98
CA LYS B 288 33.19 -5.20 -15.56
C LYS B 288 32.96 -6.69 -15.32
N ILE B 289 34.02 -7.46 -15.57
CA ILE B 289 34.03 -8.88 -15.33
C ILE B 289 35.04 -9.07 -14.18
N THR B 290 34.54 -9.46 -13.01
CA THR B 290 35.40 -9.45 -11.83
C THR B 290 35.16 -10.69 -10.98
N GLY B 291 36.19 -11.12 -10.27
CA GLY B 291 36.04 -12.15 -9.27
C GLY B 291 37.21 -13.09 -9.17
N SER B 292 36.92 -14.24 -8.58
CA SER B 292 37.95 -15.15 -8.11
C SER B 292 37.99 -16.51 -8.84
N VAL B 293 39.21 -16.95 -9.11
CA VAL B 293 39.52 -18.24 -9.69
C VAL B 293 40.33 -18.98 -8.64
N ALA B 294 40.04 -20.27 -8.47
CA ALA B 294 40.77 -21.13 -7.53
C ALA B 294 42.27 -21.15 -7.86
N SER B 295 43.10 -21.40 -6.85
CA SER B 295 44.56 -21.38 -7.06
C SER B 295 45.01 -22.37 -8.13
N SER B 296 44.23 -23.43 -8.34
CA SER B 296 44.61 -24.43 -9.33
C SER B 296 44.03 -24.13 -10.73
N GLY B 297 43.20 -23.10 -10.83
CA GLY B 297 42.62 -22.71 -12.08
C GLY B 297 43.53 -21.74 -12.81
N THR B 298 43.06 -21.23 -13.94
CA THR B 298 43.77 -20.22 -14.72
C THR B 298 42.87 -19.01 -14.86
N ASN B 299 43.40 -17.82 -14.62
CA ASN B 299 42.58 -16.60 -14.70
C ASN B 299 41.90 -16.37 -16.05
N VAL B 300 42.72 -16.25 -17.10
CA VAL B 300 42.27 -15.89 -18.45
C VAL B 300 43.07 -16.74 -19.44
N TYR B 301 42.37 -17.33 -20.40
CA TYR B 301 43.00 -18.07 -21.49
C TYR B 301 42.34 -17.63 -22.79
N ILE B 302 43.16 -17.02 -23.66
CA ILE B 302 42.72 -16.55 -24.98
C ILE B 302 43.60 -17.27 -26.00
N LEU B 303 42.99 -18.20 -26.74
CA LEU B 303 43.71 -18.96 -27.75
C LEU B 303 43.07 -18.69 -29.12
N CYS B 304 43.48 -17.57 -29.71
CA CYS B 304 43.00 -17.15 -31.03
C CYS B 304 44.01 -17.58 -32.10
N ALA B 305 43.52 -18.08 -33.23
CA ALA B 305 44.34 -18.28 -34.41
C ALA B 305 44.75 -16.91 -34.97
N SER B 306 45.82 -16.85 -35.76
CA SER B 306 46.27 -15.59 -36.36
C SER B 306 45.16 -14.95 -37.17
N GLY B 307 44.90 -13.69 -36.88
CA GLY B 307 43.94 -12.89 -37.64
C GLY B 307 42.49 -13.22 -37.34
N ALA B 308 42.24 -14.22 -36.51
CA ALA B 308 40.90 -14.77 -36.33
C ALA B 308 40.09 -14.13 -35.18
N CYS B 309 40.70 -13.20 -34.43
CA CYS B 309 39.99 -12.44 -33.39
C CYS B 309 40.32 -10.97 -33.58
N SER B 310 39.30 -10.13 -33.69
CA SER B 310 39.57 -8.71 -33.92
C SER B 310 38.41 -7.84 -33.46
N ASN B 311 38.68 -6.55 -33.28
CA ASN B 311 37.68 -5.58 -32.79
C ASN B 311 37.11 -6.07 -31.45
N TRP B 312 37.99 -6.18 -30.47
CA TRP B 312 37.56 -6.45 -29.11
C TRP B 312 37.71 -5.18 -28.26
N LYS B 313 36.90 -5.10 -27.22
CA LYS B 313 37.05 -4.05 -26.23
C LYS B 313 36.86 -4.62 -24.84
N TRP B 314 37.93 -4.63 -24.04
CA TRP B 314 37.86 -5.12 -22.67
C TRP B 314 38.17 -4.00 -21.72
N SER B 315 37.33 -3.80 -20.72
CA SER B 315 37.64 -2.85 -19.64
C SER B 315 37.00 -3.29 -18.34
N GLY B 316 37.58 -2.85 -17.22
CA GLY B 316 37.10 -3.26 -15.89
C GLY B 316 37.12 -4.76 -15.68
N VAL B 317 38.05 -5.46 -16.34
CA VAL B 317 38.24 -6.89 -16.12
C VAL B 317 39.26 -7.07 -15.00
N SER B 318 38.85 -7.79 -13.96
CA SER B 318 39.74 -8.09 -12.85
C SER B 318 39.40 -9.47 -12.29
N VAL B 319 40.06 -10.47 -12.85
CA VAL B 319 39.85 -11.87 -12.51
C VAL B 319 41.19 -12.35 -11.94
N THR B 320 41.20 -12.76 -10.67
CA THR B 320 42.45 -13.10 -10.00
C THR B 320 42.27 -14.34 -9.12
N GLY B 321 43.39 -14.90 -8.68
CA GLY B 321 43.38 -16.00 -7.73
C GLY B 321 43.98 -17.26 -8.32
N GLY B 322 43.93 -17.38 -9.66
CA GLY B 322 44.49 -18.53 -10.34
C GLY B 322 45.85 -18.28 -10.97
N LYS B 323 46.30 -19.24 -11.77
CA LYS B 323 47.57 -19.13 -12.49
C LYS B 323 47.40 -18.20 -13.68
N LYS B 324 48.50 -17.56 -14.06
CA LYS B 324 48.56 -16.79 -15.29
C LYS B 324 48.91 -17.76 -16.43
N SER B 325 48.08 -17.79 -17.47
CA SER B 325 48.33 -18.60 -18.64
C SER B 325 49.62 -18.17 -19.35
N THR B 326 50.43 -19.16 -19.75
CA THR B 326 51.61 -18.95 -20.58
C THR B 326 51.36 -19.32 -22.05
N LYS B 327 50.12 -19.67 -22.36
CA LYS B 327 49.75 -20.27 -23.65
C LYS B 327 48.79 -19.43 -24.51
N CYS B 328 48.53 -18.19 -24.13
CA CYS B 328 47.62 -17.35 -24.90
C CYS B 328 48.23 -17.05 -26.27
N SER B 329 47.36 -16.88 -27.28
CA SER B 329 47.85 -16.55 -28.63
C SER B 329 46.98 -15.54 -29.35
N ASN B 330 47.65 -14.68 -30.10
CA ASN B 330 47.04 -13.71 -31.01
C ASN B 330 45.91 -12.92 -30.35
N ILE B 331 46.17 -12.45 -29.13
CA ILE B 331 45.25 -11.55 -28.41
C ILE B 331 45.08 -10.27 -29.24
N PRO B 332 43.82 -9.88 -29.55
CA PRO B 332 43.61 -8.65 -30.32
C PRO B 332 44.32 -7.44 -29.75
N SER B 333 45.12 -6.79 -30.57
CA SER B 333 45.99 -5.72 -30.11
C SER B 333 45.18 -4.44 -29.89
N GLY B 334 45.52 -3.71 -28.83
CA GLY B 334 44.85 -2.45 -28.49
C GLY B 334 43.43 -2.60 -27.94
N SER B 335 43.01 -3.84 -27.68
CA SER B 335 41.66 -4.14 -27.20
C SER B 335 41.51 -4.00 -25.69
N GLY B 336 42.64 -4.03 -24.97
CA GLY B 336 42.61 -4.05 -23.51
C GLY B 336 42.55 -5.48 -22.97
N ALA B 337 42.36 -6.46 -23.86
CA ALA B 337 42.34 -7.86 -23.42
C ALA B 337 43.73 -8.27 -22.97
N ALA B 338 43.80 -9.07 -21.92
CA ALA B 338 45.08 -9.54 -21.41
C ALA B 338 44.89 -10.84 -20.65
N CYS B 339 45.89 -11.72 -20.72
CA CYS B 339 45.90 -12.94 -19.90
C CYS B 339 46.52 -12.70 -18.53
N ALA C 1 21.54 -49.69 26.27
CA ALA C 1 22.58 -48.89 25.57
C ALA C 1 21.99 -48.24 24.33
N SER C 2 21.57 -49.02 23.34
CA SER C 2 21.00 -48.46 22.11
C SER C 2 19.46 -48.35 22.16
N CYS C 3 18.93 -47.14 21.98
CA CYS C 3 17.49 -46.90 22.06
C CYS C 3 16.95 -46.11 20.88
N THR C 4 15.74 -46.45 20.45
CA THR C 4 15.06 -45.74 19.40
C THR C 4 13.71 -45.26 19.91
N PHE C 5 13.38 -44.01 19.62
CA PHE C 5 12.11 -43.46 20.03
C PHE C 5 11.39 -42.86 18.85
N THR C 6 10.08 -43.05 18.83
CA THR C 6 9.21 -42.43 17.84
C THR C 6 8.25 -41.44 18.49
N ASP C 7 8.35 -41.25 19.81
CA ASP C 7 7.63 -40.16 20.46
C ASP C 7 8.48 -39.45 21.48
N ALA C 8 8.19 -38.18 21.69
CA ALA C 8 8.98 -37.30 22.57
C ALA C 8 8.95 -37.77 24.02
N ALA C 9 7.76 -38.06 24.55
CA ALA C 9 7.63 -38.43 25.95
C ALA C 9 8.50 -39.65 26.27
N ALA C 10 8.48 -40.66 25.42
CA ALA C 10 9.27 -41.87 25.65
C ALA C 10 10.77 -41.57 25.64
N ALA C 11 11.18 -40.70 24.72
CA ALA C 11 12.58 -40.28 24.60
C ALA C 11 13.04 -39.55 25.85
N ILE C 12 12.25 -38.57 26.28
CA ILE C 12 12.56 -37.79 27.48
C ILE C 12 12.61 -38.70 28.72
N LYS C 13 11.64 -39.60 28.84
CA LYS C 13 11.59 -40.53 29.96
C LYS C 13 12.79 -41.48 30.02
N GLY C 14 13.22 -41.98 28.86
CA GLY C 14 14.22 -43.05 28.85
C GLY C 14 15.64 -42.67 28.50
N LYS C 15 15.87 -41.40 28.17
CA LYS C 15 17.19 -40.95 27.66
C LYS C 15 18.38 -41.37 28.53
N ALA C 16 18.22 -41.33 29.85
CA ALA C 16 19.33 -41.61 30.76
C ALA C 16 19.68 -43.09 30.82
N SER C 17 18.84 -43.94 30.20
CA SER C 17 19.07 -45.39 30.13
C SER C 17 19.83 -45.83 28.87
N CYS C 18 20.24 -44.84 28.06
CA CYS C 18 20.74 -45.07 26.71
C CYS C 18 22.08 -44.42 26.48
N THR C 19 22.96 -45.17 25.81
CA THR C 19 24.24 -44.61 25.39
C THR C 19 24.18 -44.19 23.92
N SER C 20 23.26 -44.80 23.15
CA SER C 20 22.92 -44.26 21.86
C SER C 20 21.42 -44.16 21.68
N ILE C 21 21.00 -43.02 21.16
CA ILE C 21 19.59 -42.67 21.02
C ILE C 21 19.30 -42.34 19.57
N ILE C 22 18.32 -43.01 18.99
CA ILE C 22 17.76 -42.56 17.71
C ILE C 22 16.39 -41.90 17.94
N LEU C 23 16.29 -40.65 17.48
CA LEU C 23 15.04 -39.90 17.48
C LEU C 23 14.47 -39.95 16.08
N ASN C 24 13.49 -40.84 15.87
CA ASN C 24 12.97 -41.14 14.55
C ASN C 24 11.59 -40.54 14.27
N GLY C 25 11.58 -39.45 13.49
CA GLY C 25 10.35 -38.84 12.99
C GLY C 25 9.42 -38.34 14.06
N ILE C 26 9.98 -37.87 15.17
CA ILE C 26 9.15 -37.45 16.29
C ILE C 26 8.36 -36.18 15.99
N VAL C 27 7.05 -36.23 16.30
CA VAL C 27 6.20 -35.05 16.38
C VAL C 27 6.19 -34.55 17.82
N VAL C 28 6.88 -33.44 18.06
CA VAL C 28 7.05 -32.94 19.43
C VAL C 28 5.76 -32.21 19.84
N PRO C 29 5.08 -32.67 20.90
CA PRO C 29 3.80 -32.02 21.26
C PRO C 29 3.89 -30.49 21.37
N ALA C 30 2.82 -29.81 20.94
CA ALA C 30 2.74 -28.34 20.95
C ALA C 30 3.10 -27.77 22.31
N GLY C 31 3.94 -26.75 22.32
CA GLY C 31 4.29 -26.06 23.57
C GLY C 31 5.23 -26.82 24.51
N THR C 32 5.81 -27.90 24.01
CA THR C 32 6.73 -28.71 24.79
C THR C 32 8.11 -28.79 24.14
N THR C 33 9.12 -29.00 24.96
CA THR C 33 10.50 -29.15 24.49
C THR C 33 10.85 -30.63 24.26
N LEU C 34 11.51 -30.93 23.14
CA LEU C 34 12.17 -32.22 23.00
C LEU C 34 13.41 -32.18 23.91
N ASP C 35 13.22 -32.59 25.16
CA ASP C 35 14.16 -32.29 26.24
C ASP C 35 15.20 -33.41 26.36
N MET C 36 16.33 -33.16 25.72
CA MET C 36 17.46 -34.08 25.78
C MET C 36 18.55 -33.47 26.65
N THR C 37 18.15 -32.80 27.73
CA THR C 37 19.11 -32.37 28.75
C THR C 37 19.46 -33.55 29.66
N GLY C 38 20.58 -33.44 30.37
CA GLY C 38 20.91 -34.40 31.41
C GLY C 38 21.26 -35.77 30.87
N LEU C 39 21.84 -35.79 29.66
CA LEU C 39 22.29 -37.05 29.10
C LEU C 39 23.50 -37.59 29.84
N LYS C 40 23.62 -38.92 29.86
CA LYS C 40 24.79 -39.57 30.41
C LYS C 40 26.00 -39.23 29.53
N SER C 41 27.16 -39.09 30.15
CA SER C 41 28.39 -38.75 29.44
C SER C 41 28.67 -39.79 28.35
N GLY C 42 29.04 -39.31 27.17
CA GLY C 42 29.36 -40.21 26.05
C GLY C 42 28.19 -40.59 25.17
N THR C 43 27.01 -40.08 25.48
CA THR C 43 25.79 -40.42 24.72
C THR C 43 25.81 -39.84 23.31
N THR C 44 25.46 -40.66 22.33
CA THR C 44 25.26 -40.22 20.97
C THR C 44 23.75 -40.16 20.67
N VAL C 45 23.33 -39.07 20.05
CA VAL C 45 21.94 -38.87 19.67
C VAL C 45 21.80 -38.60 18.17
N THR C 46 20.99 -39.39 17.49
CA THR C 46 20.84 -39.28 16.05
C THR C 46 19.40 -38.95 15.65
N PHE C 47 19.23 -37.86 14.93
CA PHE C 47 17.97 -37.55 14.27
C PHE C 47 17.75 -38.36 13.00
N GLN C 48 16.60 -39.00 12.91
CA GLN C 48 16.24 -39.78 11.73
C GLN C 48 14.88 -39.28 11.23
N GLY C 49 14.65 -39.38 9.92
CA GLY C 49 13.36 -39.00 9.35
C GLY C 49 13.13 -37.52 9.52
N LYS C 50 11.87 -37.14 9.68
CA LYS C 50 11.45 -35.74 9.76
C LYS C 50 10.91 -35.42 11.14
N THR C 51 11.64 -34.56 11.87
CA THR C 51 11.20 -34.08 13.16
C THR C 51 10.29 -32.88 12.95
N THR C 52 9.13 -32.88 13.59
CA THR C 52 8.21 -31.74 13.53
C THR C 52 7.71 -31.38 14.93
N PHE C 53 6.96 -30.28 15.02
CA PHE C 53 6.51 -29.73 16.30
C PHE C 53 5.06 -29.26 16.18
N GLY C 54 4.28 -29.52 17.22
CA GLY C 54 2.95 -28.90 17.36
C GLY C 54 3.05 -27.38 17.48
N TYR C 55 2.01 -26.70 17.01
CA TYR C 55 1.94 -25.25 17.06
C TYR C 55 1.44 -24.76 18.41
N LYS C 56 2.16 -23.81 18.99
CA LYS C 56 1.68 -23.02 20.12
C LYS C 56 2.46 -21.72 20.11
N GLU C 57 1.85 -20.65 20.61
CA GLU C 57 2.58 -19.41 20.90
C GLU C 57 3.27 -19.51 22.24
N TRP C 58 4.58 -19.69 22.22
CA TRP C 58 5.37 -19.83 23.44
C TRP C 58 6.84 -19.56 23.09
N GLU C 59 7.71 -19.52 24.09
CA GLU C 59 9.09 -19.07 23.87
C GLU C 59 10.10 -20.18 23.61
N GLY C 60 9.66 -21.43 23.72
CA GLY C 60 10.58 -22.55 23.51
C GLY C 60 11.40 -22.88 24.76
N PRO C 61 12.47 -23.65 24.59
CA PRO C 61 12.95 -24.03 23.26
C PRO C 61 12.24 -25.27 22.73
N LEU C 62 12.30 -25.48 21.41
CA LEU C 62 11.72 -26.68 20.77
C LEU C 62 12.53 -27.94 21.09
N ILE C 63 13.84 -27.76 21.24
CA ILE C 63 14.79 -28.85 21.48
C ILE C 63 15.85 -28.33 22.45
N SER C 64 16.24 -29.17 23.40
CA SER C 64 17.31 -28.77 24.31
C SER C 64 18.26 -29.94 24.53
N PHE C 65 19.57 -29.69 24.54
CA PHE C 65 20.56 -30.73 24.80
C PHE C 65 21.55 -30.25 25.84
N SER C 66 21.98 -31.17 26.72
CA SER C 66 23.08 -30.87 27.63
C SER C 66 23.75 -32.15 28.03
N GLY C 67 25.01 -32.05 28.45
CA GLY C 67 25.78 -33.19 28.91
C GLY C 67 27.22 -33.03 28.50
N THR C 68 28.02 -34.05 28.83
CA THR C 68 29.44 -34.09 28.54
C THR C 68 29.75 -35.19 27.54
N ASN C 69 30.67 -34.92 26.60
CA ASN C 69 31.04 -35.90 25.57
CA ASN C 69 31.04 -35.89 25.58
C ASN C 69 29.82 -36.38 24.77
N ILE C 70 28.96 -35.44 24.42
CA ILE C 70 27.75 -35.73 23.65
C ILE C 70 28.03 -35.52 22.17
N ASN C 71 27.56 -36.46 21.34
CA ASN C 71 27.62 -36.28 19.89
C ASN C 71 26.20 -36.30 19.34
N ILE C 72 25.84 -35.22 18.65
CA ILE C 72 24.49 -35.02 18.14
C ILE C 72 24.62 -34.97 16.62
N ASN C 73 23.97 -35.89 15.93
CA ASN C 73 24.07 -35.91 14.46
C ASN C 73 22.75 -36.25 13.78
N GLY C 74 22.75 -36.31 12.46
CA GLY C 74 21.57 -36.69 11.71
C GLY C 74 21.86 -37.74 10.67
N ALA C 75 20.93 -38.67 10.51
CA ALA C 75 21.02 -39.72 9.53
C ALA C 75 20.78 -39.14 8.14
N SER C 76 21.26 -39.87 7.13
CA SER C 76 21.00 -39.56 5.73
C SER C 76 19.50 -39.34 5.50
N GLY C 77 19.16 -38.19 4.91
CA GLY C 77 17.76 -37.89 4.57
C GLY C 77 16.92 -37.32 5.71
N HIS C 78 17.48 -37.20 6.90
CA HIS C 78 16.77 -36.59 8.04
C HIS C 78 16.55 -35.08 7.80
N SER C 79 15.57 -34.53 8.51
CA SER C 79 15.37 -33.09 8.52
C SER C 79 14.68 -32.77 9.83
N ILE C 80 14.89 -31.56 10.31
CA ILE C 80 14.14 -31.02 11.44
C ILE C 80 13.40 -29.80 10.90
N ASP C 81 12.11 -29.98 10.63
CA ASP C 81 11.29 -28.96 9.95
C ASP C 81 10.33 -28.38 10.97
N CYS C 82 10.62 -27.15 11.38
CA CYS C 82 9.87 -26.48 12.42
C CYS C 82 8.60 -25.82 11.88
N GLN C 83 8.44 -25.86 10.56
CA GLN C 83 7.27 -25.26 9.90
C GLN C 83 7.01 -23.85 10.47
N GLY C 84 8.08 -23.03 10.50
CA GLY C 84 8.07 -21.70 11.12
C GLY C 84 7.10 -20.68 10.52
N SER C 85 6.68 -20.91 9.27
CA SER C 85 5.68 -20.05 8.64
C SER C 85 4.38 -19.96 9.43
N ARG C 86 4.14 -20.95 10.29
CA ARG C 86 2.98 -20.93 11.19
C ARG C 86 2.99 -19.75 12.17
N TRP C 87 4.18 -19.30 12.54
CA TRP C 87 4.37 -18.16 13.42
C TRP C 87 4.73 -16.87 12.67
N TRP C 88 5.54 -17.00 11.61
CA TRP C 88 6.14 -15.83 10.96
C TRP C 88 5.12 -14.76 10.64
N ASP C 89 5.40 -13.53 11.03
CA ASP C 89 4.48 -12.42 10.83
C ASP C 89 5.21 -11.10 10.65
N SER C 90 6.48 -11.18 10.23
CA SER C 90 7.37 -10.00 10.01
C SER C 90 7.90 -9.35 11.31
N LYS C 91 7.50 -9.86 12.46
CA LYS C 91 7.85 -9.22 13.75
C LYS C 91 8.84 -10.00 14.62
N GLY C 92 9.07 -11.27 14.28
CA GLY C 92 10.09 -12.08 14.96
C GLY C 92 9.84 -12.14 16.45
N SER C 93 10.89 -11.89 17.22
CA SER C 93 10.77 -11.98 18.67
C SER C 93 10.51 -10.59 19.28
N ASN C 94 10.07 -9.66 18.44
CA ASN C 94 9.82 -8.26 18.82
C ASN C 94 8.40 -7.79 18.52
N GLY C 95 7.45 -8.71 18.55
CA GLY C 95 6.03 -8.38 18.35
C GLY C 95 5.31 -9.51 17.65
N GLY C 96 4.04 -9.27 17.37
CA GLY C 96 3.22 -10.26 16.74
C GLY C 96 3.13 -11.47 17.64
N LYS C 97 3.06 -12.64 17.03
CA LYS C 97 2.98 -13.89 17.77
C LYS C 97 4.22 -14.12 18.64
N THR C 98 4.02 -14.78 19.78
CA THR C 98 5.15 -15.24 20.57
C THR C 98 5.64 -16.53 19.92
N LYS C 99 6.96 -16.58 19.69
CA LYS C 99 7.58 -17.59 18.83
C LYS C 99 8.69 -18.34 19.55
N PRO C 100 8.69 -19.67 19.44
CA PRO C 100 9.67 -20.43 20.21
C PRO C 100 11.09 -20.50 19.61
N LYS C 101 12.08 -20.32 20.48
CA LYS C 101 13.47 -20.52 20.09
C LYS C 101 13.63 -22.00 19.76
N PHE C 102 14.52 -22.29 18.82
CA PHE C 102 14.61 -23.64 18.28
C PHE C 102 15.44 -24.61 19.15
N PHE C 103 16.75 -24.38 19.22
CA PHE C 103 17.66 -25.38 19.73
C PHE C 103 18.60 -24.80 20.80
N TYR C 104 18.43 -25.28 22.03
CA TYR C 104 19.28 -24.87 23.13
C TYR C 104 20.43 -25.86 23.23
N ALA C 105 21.58 -25.44 22.72
CA ALA C 105 22.84 -26.16 22.94
C ALA C 105 23.48 -25.53 24.16
N HIS C 106 22.95 -25.91 25.32
CA HIS C 106 23.28 -25.26 26.59
C HIS C 106 23.95 -26.27 27.50
N SER C 107 25.01 -25.84 28.16
CA SER C 107 25.72 -26.71 29.10
C SER C 107 26.18 -28.01 28.43
N LEU C 108 26.70 -27.87 27.22
CA LEU C 108 27.34 -28.98 26.52
C LEU C 108 28.85 -28.83 26.69
N LYS C 109 29.49 -29.90 27.14
CA LYS C 109 30.92 -29.90 27.40
C LYS C 109 31.61 -30.97 26.55
N SER C 110 32.69 -30.57 25.87
CA SER C 110 33.47 -31.48 24.98
C SER C 110 32.53 -32.31 24.11
N SER C 111 31.67 -31.60 23.38
CA SER C 111 30.58 -32.22 22.65
C SER C 111 30.62 -31.75 21.21
N ASN C 112 29.88 -32.42 20.34
CA ASN C 112 29.80 -32.05 18.93
C ASN C 112 28.39 -32.14 18.42
N ILE C 113 28.08 -31.24 17.49
CA ILE C 113 26.82 -31.28 16.75
C ILE C 113 27.21 -31.34 15.27
N LYS C 114 26.70 -32.32 14.54
CA LYS C 114 27.13 -32.51 13.16
C LYS C 114 26.00 -32.79 12.17
N GLY C 115 25.99 -32.02 11.08
CA GLY C 115 25.20 -32.33 9.91
C GLY C 115 23.71 -32.17 10.02
N LEU C 116 23.25 -31.55 11.11
CA LEU C 116 21.81 -31.29 11.30
C LEU C 116 21.26 -30.46 10.16
N ASN C 117 20.13 -30.90 9.64
CA ASN C 117 19.43 -30.29 8.51
C ASN C 117 18.14 -29.63 9.03
N VAL C 118 18.21 -28.31 9.19
CA VAL C 118 17.18 -27.57 9.91
C VAL C 118 16.45 -26.66 8.93
N LEU C 119 15.12 -26.70 8.99
CA LEU C 119 14.30 -25.93 8.07
C LEU C 119 13.26 -25.09 8.84
N ASN C 120 13.13 -23.85 8.41
CA ASN C 120 12.06 -22.93 8.83
C ASN C 120 11.86 -22.78 10.34
N THR C 121 12.92 -22.39 11.04
CA THR C 121 12.81 -22.08 12.48
C THR C 121 11.86 -20.88 12.71
N PRO C 122 10.99 -20.96 13.73
CA PRO C 122 10.08 -19.83 13.97
C PRO C 122 10.83 -18.51 14.20
N VAL C 123 11.88 -18.54 15.01
CA VAL C 123 12.74 -17.39 15.24
C VAL C 123 14.20 -17.86 15.27
N GLN C 124 14.96 -17.52 16.30
CA GLN C 124 16.38 -17.91 16.39
C GLN C 124 16.56 -19.43 16.37
N ALA C 125 17.60 -19.89 15.68
CA ALA C 125 17.88 -21.31 15.52
C ALA C 125 18.68 -21.87 16.70
N PHE C 126 20.01 -21.78 16.65
CA PHE C 126 20.89 -22.35 17.69
C PHE C 126 21.29 -21.29 18.70
N SER C 127 20.96 -21.55 19.98
CA SER C 127 21.46 -20.77 21.10
C SER C 127 22.52 -21.60 21.78
N ILE C 128 23.75 -21.08 21.78
CA ILE C 128 24.89 -21.74 22.37
C ILE C 128 25.23 -20.95 23.62
N ASN C 129 25.11 -21.59 24.78
CA ASN C 129 25.29 -20.92 26.05
C ASN C 129 25.86 -21.88 27.07
N SER C 130 26.81 -21.41 27.87
CA SER C 130 27.49 -22.27 28.84
C SER C 130 28.06 -23.54 28.19
N ALA C 131 28.56 -23.41 26.96
CA ALA C 131 29.23 -24.50 26.28
C ALA C 131 30.72 -24.42 26.55
N THR C 132 31.37 -25.58 26.70
CA THR C 132 32.81 -25.63 26.91
C THR C 132 33.38 -26.68 25.96
N THR C 133 34.01 -26.21 24.88
CA THR C 133 34.54 -27.07 23.80
C THR C 133 33.39 -27.78 23.08
N LEU C 134 32.83 -27.05 22.12
CA LEU C 134 31.70 -27.52 21.36
C LEU C 134 32.02 -27.34 19.88
N GLY C 135 32.00 -28.45 19.14
CA GLY C 135 32.16 -28.40 17.69
C GLY C 135 30.79 -28.41 17.05
N VAL C 136 30.61 -27.59 16.02
CA VAL C 136 29.33 -27.52 15.32
C VAL C 136 29.65 -27.59 13.83
N TYR C 137 29.48 -28.78 13.23
CA TYR C 137 29.97 -29.03 11.86
C TYR C 137 28.88 -29.28 10.85
N ASP C 138 29.01 -28.59 9.71
CA ASP C 138 28.21 -28.88 8.53
C ASP C 138 26.72 -28.83 8.78
N VAL C 139 26.34 -27.91 9.66
CA VAL C 139 24.93 -27.66 9.95
C VAL C 139 24.31 -26.84 8.80
N ILE C 140 23.14 -27.29 8.34
CA ILE C 140 22.34 -26.55 7.38
C ILE C 140 21.15 -25.91 8.09
N ILE C 141 21.01 -24.59 7.92
CA ILE C 141 19.81 -23.90 8.39
C ILE C 141 19.19 -23.21 7.19
N ASP C 142 18.03 -23.71 6.76
CA ASP C 142 17.37 -23.17 5.60
C ASP C 142 16.06 -22.52 6.03
N ASN C 143 16.14 -21.20 6.21
CA ASN C 143 14.99 -20.34 6.48
C ASN C 143 14.67 -19.46 5.27
N SER C 144 15.10 -19.86 4.07
CA SER C 144 14.92 -19.03 2.87
C SER C 144 13.42 -18.74 2.60
N ALA C 145 12.54 -19.68 2.92
CA ALA C 145 11.08 -19.49 2.77
C ALA C 145 10.60 -18.27 3.58
N GLY C 146 11.31 -17.95 4.64
CA GLY C 146 11.08 -16.74 5.44
C GLY C 146 11.18 -15.42 4.69
N ASP C 147 11.89 -15.41 3.56
CA ASP C 147 12.06 -14.15 2.82
C ASP C 147 10.73 -13.62 2.29
N SER C 148 9.85 -14.54 1.92
CA SER C 148 8.55 -14.17 1.37
C SER C 148 7.38 -14.62 2.28
N ALA C 149 7.68 -15.07 3.49
CA ALA C 149 6.59 -15.44 4.43
C ALA C 149 6.75 -14.81 5.83
N GLY C 150 7.46 -13.70 5.92
CA GLY C 150 7.57 -12.92 7.17
C GLY C 150 8.59 -13.39 8.20
N GLY C 151 9.62 -14.14 7.78
CA GLY C 151 10.67 -14.56 8.72
C GLY C 151 11.41 -13.34 9.23
N HIS C 152 11.75 -13.34 10.52
CA HIS C 152 12.38 -12.18 11.18
C HIS C 152 13.05 -12.66 12.47
N ASN C 153 14.21 -12.10 12.82
CA ASN C 153 14.99 -12.55 14.00
C ASN C 153 15.29 -14.06 13.94
N THR C 154 15.58 -14.54 12.73
CA THR C 154 15.84 -15.96 12.51
C THR C 154 17.35 -16.25 12.55
N ASP C 155 18.01 -15.76 13.59
CA ASP C 155 19.46 -15.92 13.77
C ASP C 155 19.87 -17.37 13.65
N ALA C 156 20.99 -17.62 12.97
CA ALA C 156 21.52 -18.98 12.88
C ALA C 156 22.23 -19.46 14.15
N PHE C 157 23.25 -18.74 14.58
CA PHE C 157 24.02 -19.12 15.78
C PHE C 157 24.16 -17.93 16.71
N ASP C 158 23.57 -18.03 17.91
CA ASP C 158 23.73 -17.02 18.95
C ASP C 158 24.65 -17.63 20.01
N VAL C 159 25.75 -16.95 20.33
CA VAL C 159 26.72 -17.47 21.29
C VAL C 159 26.84 -16.56 22.50
N GLY C 160 26.73 -17.17 23.68
CA GLY C 160 26.96 -16.47 24.95
C GLY C 160 27.62 -17.34 25.99
N SER C 161 28.42 -16.72 26.86
CA SER C 161 29.01 -17.40 28.02
C SER C 161 29.51 -18.80 27.71
N SER C 162 30.37 -18.91 26.71
CA SER C 162 30.90 -20.18 26.26
C SER C 162 32.39 -20.04 25.94
N THR C 163 33.08 -21.18 25.95
CA THR C 163 34.50 -21.20 25.62
CA THR C 163 34.51 -21.20 25.60
C THR C 163 34.75 -22.33 24.61
N GLY C 164 35.65 -22.10 23.65
CA GLY C 164 36.03 -23.17 22.72
C GLY C 164 34.93 -23.67 21.81
N VAL C 165 34.14 -22.75 21.30
CA VAL C 165 33.11 -23.09 20.34
C VAL C 165 33.73 -23.01 18.96
N TYR C 166 33.49 -24.05 18.15
CA TYR C 166 34.09 -24.15 16.82
C TYR C 166 33.01 -24.52 15.82
N ILE C 167 32.58 -23.51 15.05
CA ILE C 167 31.52 -23.69 14.04
C ILE C 167 32.18 -23.72 12.67
N SER C 168 31.99 -24.82 11.96
CA SER C 168 32.67 -25.07 10.69
C SER C 168 31.67 -25.55 9.63
N GLY C 169 31.75 -24.95 8.45
CA GLY C 169 30.98 -25.42 7.31
C GLY C 169 29.48 -25.21 7.40
N ALA C 170 29.06 -24.21 8.18
CA ALA C 170 27.63 -23.89 8.29
C ALA C 170 27.11 -23.38 6.95
N ASN C 171 25.87 -23.75 6.61
CA ASN C 171 25.22 -23.17 5.44
C ASN C 171 23.88 -22.59 5.89
N VAL C 172 23.74 -21.27 5.78
CA VAL C 172 22.65 -20.53 6.40
C VAL C 172 21.92 -19.67 5.37
N LYS C 173 20.59 -19.77 5.36
CA LYS C 173 19.74 -18.87 4.58
C LYS C 173 18.71 -18.37 5.58
N ASN C 174 18.77 -17.09 5.94
CA ASN C 174 17.87 -16.56 7.00
C ASN C 174 17.60 -15.07 6.86
N GLN C 175 17.12 -14.44 7.94
CA GLN C 175 16.72 -13.03 7.93
C GLN C 175 17.33 -12.24 9.09
N ASP C 176 18.34 -12.81 9.73
CA ASP C 176 19.05 -12.10 10.80
C ASP C 176 20.49 -12.59 10.89
N ASP C 177 21.19 -12.30 11.97
CA ASP C 177 22.59 -12.66 12.06
C ASP C 177 22.85 -14.10 11.65
N CYS C 178 23.88 -14.26 10.82
CA CYS C 178 24.42 -15.60 10.60
C CYS C 178 25.12 -16.09 11.88
N LEU C 179 25.82 -15.17 12.53
CA LEU C 179 26.49 -15.42 13.80
C LEU C 179 26.31 -14.17 14.64
N ALA C 180 25.98 -14.35 15.93
CA ALA C 180 26.00 -13.25 16.87
C ALA C 180 26.67 -13.75 18.13
N ILE C 181 27.87 -13.25 18.40
CA ILE C 181 28.60 -13.60 19.63
C ILE C 181 28.37 -12.49 20.63
N ASN C 182 27.52 -12.75 21.62
CA ASN C 182 27.26 -11.75 22.68
C ASN C 182 28.34 -11.75 23.76
N SER C 183 28.94 -12.93 23.95
CA SER C 183 30.08 -13.08 24.87
C SER C 183 30.70 -14.44 24.61
N GLY C 184 31.96 -14.61 25.01
CA GLY C 184 32.59 -15.90 24.83
C GLY C 184 34.07 -15.76 24.66
N THR C 185 34.76 -16.86 24.90
CA THR C 185 36.20 -16.88 24.75
C THR C 185 36.60 -18.00 23.79
N ASN C 186 37.49 -17.70 22.85
CA ASN C 186 37.97 -18.73 21.93
C ASN C 186 36.79 -19.29 21.13
N ILE C 187 36.25 -18.45 20.27
CA ILE C 187 35.11 -18.81 19.46
C ILE C 187 35.53 -18.71 18.01
N THR C 188 35.23 -19.74 17.23
CA THR C 188 35.59 -19.76 15.80
C THR C 188 34.35 -20.02 14.96
N PHE C 189 34.21 -19.27 13.87
CA PHE C 189 33.25 -19.56 12.83
C PHE C 189 34.08 -19.57 11.56
N THR C 190 34.07 -20.68 10.84
CA THR C 190 34.91 -20.81 9.65
C THR C 190 34.26 -21.65 8.54
N GLY C 191 34.67 -21.43 7.30
CA GLY C 191 34.17 -22.22 6.18
C GLY C 191 32.66 -22.11 5.98
N GLY C 192 32.08 -20.97 6.35
CA GLY C 192 30.63 -20.78 6.34
C GLY C 192 30.08 -20.11 5.08
N THR C 193 28.82 -20.38 4.77
CA THR C 193 28.11 -19.62 3.75
C THR C 193 26.89 -18.98 4.42
N CYS C 194 26.83 -17.64 4.39
CA CYS C 194 25.78 -16.87 5.06
C CYS C 194 25.00 -16.12 4.00
N SER C 195 23.73 -16.47 3.84
CA SER C 195 22.89 -15.83 2.84
C SER C 195 21.61 -15.24 3.45
N GLY C 196 21.23 -14.07 2.97
CA GLY C 196 19.92 -13.46 3.31
C GLY C 196 19.86 -12.66 4.61
N GLY C 197 20.85 -12.87 5.49
CA GLY C 197 20.75 -12.41 6.88
C GLY C 197 21.40 -11.08 7.15
N HIS C 198 22.00 -10.95 8.34
CA HIS C 198 22.56 -9.68 8.78
C HIS C 198 24.05 -9.75 9.03
N GLY C 199 24.66 -10.86 8.60
CA GLY C 199 26.12 -10.97 8.59
C GLY C 199 26.72 -11.75 9.75
N LEU C 200 28.03 -11.57 9.92
CA LEU C 200 28.79 -12.29 10.93
C LEU C 200 29.16 -11.28 12.01
N SER C 201 28.41 -11.32 13.11
CA SER C 201 28.46 -10.26 14.10
C SER C 201 29.10 -10.63 15.45
N ILE C 202 29.90 -9.70 15.94
CA ILE C 202 30.24 -9.64 17.36
C ILE C 202 29.20 -8.71 17.99
N GLY C 203 28.47 -9.23 18.98
CA GLY C 203 27.59 -8.39 19.74
C GLY C 203 26.13 -8.66 19.41
N SER C 204 25.23 -7.84 19.94
CA SER C 204 25.59 -6.70 20.79
CA SER C 204 25.57 -6.71 20.81
C SER C 204 26.31 -7.15 22.07
N VAL C 205 27.37 -6.43 22.43
CA VAL C 205 28.13 -6.70 23.66
C VAL C 205 27.82 -5.61 24.71
N GLY C 206 27.30 -6.03 25.86
CA GLY C 206 27.01 -5.11 26.97
C GLY C 206 25.59 -5.30 27.48
N GLY C 207 25.34 -4.89 28.73
CA GLY C 207 24.00 -4.97 29.34
C GLY C 207 23.52 -6.37 29.72
N ARG C 208 24.42 -7.36 29.65
CA ARG C 208 24.07 -8.75 29.98
C ARG C 208 24.84 -9.21 31.23
N SER C 209 24.63 -10.45 31.65
CA SER C 209 25.39 -11.01 32.78
C SER C 209 26.87 -11.21 32.38
N ASP C 210 27.10 -11.41 31.08
CA ASP C 210 28.44 -11.63 30.52
C ASP C 210 28.61 -10.74 29.31
N ASN C 211 29.65 -9.92 29.36
CA ASN C 211 29.87 -8.91 28.31
C ASN C 211 31.32 -8.91 27.83
N THR C 212 31.95 -10.07 27.90
CA THR C 212 33.34 -10.22 27.54
C THR C 212 33.47 -11.14 26.33
N VAL C 213 33.98 -10.58 25.24
CA VAL C 213 34.32 -11.35 24.05
C VAL C 213 35.84 -11.33 23.94
N LYS C 214 36.47 -12.50 23.84
CA LYS C 214 37.91 -12.57 23.80
C LYS C 214 38.35 -13.75 22.98
N THR C 215 39.22 -13.49 22.00
CA THR C 215 39.84 -14.54 21.16
C THR C 215 38.79 -15.13 20.24
N VAL C 216 38.63 -14.52 19.08
CA VAL C 216 37.61 -14.94 18.11
C VAL C 216 38.26 -14.98 16.74
N THR C 217 37.99 -16.06 16.01
CA THR C 217 38.39 -16.15 14.62
C THR C 217 37.15 -16.37 13.77
N ILE C 218 36.89 -15.44 12.86
CA ILE C 218 35.80 -15.62 11.87
C ILE C 218 36.49 -15.57 10.52
N SER C 219 36.47 -16.69 9.79
CA SER C 219 37.38 -16.83 8.65
C SER C 219 36.81 -17.64 7.52
N ASN C 220 37.38 -17.41 6.33
CA ASN C 220 37.17 -18.27 5.18
C ASN C 220 35.69 -18.56 4.94
N SER C 221 34.91 -17.48 4.90
CA SER C 221 33.47 -17.56 4.84
C SER C 221 32.94 -16.54 3.82
N LYS C 222 31.73 -16.78 3.33
CA LYS C 222 31.13 -15.82 2.40
C LYS C 222 29.79 -15.34 2.90
N ILE C 223 29.55 -14.05 2.68
CA ILE C 223 28.32 -13.40 3.10
C ILE C 223 27.68 -12.82 1.86
N VAL C 224 26.46 -13.25 1.59
CA VAL C 224 25.81 -12.97 0.30
C VAL C 224 24.42 -12.45 0.59
N ASN C 225 23.99 -11.42 -0.13
CA ASN C 225 22.62 -10.92 -0.06
C ASN C 225 22.20 -10.67 1.41
N SER C 226 23.08 -10.01 2.16
CA SER C 226 22.87 -9.80 3.59
C SER C 226 22.91 -8.31 3.90
N ASP C 227 22.37 -7.91 5.07
CA ASP C 227 22.35 -6.49 5.44
C ASP C 227 23.73 -5.94 5.79
N ASN C 228 24.53 -6.75 6.49
CA ASN C 228 25.89 -6.38 6.86
C ASN C 228 26.84 -7.49 6.53
N GLY C 229 28.13 -7.17 6.43
CA GLY C 229 29.18 -8.18 6.28
C GLY C 229 29.81 -8.44 7.63
N VAL C 230 30.92 -7.75 7.89
CA VAL C 230 31.60 -7.79 9.19
C VAL C 230 30.91 -6.80 10.10
N ARG C 231 30.49 -7.24 11.29
CA ARG C 231 29.80 -6.33 12.20
C ARG C 231 30.24 -6.54 13.64
N ILE C 232 30.54 -5.43 14.32
CA ILE C 232 30.79 -5.43 15.76
C ILE C 232 29.90 -4.35 16.37
N LYS C 233 29.04 -4.74 17.31
CA LYS C 233 28.19 -3.77 18.01
C LYS C 233 28.35 -3.87 19.50
N THR C 234 28.50 -2.72 20.15
CA THR C 234 28.52 -2.70 21.59
C THR C 234 27.43 -1.75 22.08
N VAL C 235 27.04 -1.95 23.34
CA VAL C 235 25.89 -1.27 23.93
C VAL C 235 26.26 0.04 24.62
N SER C 236 25.51 1.08 24.27
CA SER C 236 25.65 2.41 24.83
C SER C 236 25.57 2.40 26.37
N GLY C 237 26.56 3.01 27.02
CA GLY C 237 26.60 3.07 28.48
C GLY C 237 26.91 1.75 29.20
N ALA C 238 27.23 0.71 28.44
CA ALA C 238 27.49 -0.59 29.04
C ALA C 238 28.97 -0.78 29.38
N THR C 239 29.23 -1.85 30.13
CA THR C 239 30.59 -2.23 30.51
C THR C 239 30.88 -3.62 29.93
N GLY C 240 32.05 -3.78 29.32
CA GLY C 240 32.47 -5.07 28.80
C GLY C 240 33.76 -4.91 28.02
N SER C 241 34.06 -5.86 27.16
CA SER C 241 35.23 -5.76 26.30
C SER C 241 35.12 -6.71 25.10
N VAL C 242 35.71 -6.27 23.98
CA VAL C 242 35.81 -7.06 22.76
C VAL C 242 37.29 -7.03 22.40
N SER C 243 38.00 -8.16 22.57
CA SER C 243 39.43 -8.16 22.26
C SER C 243 39.90 -9.43 21.55
N GLY C 244 40.97 -9.28 20.77
CA GLY C 244 41.57 -10.41 20.07
C GLY C 244 40.63 -11.05 19.06
N VAL C 245 39.92 -10.20 18.32
CA VAL C 245 38.99 -10.63 17.30
C VAL C 245 39.65 -10.52 15.91
N THR C 246 39.64 -11.60 15.16
CA THR C 246 40.18 -11.62 13.78
C THR C 246 39.10 -12.06 12.79
N TYR C 247 38.82 -11.21 11.82
CA TYR C 247 38.08 -11.61 10.64
C TYR C 247 39.08 -11.74 9.49
N SER C 248 39.12 -12.90 8.85
CA SER C 248 40.06 -13.08 7.75
C SER C 248 39.46 -13.92 6.62
N GLY C 249 39.76 -13.51 5.39
CA GLY C 249 39.30 -14.27 4.23
C GLY C 249 37.79 -14.33 4.18
N ILE C 250 37.17 -13.14 4.28
CA ILE C 250 35.71 -13.03 4.20
C ILE C 250 35.37 -12.38 2.86
N THR C 251 34.49 -13.01 2.09
CA THR C 251 34.04 -12.40 0.83
C THR C 251 32.59 -11.94 0.97
N LEU C 252 32.31 -10.76 0.44
CA LEU C 252 30.99 -10.13 0.55
C LEU C 252 30.35 -9.98 -0.83
N SER C 253 29.06 -10.28 -0.93
CA SER C 253 28.35 -10.17 -2.19
C SER C 253 27.01 -9.50 -1.96
N ASN C 254 26.82 -8.31 -2.53
CA ASN C 254 25.54 -7.60 -2.51
C ASN C 254 25.06 -7.34 -1.09
N ILE C 255 25.93 -6.72 -0.30
CA ILE C 255 25.61 -6.31 1.07
C ILE C 255 24.75 -5.03 1.01
N ALA C 256 23.61 -5.05 1.69
CA ALA C 256 22.64 -3.95 1.53
C ALA C 256 22.92 -2.66 2.32
N LYS C 257 23.42 -2.80 3.55
CA LYS C 257 23.54 -1.65 4.46
CA LYS C 257 23.54 -1.65 4.46
C LYS C 257 24.99 -1.26 4.75
N TYR C 258 25.78 -2.21 5.29
CA TYR C 258 27.17 -1.97 5.67
C TYR C 258 28.04 -3.15 5.32
N GLY C 259 29.07 -2.92 4.50
CA GLY C 259 30.07 -3.94 4.18
C GLY C 259 30.75 -4.32 5.48
N ILE C 260 31.26 -3.30 6.16
CA ILE C 260 31.85 -3.46 7.49
C ILE C 260 31.26 -2.41 8.41
N VAL C 261 30.77 -2.82 9.57
CA VAL C 261 30.23 -1.85 10.53
C VAL C 261 30.71 -2.17 11.94
N ILE C 262 31.33 -1.18 12.58
CA ILE C 262 31.78 -1.29 13.97
C ILE C 262 31.29 -0.07 14.69
N GLU C 263 30.42 -0.28 15.68
CA GLU C 263 29.79 0.82 16.39
C GLU C 263 29.48 0.54 17.86
N GLN C 264 29.73 1.54 18.68
CA GLN C 264 29.63 1.42 20.13
C GLN C 264 28.46 2.23 20.68
N ASP C 265 27.36 2.25 19.93
CA ASP C 265 26.23 3.11 20.25
C ASP C 265 24.86 2.39 20.28
N TYR C 266 24.85 1.11 20.58
CA TYR C 266 23.56 0.39 20.58
C TYR C 266 22.77 0.59 21.85
N GLU C 267 21.50 0.95 21.67
CA GLU C 267 20.60 1.12 22.79
C GLU C 267 19.29 0.42 22.46
N ASN C 268 18.94 -0.58 23.26
CA ASN C 268 17.74 -1.39 23.04
C ASN C 268 17.64 -1.95 21.62
N GLY C 269 18.76 -2.45 21.09
CA GLY C 269 18.76 -3.09 19.78
C GLY C 269 18.86 -2.15 18.58
N SER C 270 18.93 -0.84 18.83
CA SER C 270 19.14 0.12 17.74
C SER C 270 20.21 1.20 18.02
N PRO C 271 20.97 1.62 16.97
CA PRO C 271 21.98 2.68 17.07
C PRO C 271 21.41 4.03 17.49
N THR C 272 22.12 4.73 18.37
CA THR C 272 21.74 6.10 18.75
C THR C 272 22.47 7.16 17.92
N GLY C 273 23.56 6.75 17.27
CA GLY C 273 24.47 7.70 16.61
C GLY C 273 25.58 8.28 17.49
N THR C 274 25.55 7.94 18.77
CA THR C 274 26.54 8.44 19.72
C THR C 274 27.22 7.27 20.45
N PRO C 275 28.50 7.02 20.15
CA PRO C 275 29.19 5.88 20.77
C PRO C 275 29.59 6.19 22.21
N THR C 276 29.67 5.18 23.05
CA THR C 276 30.24 5.32 24.38
C THR C 276 31.46 4.43 24.57
N ASN C 277 32.17 4.62 25.68
CA ASN C 277 33.49 4.05 25.87
C ASN C 277 33.66 2.84 26.79
N GLY C 278 32.58 2.26 27.27
CA GLY C 278 32.67 1.26 28.31
C GLY C 278 32.95 -0.16 27.84
N VAL C 279 32.88 -0.36 26.52
CA VAL C 279 33.14 -1.67 25.91
C VAL C 279 34.23 -1.49 24.86
N PRO C 280 35.50 -1.34 25.32
CA PRO C 280 36.57 -1.09 24.34
C PRO C 280 36.74 -2.24 23.34
N ILE C 281 37.06 -1.89 22.10
CA ILE C 281 37.33 -2.87 21.05
C ILE C 281 38.82 -2.81 20.70
N THR C 282 39.56 -3.86 21.09
CA THR C 282 41.01 -3.81 21.00
C THR C 282 41.54 -5.11 20.40
N GLY C 283 42.72 -5.05 19.79
CA GLY C 283 43.31 -6.25 19.16
C GLY C 283 42.42 -6.77 18.04
N LEU C 284 41.89 -5.86 17.24
CA LEU C 284 40.99 -6.22 16.12
C LEU C 284 41.79 -6.36 14.82
N THR C 285 41.73 -7.54 14.21
CA THR C 285 42.42 -7.77 12.93
C THR C 285 41.40 -8.04 11.82
N LEU C 286 41.45 -7.26 10.75
CA LEU C 286 40.75 -7.60 9.52
C LEU C 286 41.78 -7.86 8.43
N SER C 287 41.68 -9.04 7.82
CA SER C 287 42.62 -9.42 6.78
C SER C 287 41.84 -10.03 5.61
N LYS C 288 42.08 -9.52 4.41
CA LYS C 288 41.46 -10.05 3.18
C LYS C 288 39.94 -10.11 3.30
N ILE C 289 39.35 -8.92 3.43
CA ILE C 289 37.92 -8.74 3.52
C ILE C 289 37.53 -8.02 2.26
N THR C 290 36.82 -8.70 1.37
CA THR C 290 36.60 -8.14 0.02
C THR C 290 35.17 -8.32 -0.46
N GLY C 291 34.71 -7.40 -1.29
CA GLY C 291 33.43 -7.60 -1.98
C GLY C 291 32.58 -6.38 -2.16
N SER C 292 31.29 -6.62 -2.43
CA SER C 292 30.41 -5.59 -2.94
C SER C 292 29.30 -5.18 -1.98
N VAL C 293 29.04 -3.88 -1.97
CA VAL C 293 27.94 -3.31 -1.22
C VAL C 293 27.03 -2.67 -2.24
N ALA C 294 25.71 -2.73 -2.01
CA ALA C 294 24.73 -2.02 -2.85
C ALA C 294 25.03 -0.52 -2.90
N SER C 295 24.77 0.10 -4.05
CA SER C 295 25.00 1.53 -4.23
C SER C 295 24.28 2.37 -3.17
N SER C 296 23.17 1.85 -2.64
CA SER C 296 22.42 2.54 -1.59
C SER C 296 22.95 2.28 -0.17
N GLY C 297 23.88 1.32 -0.03
CA GLY C 297 24.51 1.03 1.26
C GLY C 297 25.79 1.83 1.49
N THR C 298 26.49 1.52 2.57
CA THR C 298 27.74 2.18 2.95
C THR C 298 28.84 1.12 3.04
N ASN C 299 30.02 1.37 2.46
CA ASN C 299 31.10 0.38 2.47
C ASN C 299 31.57 0.01 3.87
N VAL C 300 31.99 1.04 4.60
CA VAL C 300 32.57 0.89 5.94
C VAL C 300 32.00 1.96 6.86
N TYR C 301 31.55 1.56 8.05
CA TYR C 301 31.15 2.51 9.09
C TYR C 301 31.81 2.16 10.42
N ILE C 302 32.64 3.08 10.93
CA ILE C 302 33.35 2.88 12.19
C ILE C 302 32.97 4.03 13.11
N LEU C 303 32.19 3.72 14.14
CA LEU C 303 31.73 4.70 15.13
C LEU C 303 32.27 4.31 16.50
N CYS C 304 33.51 4.72 16.75
CA CYS C 304 34.17 4.48 18.02
C CYS C 304 34.12 5.73 18.87
N ALA C 305 33.93 5.53 20.18
CA ALA C 305 34.06 6.61 21.16
C ALA C 305 35.54 6.94 21.31
N SER C 306 35.83 8.17 21.75
CA SER C 306 37.19 8.62 22.05
C SER C 306 37.93 7.62 22.93
N GLY C 307 39.09 7.17 22.47
CA GLY C 307 39.96 6.27 23.23
C GLY C 307 39.48 4.83 23.35
N ALA C 308 38.31 4.52 22.80
CA ALA C 308 37.63 3.25 23.05
C ALA C 308 37.93 2.13 22.04
N CYS C 309 38.72 2.44 21.01
CA CYS C 309 39.14 1.42 20.04
C CYS C 309 40.63 1.61 19.85
N SER C 310 41.40 0.53 20.00
CA SER C 310 42.86 0.65 19.88
C SER C 310 43.50 -0.68 19.51
N ASN C 311 44.74 -0.61 19.04
CA ASN C 311 45.46 -1.81 18.56
C ASN C 311 44.65 -2.57 17.51
N TRP C 312 44.44 -1.95 16.36
CA TRP C 312 43.78 -2.60 15.22
C TRP C 312 44.79 -2.78 14.10
N LYS C 313 44.54 -3.79 13.25
CA LYS C 313 45.36 -4.01 12.07
C LYS C 313 44.45 -4.48 10.94
N TRP C 314 44.30 -3.64 9.92
CA TRP C 314 43.46 -3.95 8.78
C TRP C 314 44.34 -3.96 7.56
N SER C 315 44.26 -5.04 6.78
CA SER C 315 44.98 -5.12 5.51
C SER C 315 44.22 -5.97 4.51
N GLY C 316 44.43 -5.67 3.23
CA GLY C 316 43.76 -6.38 2.14
C GLY C 316 42.25 -6.22 2.24
N VAL C 317 41.82 -5.08 2.75
CA VAL C 317 40.39 -4.79 2.85
C VAL C 317 40.00 -4.07 1.56
N SER C 318 39.03 -4.63 0.84
CA SER C 318 38.57 -4.01 -0.40
C SER C 318 37.05 -4.16 -0.54
N VAL C 319 36.33 -3.18 0.00
CA VAL C 319 34.86 -3.21 0.04
C VAL C 319 34.37 -2.02 -0.77
N THR C 320 33.63 -2.29 -1.84
CA THR C 320 33.31 -1.27 -2.83
C THR C 320 31.86 -1.38 -3.31
N GLY C 321 31.37 -0.29 -3.91
CA GLY C 321 30.03 -0.25 -4.45
C GLY C 321 29.09 0.67 -3.70
N GLY C 322 29.29 0.81 -2.39
CA GLY C 322 28.38 1.63 -1.57
C GLY C 322 28.83 3.07 -1.44
N LYS C 323 28.07 3.86 -0.67
CA LYS C 323 28.44 5.23 -0.27
C LYS C 323 29.62 5.16 0.71
N LYS C 324 30.38 6.25 0.79
CA LYS C 324 31.42 6.39 1.79
C LYS C 324 30.89 7.25 2.94
N SER C 325 30.95 6.70 4.15
CA SER C 325 30.44 7.35 5.36
C SER C 325 31.14 8.67 5.68
N THR C 326 30.35 9.72 5.92
CA THR C 326 30.89 11.00 6.41
C THR C 326 30.85 11.01 7.94
N LYS C 327 30.45 9.89 8.52
CA LYS C 327 30.07 9.84 9.95
C LYS C 327 30.97 8.98 10.84
N CYS C 328 32.11 8.51 10.33
CA CYS C 328 32.98 7.69 11.14
C CYS C 328 33.66 8.51 12.23
N SER C 329 34.01 7.87 13.35
CA SER C 329 34.63 8.59 14.47
C SER C 329 35.73 7.79 15.14
N ASN C 330 36.84 8.46 15.42
CA ASN C 330 37.91 7.91 16.27
C ASN C 330 38.45 6.57 15.79
N ILE C 331 38.67 6.48 14.48
CA ILE C 331 39.24 5.27 13.91
C ILE C 331 40.68 5.15 14.40
N PRO C 332 41.04 3.97 14.96
CA PRO C 332 42.44 3.81 15.41
C PRO C 332 43.47 4.25 14.37
N SER C 333 44.27 5.24 14.74
CA SER C 333 45.21 5.84 13.80
C SER C 333 46.34 4.87 13.44
N GLY C 334 46.71 4.88 12.15
CA GLY C 334 47.78 4.02 11.62
C GLY C 334 47.47 2.53 11.56
N SER C 335 46.21 2.17 11.79
CA SER C 335 45.78 0.77 11.82
C SER C 335 45.51 0.18 10.44
N GLY C 336 45.39 1.04 9.43
CA GLY C 336 44.98 0.65 8.09
C GLY C 336 43.47 0.69 7.90
N ALA C 337 42.73 0.88 8.99
CA ALA C 337 41.26 1.00 8.93
C ALA C 337 40.86 2.36 8.35
N ALA C 338 39.85 2.37 7.48
CA ALA C 338 39.43 3.58 6.80
C ALA C 338 37.97 3.46 6.38
N CYS C 339 37.26 4.57 6.39
CA CYS C 339 35.89 4.59 5.87
C CYS C 339 35.88 5.00 4.41
N ALA D 1 56.38 32.80 -28.23
CA ALA D 1 56.96 32.70 -29.61
C ALA D 1 55.90 32.41 -30.67
N SER D 2 56.24 32.70 -31.93
CA SER D 2 55.35 32.42 -33.05
C SER D 2 55.76 31.13 -33.76
N CYS D 3 54.84 30.17 -33.84
CA CYS D 3 55.14 28.82 -34.33
C CYS D 3 54.26 28.34 -35.47
N THR D 4 54.87 27.70 -36.46
CA THR D 4 54.13 27.07 -37.54
C THR D 4 54.46 25.60 -37.60
N PHE D 5 53.42 24.76 -37.57
CA PHE D 5 53.57 23.33 -37.63
C PHE D 5 52.84 22.72 -38.82
N THR D 6 53.48 21.72 -39.42
CA THR D 6 52.90 20.97 -40.52
C THR D 6 52.67 19.50 -40.13
N ASP D 7 52.99 19.13 -38.89
CA ASP D 7 52.63 17.81 -38.35
C ASP D 7 52.06 17.91 -36.94
N ALA D 8 51.17 16.97 -36.62
CA ALA D 8 50.41 16.99 -35.38
C ALA D 8 51.30 16.82 -34.16
N ALA D 9 52.25 15.89 -34.24
CA ALA D 9 53.09 15.53 -33.10
C ALA D 9 53.96 16.71 -32.67
N ALA D 10 54.56 17.40 -33.63
CA ALA D 10 55.35 18.61 -33.37
C ALA D 10 54.49 19.73 -32.75
N ALA D 11 53.27 19.93 -33.28
CA ALA D 11 52.33 20.91 -32.72
C ALA D 11 51.95 20.61 -31.26
N ILE D 12 51.64 19.35 -30.98
CA ILE D 12 51.30 18.95 -29.61
C ILE D 12 52.48 19.11 -28.66
N LYS D 13 53.68 18.76 -29.13
CA LYS D 13 54.87 18.83 -28.31
C LYS D 13 55.23 20.28 -27.97
N GLY D 14 55.08 21.18 -28.95
CA GLY D 14 55.57 22.56 -28.83
C GLY D 14 54.58 23.64 -28.43
N LYS D 15 53.30 23.29 -28.34
CA LYS D 15 52.22 24.27 -28.13
C LYS D 15 52.41 25.24 -26.96
N ALA D 16 52.87 24.74 -25.81
CA ALA D 16 53.02 25.58 -24.62
C ALA D 16 54.18 26.58 -24.70
N SER D 17 55.07 26.40 -25.68
CA SER D 17 56.17 27.34 -25.94
C SER D 17 55.80 28.42 -26.96
N CYS D 18 54.53 28.45 -27.35
CA CYS D 18 54.08 29.28 -28.47
C CYS D 18 52.93 30.18 -28.03
N THR D 19 53.06 31.47 -28.32
CA THR D 19 51.99 32.44 -28.05
C THR D 19 51.08 32.56 -29.28
N SER D 20 51.61 32.20 -30.43
CA SER D 20 50.77 32.08 -31.62
C SER D 20 51.18 30.85 -32.41
N ILE D 21 50.19 30.04 -32.74
CA ILE D 21 50.38 28.75 -33.39
C ILE D 21 49.67 28.74 -34.74
N ILE D 22 50.39 28.37 -35.79
CA ILE D 22 49.77 28.11 -37.09
C ILE D 22 49.78 26.61 -37.34
N LEU D 23 48.58 26.06 -37.56
CA LEU D 23 48.40 24.65 -37.91
C LEU D 23 48.18 24.58 -39.42
N ASN D 24 49.26 24.26 -40.12
CA ASN D 24 49.25 24.34 -41.58
C ASN D 24 49.16 22.98 -42.29
N GLY D 25 47.97 22.68 -42.80
CA GLY D 25 47.77 21.51 -43.66
C GLY D 25 48.07 20.18 -42.95
N ILE D 26 47.87 20.15 -41.64
CA ILE D 26 48.23 18.99 -40.85
C ILE D 26 47.36 17.78 -41.18
N VAL D 27 48.00 16.64 -41.41
CA VAL D 27 47.29 15.36 -41.50
C VAL D 27 47.39 14.69 -40.12
N VAL D 28 46.27 14.65 -39.41
CA VAL D 28 46.28 14.15 -38.03
C VAL D 28 46.28 12.62 -38.09
N PRO D 29 47.30 11.96 -37.49
CA PRO D 29 47.39 10.51 -37.62
C PRO D 29 46.12 9.81 -37.16
N ALA D 30 45.76 8.75 -37.87
CA ALA D 30 44.60 7.92 -37.55
C ALA D 30 44.54 7.58 -36.07
N GLY D 31 43.38 7.80 -35.46
CA GLY D 31 43.14 7.34 -34.09
C GLY D 31 43.76 8.25 -33.03
N THR D 32 44.20 9.44 -33.45
CA THR D 32 44.83 10.39 -32.52
C THR D 32 44.08 11.72 -32.53
N THR D 33 44.22 12.48 -31.43
CA THR D 33 43.63 13.80 -31.33
C THR D 33 44.67 14.87 -31.68
N LEU D 34 44.26 15.84 -32.50
CA LEU D 34 45.04 17.08 -32.64
C LEU D 34 44.85 17.85 -31.33
N ASP D 35 45.75 17.55 -30.38
CA ASP D 35 45.57 17.91 -28.98
C ASP D 35 46.13 19.32 -28.68
N MET D 36 45.24 20.30 -28.72
CA MET D 36 45.56 21.67 -28.39
C MET D 36 44.97 22.06 -27.02
N THR D 37 44.93 21.09 -26.11
CA THR D 37 44.53 21.39 -24.73
C THR D 37 45.73 21.94 -23.98
N GLY D 38 45.47 22.67 -22.89
CA GLY D 38 46.53 23.16 -22.01
C GLY D 38 47.35 24.25 -22.66
N LEU D 39 46.69 25.06 -23.49
CA LEU D 39 47.37 26.19 -24.13
C LEU D 39 47.67 27.30 -23.12
N LYS D 40 48.82 27.94 -23.28
CA LYS D 40 49.18 29.07 -22.46
C LYS D 40 48.15 30.17 -22.67
N SER D 41 47.79 30.86 -21.58
CA SER D 41 46.79 31.92 -21.64
C SER D 41 47.17 32.99 -22.67
N GLY D 42 46.21 33.38 -23.52
CA GLY D 42 46.48 34.38 -24.57
C GLY D 42 46.95 33.84 -25.91
N THR D 43 47.00 32.51 -26.05
CA THR D 43 47.45 31.90 -27.30
C THR D 43 46.41 32.06 -28.43
N THR D 44 46.91 32.42 -29.59
CA THR D 44 46.16 32.39 -30.83
C THR D 44 46.53 31.19 -31.69
N VAL D 45 45.52 30.47 -32.16
CA VAL D 45 45.74 29.32 -33.02
C VAL D 45 45.02 29.50 -34.35
N THR D 46 45.76 29.33 -35.45
CA THR D 46 45.23 29.53 -36.78
C THR D 46 45.37 28.29 -37.65
N PHE D 47 44.23 27.81 -38.14
CA PHE D 47 44.21 26.78 -39.14
C PHE D 47 44.49 27.34 -40.53
N GLN D 48 45.44 26.73 -41.20
CA GLN D 48 45.76 27.07 -42.59
C GLN D 48 45.70 25.83 -43.45
N GLY D 49 45.45 26.01 -44.74
CA GLY D 49 45.45 24.89 -45.67
C GLY D 49 44.34 23.92 -45.33
N LYS D 50 44.52 22.65 -45.71
CA LYS D 50 43.51 21.64 -45.47
C LYS D 50 43.93 20.67 -44.37
N THR D 51 43.21 20.70 -43.25
CA THR D 51 43.43 19.75 -42.18
C THR D 51 42.63 18.49 -42.48
N THR D 52 43.28 17.33 -42.35
CA THR D 52 42.62 16.04 -42.57
C THR D 52 43.00 15.07 -41.46
N PHE D 53 42.35 13.90 -41.47
CA PHE D 53 42.48 12.92 -40.39
C PHE D 53 42.61 11.53 -40.95
N GLY D 54 43.50 10.74 -40.38
CA GLY D 54 43.60 9.33 -40.74
C GLY D 54 42.34 8.59 -40.29
N TYR D 55 42.04 7.49 -40.95
CA TYR D 55 40.85 6.71 -40.62
C TYR D 55 41.14 5.67 -39.55
N LYS D 56 40.35 5.73 -38.48
CA LYS D 56 40.28 4.67 -37.50
C LYS D 56 38.86 4.68 -36.95
N GLU D 57 38.34 3.51 -36.60
CA GLU D 57 37.06 3.44 -35.95
C GLU D 57 37.32 3.56 -34.44
N TRP D 58 37.08 4.77 -33.92
CA TRP D 58 37.36 5.10 -32.52
C TRP D 58 36.47 6.27 -32.12
N GLU D 59 36.51 6.66 -30.86
CA GLU D 59 35.55 7.64 -30.33
C GLU D 59 35.94 9.12 -30.42
N GLY D 60 37.19 9.39 -30.79
CA GLY D 60 37.68 10.77 -30.87
C GLY D 60 38.08 11.31 -29.50
N PRO D 61 38.23 12.64 -29.38
CA PRO D 61 37.95 13.62 -30.43
C PRO D 61 39.05 13.76 -31.45
N LEU D 62 38.69 14.21 -32.64
CA LEU D 62 39.66 14.49 -33.69
C LEU D 62 40.51 15.72 -33.34
N ILE D 63 39.87 16.71 -32.69
CA ILE D 63 40.56 17.94 -32.27
C ILE D 63 40.08 18.32 -30.87
N SER D 64 41.00 18.82 -30.04
CA SER D 64 40.64 19.25 -28.71
C SER D 64 41.36 20.56 -28.38
N PHE D 65 40.65 21.54 -27.84
CA PHE D 65 41.24 22.81 -27.39
C PHE D 65 40.81 23.11 -25.94
N SER D 66 41.73 23.67 -25.15
CA SER D 66 41.36 24.22 -23.85
C SER D 66 42.35 25.31 -23.43
N GLY D 67 41.91 26.19 -22.53
CA GLY D 67 42.74 27.28 -22.04
C GLY D 67 41.94 28.56 -21.84
N THR D 68 42.65 29.61 -21.47
CA THR D 68 42.02 30.91 -21.17
C THR D 68 42.53 31.95 -22.18
N ASN D 69 41.65 32.85 -22.60
CA ASN D 69 41.98 33.91 -23.56
CA ASN D 69 41.98 33.90 -23.57
C ASN D 69 42.56 33.32 -24.85
N ILE D 70 41.92 32.28 -25.34
CA ILE D 70 42.37 31.59 -26.54
C ILE D 70 41.56 32.08 -27.73
N ASN D 71 42.25 32.36 -28.83
CA ASN D 71 41.58 32.62 -30.10
C ASN D 71 41.88 31.55 -31.12
N ILE D 72 40.81 30.95 -31.64
CA ILE D 72 40.93 29.86 -32.60
C ILE D 72 40.31 30.35 -33.91
N ASN D 73 41.16 30.57 -34.91
CA ASN D 73 40.75 31.17 -36.19
C ASN D 73 41.06 30.31 -37.40
N GLY D 74 40.40 30.62 -38.51
CA GLY D 74 40.73 29.96 -39.78
C GLY D 74 41.24 30.97 -40.77
N ALA D 75 42.39 30.68 -41.36
CA ALA D 75 42.95 31.54 -42.42
C ALA D 75 42.10 31.46 -43.69
N SER D 76 42.35 32.40 -44.60
CA SER D 76 41.65 32.40 -45.88
C SER D 76 41.98 31.13 -46.66
N GLY D 77 40.94 30.49 -47.18
CA GLY D 77 41.10 29.28 -47.96
C GLY D 77 41.25 27.99 -47.17
N HIS D 78 41.30 28.08 -45.84
CA HIS D 78 41.50 26.90 -45.01
C HIS D 78 40.24 26.04 -45.01
N SER D 79 40.41 24.76 -44.69
CA SER D 79 39.28 23.89 -44.43
C SER D 79 39.73 22.83 -43.47
N ILE D 80 38.79 22.27 -42.73
CA ILE D 80 39.04 21.09 -41.90
C ILE D 80 38.09 20.03 -42.45
N ASP D 81 38.64 19.13 -43.24
CA ASP D 81 37.84 18.14 -43.95
C ASP D 81 38.02 16.79 -43.30
N CYS D 82 36.99 16.39 -42.56
CA CYS D 82 37.03 15.12 -41.84
C CYS D 82 36.79 13.90 -42.71
N GLN D 83 36.36 14.11 -43.96
CA GLN D 83 36.09 13.00 -44.89
C GLN D 83 35.23 11.92 -44.20
N GLY D 84 34.15 12.36 -43.55
CA GLY D 84 33.33 11.50 -42.70
C GLY D 84 32.65 10.35 -43.41
N SER D 85 32.54 10.44 -44.74
CA SER D 85 31.94 9.37 -45.52
C SER D 85 32.72 8.04 -45.39
N ARG D 86 33.95 8.11 -44.89
CA ARG D 86 34.70 6.88 -44.61
C ARG D 86 33.99 6.07 -43.49
N TRP D 87 33.40 6.79 -42.53
CA TRP D 87 32.65 6.17 -41.44
C TRP D 87 31.15 6.04 -41.70
N TRP D 88 30.57 7.01 -42.42
CA TRP D 88 29.09 7.06 -42.52
C TRP D 88 28.53 5.70 -42.98
N ASP D 89 27.52 5.21 -42.27
CA ASP D 89 26.95 3.89 -42.55
C ASP D 89 25.44 3.84 -42.26
N SER D 90 24.81 5.01 -42.30
CA SER D 90 23.38 5.18 -42.02
C SER D 90 22.99 4.83 -40.57
N LYS D 91 23.96 4.74 -39.66
CA LYS D 91 23.70 4.36 -38.27
C LYS D 91 24.22 5.36 -37.24
N GLY D 92 25.16 6.21 -37.66
CA GLY D 92 25.65 7.32 -36.82
C GLY D 92 26.26 6.89 -35.51
N SER D 93 25.86 7.54 -34.42
CA SER D 93 26.47 7.24 -33.14
C SER D 93 25.69 6.19 -32.32
N ASN D 94 24.68 5.58 -32.94
CA ASN D 94 23.85 4.60 -32.27
C ASN D 94 23.99 3.18 -32.78
N GLY D 95 24.83 2.98 -33.80
CA GLY D 95 25.07 1.65 -34.32
C GLY D 95 26.22 1.65 -35.31
N GLY D 96 26.46 0.46 -35.87
CA GLY D 96 27.49 0.26 -36.87
C GLY D 96 28.89 0.56 -36.35
N LYS D 97 29.66 1.23 -37.18
CA LYS D 97 31.03 1.60 -36.86
C LYS D 97 31.12 2.57 -35.70
N THR D 98 32.16 2.40 -34.89
CA THR D 98 32.53 3.42 -33.90
C THR D 98 33.10 4.62 -34.66
N LYS D 99 32.56 5.80 -34.39
CA LYS D 99 32.88 7.00 -35.16
C LYS D 99 33.33 8.12 -34.23
N PRO D 100 34.40 8.85 -34.61
CA PRO D 100 34.94 9.87 -33.69
C PRO D 100 34.23 11.21 -33.68
N LYS D 101 33.95 11.69 -32.47
CA LYS D 101 33.51 13.07 -32.26
C LYS D 101 34.57 14.02 -32.84
N PHE D 102 34.15 15.19 -33.31
CA PHE D 102 35.06 16.04 -34.09
C PHE D 102 35.89 16.99 -33.21
N PHE D 103 35.25 18.00 -32.63
CA PHE D 103 35.97 19.10 -32.01
C PHE D 103 35.48 19.27 -30.57
N TYR D 104 36.37 19.06 -29.61
CA TYR D 104 36.06 19.29 -28.21
C TYR D 104 36.51 20.70 -27.85
N ALA D 105 35.54 21.62 -27.82
CA ALA D 105 35.73 22.96 -27.27
C ALA D 105 35.40 22.91 -25.79
N HIS D 106 36.31 22.31 -25.02
CA HIS D 106 36.09 22.02 -23.61
C HIS D 106 37.02 22.83 -22.73
N SER D 107 36.49 23.39 -21.64
CA SER D 107 37.31 24.15 -20.68
C SER D 107 38.06 25.30 -21.36
N LEU D 108 37.34 25.98 -22.24
CA LEU D 108 37.79 27.25 -22.81
C LEU D 108 37.12 28.39 -22.03
N LYS D 109 37.91 29.36 -21.61
CA LYS D 109 37.43 30.48 -20.80
C LYS D 109 37.82 31.76 -21.51
N SER D 110 36.86 32.68 -21.63
CA SER D 110 37.09 34.00 -22.24
C SER D 110 37.80 33.83 -23.58
N SER D 111 37.26 32.94 -24.40
CA SER D 111 37.90 32.54 -25.63
C SER D 111 36.95 32.73 -26.80
N ASN D 112 37.49 32.61 -28.00
CA ASN D 112 36.71 32.76 -29.23
C ASN D 112 37.15 31.77 -30.27
N ILE D 113 36.16 31.24 -30.99
CA ILE D 113 36.36 30.45 -32.20
C ILE D 113 35.78 31.28 -33.35
N LYS D 114 36.57 31.48 -34.41
CA LYS D 114 36.14 32.36 -35.50
C LYS D 114 36.44 31.76 -36.88
N GLY D 115 35.40 31.66 -37.70
CA GLY D 115 35.55 31.42 -39.13
C GLY D 115 35.98 30.02 -39.54
N LEU D 116 35.87 29.05 -38.65
CA LEU D 116 36.28 27.68 -39.01
C LEU D 116 35.39 27.10 -40.09
N ASN D 117 36.03 26.44 -41.04
CA ASN D 117 35.38 25.89 -42.21
C ASN D 117 35.46 24.36 -42.17
N VAL D 118 34.37 23.72 -41.73
CA VAL D 118 34.41 22.31 -41.38
C VAL D 118 33.58 21.52 -42.38
N LEU D 119 34.13 20.43 -42.90
CA LEU D 119 33.41 19.59 -43.87
C LEU D 119 33.33 18.15 -43.40
N ASN D 120 32.14 17.57 -43.53
CA ASN D 120 31.96 16.12 -43.46
C ASN D 120 32.44 15.47 -42.16
N THR D 121 31.96 15.95 -41.01
CA THR D 121 32.29 15.32 -39.72
C THR D 121 31.71 13.89 -39.71
N PRO D 122 32.45 12.91 -39.13
CA PRO D 122 31.95 11.53 -39.02
C PRO D 122 30.60 11.46 -38.27
N VAL D 123 30.51 12.17 -37.15
CA VAL D 123 29.28 12.27 -36.35
C VAL D 123 29.21 13.72 -35.85
N GLN D 124 29.08 13.94 -34.54
CA GLN D 124 28.84 15.28 -34.00
C GLN D 124 30.05 16.17 -34.26
N ALA D 125 29.79 17.46 -34.52
CA ALA D 125 30.85 18.40 -34.88
C ALA D 125 31.41 19.06 -33.62
N PHE D 126 30.82 20.16 -33.16
CA PHE D 126 31.37 20.86 -31.97
C PHE D 126 30.72 20.44 -30.68
N SER D 127 31.52 19.93 -29.76
CA SER D 127 31.07 19.68 -28.41
C SER D 127 31.63 20.83 -27.56
N ILE D 128 30.71 21.60 -26.99
CA ILE D 128 31.05 22.71 -26.13
C ILE D 128 30.69 22.27 -24.71
N ASN D 129 31.71 22.15 -23.87
CA ASN D 129 31.50 21.66 -22.52
C ASN D 129 32.46 22.36 -21.59
N SER D 130 31.94 22.76 -20.42
CA SER D 130 32.71 23.48 -19.40
C SER D 130 33.39 24.73 -19.97
N ALA D 131 32.69 25.41 -20.86
CA ALA D 131 33.12 26.67 -21.44
C ALA D 131 32.61 27.80 -20.57
N THR D 132 33.43 28.85 -20.41
CA THR D 132 33.00 30.04 -19.67
C THR D 132 33.31 31.28 -20.50
N THR D 133 32.27 31.85 -21.10
CA THR D 133 32.41 33.01 -22.00
C THR D 133 33.16 32.61 -23.26
N LEU D 134 32.43 31.96 -24.17
CA LEU D 134 33.01 31.49 -25.40
C LEU D 134 32.22 32.04 -26.57
N GLY D 135 32.91 32.76 -27.44
CA GLY D 135 32.35 33.23 -28.70
C GLY D 135 32.61 32.22 -29.80
N VAL D 136 31.58 31.96 -30.61
CA VAL D 136 31.71 31.04 -31.75
C VAL D 136 31.14 31.75 -32.97
N TYR D 137 32.01 32.35 -33.77
CA TYR D 137 31.59 33.28 -34.83
C TYR D 137 31.83 32.76 -36.23
N ASP D 138 30.80 32.81 -37.07
CA ASP D 138 30.94 32.62 -38.53
C ASP D 138 31.53 31.27 -38.90
N VAL D 139 31.16 30.27 -38.10
CA VAL D 139 31.58 28.89 -38.33
C VAL D 139 30.70 28.29 -39.41
N ILE D 140 31.33 27.61 -40.36
CA ILE D 140 30.62 26.89 -41.40
C ILE D 140 30.79 25.39 -41.14
N ILE D 141 29.67 24.69 -41.11
CA ILE D 141 29.71 23.23 -40.98
C ILE D 141 28.94 22.67 -42.17
N ASP D 142 29.68 22.10 -43.10
CA ASP D 142 29.05 21.53 -44.27
C ASP D 142 29.13 20.01 -44.23
N ASN D 143 28.05 19.41 -43.72
CA ASN D 143 27.82 17.96 -43.75
C ASN D 143 26.72 17.57 -44.75
N SER D 144 26.41 18.47 -45.68
CA SER D 144 25.37 18.21 -46.71
C SER D 144 25.55 16.90 -47.47
N ALA D 145 26.80 16.48 -47.67
CA ALA D 145 27.11 15.22 -48.36
C ALA D 145 26.56 14.02 -47.60
N GLY D 146 26.34 14.19 -46.30
CA GLY D 146 25.70 13.16 -45.45
C GLY D 146 24.31 12.72 -45.87
N ASP D 147 23.56 13.60 -46.54
CA ASP D 147 22.18 13.29 -46.96
C ASP D 147 22.09 12.10 -47.92
N SER D 148 23.10 11.98 -48.77
CA SER D 148 23.18 10.92 -49.76
C SER D 148 24.40 10.02 -49.58
N ALA D 149 25.06 10.10 -48.43
CA ALA D 149 26.19 9.19 -48.15
C ALA D 149 26.13 8.57 -46.76
N GLY D 150 24.94 8.56 -46.16
CA GLY D 150 24.69 7.83 -44.93
C GLY D 150 24.97 8.56 -43.63
N GLY D 151 25.02 9.89 -43.67
CA GLY D 151 25.28 10.71 -42.49
C GLY D 151 24.14 10.69 -41.48
N HIS D 152 24.51 10.56 -40.20
CA HIS D 152 23.57 10.45 -39.10
CA HIS D 152 23.53 10.60 -39.12
C HIS D 152 24.23 11.06 -37.85
N ASN D 153 23.45 11.70 -36.97
CA ASN D 153 24.00 12.24 -35.69
C ASN D 153 25.15 13.22 -35.91
N THR D 154 25.03 14.01 -36.97
CA THR D 154 26.04 15.00 -37.37
C THR D 154 25.70 16.38 -36.79
N ASP D 155 25.37 16.42 -35.50
CA ASP D 155 25.02 17.66 -34.78
C ASP D 155 26.08 18.72 -34.99
N ALA D 156 25.65 19.97 -35.13
CA ALA D 156 26.59 21.07 -35.33
C ALA D 156 27.18 21.57 -34.01
N PHE D 157 26.32 21.95 -33.06
CA PHE D 157 26.78 22.47 -31.78
C PHE D 157 26.02 21.79 -30.65
N ASP D 158 26.74 21.04 -29.82
CA ASP D 158 26.16 20.42 -28.63
C ASP D 158 26.73 21.15 -27.43
N VAL D 159 25.86 21.68 -26.60
CA VAL D 159 26.30 22.50 -25.47
C VAL D 159 25.90 21.85 -24.14
N GLY D 160 26.86 21.72 -23.22
CA GLY D 160 26.60 21.21 -21.87
C GLY D 160 27.50 21.89 -20.86
N SER D 161 27.02 22.00 -19.61
CA SER D 161 27.79 22.53 -18.47
C SER D 161 28.66 23.73 -18.83
N SER D 162 28.05 24.70 -19.49
CA SER D 162 28.77 25.86 -19.97
C SER D 162 28.02 27.12 -19.56
N THR D 163 28.73 28.25 -19.52
CA THR D 163 28.09 29.55 -19.31
C THR D 163 28.61 30.57 -20.31
N GLY D 164 27.76 31.51 -20.70
CA GLY D 164 28.17 32.59 -21.58
C GLY D 164 28.67 32.16 -22.95
N VAL D 165 27.98 31.21 -23.56
CA VAL D 165 28.33 30.73 -24.88
C VAL D 165 27.52 31.54 -25.89
N TYR D 166 28.21 32.09 -26.90
CA TYR D 166 27.59 32.99 -27.87
C TYR D 166 27.97 32.54 -29.27
N ILE D 167 27.04 31.87 -29.93
CA ILE D 167 27.21 31.39 -31.31
C ILE D 167 26.47 32.31 -32.26
N SER D 168 27.23 32.89 -33.20
CA SER D 168 26.70 33.94 -34.07
C SER D 168 27.10 33.65 -35.51
N GLY D 169 26.13 33.73 -36.40
CA GLY D 169 26.44 33.61 -37.82
C GLY D 169 26.84 32.23 -38.32
N ALA D 170 26.48 31.18 -37.59
CA ALA D 170 26.73 29.81 -38.04
C ALA D 170 26.01 29.51 -39.35
N ASN D 171 26.65 28.73 -40.21
CA ASN D 171 25.99 28.18 -41.38
C ASN D 171 26.14 26.66 -41.35
N VAL D 172 25.02 25.98 -41.18
CA VAL D 172 25.03 24.54 -40.92
C VAL D 172 24.21 23.77 -41.97
N LYS D 173 24.81 22.72 -42.50
CA LYS D 173 24.13 21.73 -43.35
C LYS D 173 24.45 20.36 -42.75
N ASN D 174 23.44 19.68 -42.20
CA ASN D 174 23.69 18.39 -41.53
C ASN D 174 22.48 17.45 -41.47
N GLN D 175 22.53 16.47 -40.58
CA GLN D 175 21.50 15.43 -40.49
C GLN D 175 20.94 15.27 -39.07
N ASP D 176 21.25 16.21 -38.19
CA ASP D 176 20.76 16.17 -36.81
C ASP D 176 20.67 17.61 -36.30
N ASP D 177 20.61 17.79 -34.98
CA ASP D 177 20.45 19.13 -34.41
C ASP D 177 21.44 20.14 -34.97
N CYS D 178 20.93 21.29 -35.41
CA CYS D 178 21.77 22.45 -35.64
C CYS D 178 22.38 22.92 -34.31
N LEU D 179 21.56 22.90 -33.26
CA LEU D 179 21.98 23.25 -31.90
C LEU D 179 21.27 22.28 -30.96
N ALA D 180 22.01 21.74 -29.99
CA ALA D 180 21.39 20.99 -28.90
C ALA D 180 21.99 21.51 -27.59
N ILE D 181 21.17 22.19 -26.80
CA ILE D 181 21.61 22.64 -25.49
C ILE D 181 21.13 21.63 -24.45
N ASN D 182 22.05 20.78 -23.99
CA ASN D 182 21.70 19.79 -22.96
C ASN D 182 21.68 20.40 -21.56
N SER D 183 22.51 21.41 -21.34
CA SER D 183 22.55 22.19 -20.10
C SER D 183 23.39 23.44 -20.34
N GLY D 184 23.21 24.45 -19.51
CA GLY D 184 23.98 25.68 -19.67
C GLY D 184 23.23 26.91 -19.23
N THR D 185 23.99 27.97 -18.96
CA THR D 185 23.44 29.25 -18.52
C THR D 185 23.96 30.35 -19.41
N ASN D 186 23.08 31.25 -19.82
CA ASN D 186 23.43 32.35 -20.69
C ASN D 186 24.03 31.81 -22.00
N ILE D 187 23.21 31.11 -22.77
CA ILE D 187 23.63 30.54 -24.04
C ILE D 187 22.86 31.28 -25.12
N THR D 188 23.57 31.69 -26.17
CA THR D 188 22.97 32.41 -27.29
C THR D 188 23.34 31.76 -28.61
N PHE D 189 22.34 31.57 -29.47
CA PHE D 189 22.55 31.19 -30.86
C PHE D 189 21.82 32.24 -31.68
N THR D 190 22.55 32.95 -32.53
CA THR D 190 21.93 34.05 -33.27
C THR D 190 22.54 34.21 -34.67
N GLY D 191 21.74 34.74 -35.59
CA GLY D 191 22.17 35.01 -36.97
C GLY D 191 22.54 33.76 -37.76
N GLY D 192 21.94 32.62 -37.41
CA GLY D 192 22.31 31.36 -38.04
C GLY D 192 21.43 30.90 -39.18
N THR D 193 21.99 30.02 -40.01
CA THR D 193 21.24 29.31 -41.03
C THR D 193 21.44 27.81 -40.79
N CYS D 194 20.33 27.11 -40.63
CA CYS D 194 20.35 25.68 -40.32
C CYS D 194 19.62 24.95 -41.43
N SER D 195 20.30 24.04 -42.11
CA SER D 195 19.68 23.30 -43.21
C SER D 195 19.84 21.78 -43.04
N GLY D 196 18.79 21.04 -43.41
CA GLY D 196 18.89 19.57 -43.51
C GLY D 196 18.74 18.79 -42.22
N GLY D 197 18.90 19.47 -41.10
CA GLY D 197 19.02 18.82 -39.78
C GLY D 197 17.73 18.71 -38.98
N HIS D 198 17.85 18.77 -37.66
CA HIS D 198 16.70 18.57 -36.78
C HIS D 198 16.25 19.81 -36.00
N GLY D 199 16.78 20.97 -36.37
CA GLY D 199 16.36 22.24 -35.82
C GLY D 199 17.23 22.81 -34.72
N LEU D 200 16.68 23.79 -34.02
CA LEU D 200 17.37 24.50 -32.95
C LEU D 200 16.77 24.04 -31.63
N SER D 201 17.51 23.20 -30.93
CA SER D 201 16.92 22.42 -29.83
C SER D 201 17.48 22.74 -28.45
N ILE D 202 16.56 22.84 -27.50
CA ILE D 202 16.91 22.69 -26.11
C ILE D 202 16.72 21.21 -25.77
N GLY D 203 17.77 20.58 -25.25
CA GLY D 203 17.69 19.20 -24.83
C GLY D 203 18.36 18.23 -25.77
N SER D 204 18.22 16.93 -25.52
CA SER D 204 17.44 16.40 -24.39
C SER D 204 17.93 16.91 -23.04
N VAL D 205 17.01 17.30 -22.15
CA VAL D 205 17.38 17.76 -20.83
C VAL D 205 16.95 16.69 -19.83
N GLY D 206 17.92 16.27 -19.01
CA GLY D 206 17.67 15.25 -18.00
C GLY D 206 18.54 14.01 -18.19
N GLY D 207 18.73 13.28 -17.09
CA GLY D 207 19.47 12.02 -17.13
C GLY D 207 20.98 12.15 -17.25
N ARG D 208 21.48 13.39 -17.21
CA ARG D 208 22.91 13.66 -17.29
C ARG D 208 23.44 14.18 -15.96
N SER D 209 24.73 14.49 -15.92
CA SER D 209 25.34 15.08 -14.72
C SER D 209 24.84 16.50 -14.49
N ASP D 210 24.53 17.21 -15.58
CA ASP D 210 24.01 18.57 -15.55
C ASP D 210 22.71 18.58 -16.36
N ASN D 211 21.63 19.00 -15.69
CA ASN D 211 20.31 19.02 -16.33
C ASN D 211 19.62 20.38 -16.19
N THR D 212 20.40 21.45 -16.11
CA THR D 212 19.88 22.79 -15.91
C THR D 212 20.17 23.67 -17.11
N VAL D 213 19.11 24.16 -17.75
CA VAL D 213 19.22 25.13 -18.84
C VAL D 213 18.59 26.42 -18.29
N LYS D 214 19.35 27.51 -18.30
CA LYS D 214 18.86 28.78 -17.76
C LYS D 214 19.34 29.95 -18.60
N THR D 215 18.42 30.81 -19.04
CA THR D 215 18.74 32.03 -19.81
C THR D 215 19.35 31.71 -21.16
N VAL D 216 18.48 31.53 -22.15
CA VAL D 216 18.89 31.18 -23.50
C VAL D 216 18.20 32.12 -24.46
N THR D 217 18.96 32.61 -25.44
CA THR D 217 18.38 33.36 -26.56
C THR D 217 18.79 32.64 -27.84
N ILE D 218 17.79 32.24 -28.61
CA ILE D 218 17.98 31.69 -29.92
C ILE D 218 17.15 32.54 -30.86
N SER D 219 17.83 33.26 -31.74
CA SER D 219 17.16 34.40 -32.40
C SER D 219 17.68 34.65 -33.79
N ASN D 220 16.87 35.30 -34.61
CA ASN D 220 17.29 35.87 -35.88
C ASN D 220 18.01 34.83 -36.74
N SER D 221 17.37 33.68 -36.86
CA SER D 221 17.94 32.53 -37.55
C SER D 221 16.93 31.91 -38.49
N LYS D 222 17.44 31.18 -39.50
CA LYS D 222 16.57 30.48 -40.44
C LYS D 222 16.82 28.99 -40.40
N ILE D 223 15.72 28.24 -40.40
CA ILE D 223 15.74 26.80 -40.41
C ILE D 223 15.01 26.36 -41.67
N VAL D 224 15.71 25.62 -42.52
CA VAL D 224 15.20 25.28 -43.83
C VAL D 224 15.41 23.79 -44.05
N ASN D 225 14.43 23.15 -44.72
CA ASN D 225 14.54 21.75 -45.07
C ASN D 225 15.05 20.87 -43.93
N SER D 226 14.42 21.02 -42.75
CA SER D 226 14.82 20.36 -41.51
C SER D 226 13.62 19.61 -40.92
N ASP D 227 13.87 18.63 -40.05
CA ASP D 227 12.80 17.83 -39.42
C ASP D 227 11.97 18.69 -38.47
N ASN D 228 12.64 19.54 -37.69
CA ASN D 228 11.99 20.39 -36.69
C ASN D 228 12.46 21.83 -36.80
N GLY D 229 11.67 22.76 -36.27
CA GLY D 229 12.10 24.14 -36.22
C GLY D 229 12.60 24.44 -34.82
N VAL D 230 11.72 25.00 -33.99
CA VAL D 230 11.97 25.23 -32.58
C VAL D 230 11.68 23.93 -31.83
N ARG D 231 12.63 23.42 -31.07
CA ARG D 231 12.43 22.17 -30.33
C ARG D 231 12.92 22.21 -28.89
N ILE D 232 12.09 21.71 -27.98
CA ILE D 232 12.52 21.50 -26.60
C ILE D 232 12.14 20.08 -26.24
N LYS D 233 13.11 19.30 -25.77
CA LYS D 233 12.84 17.94 -25.32
C LYS D 233 13.42 17.73 -23.94
N THR D 234 12.64 17.12 -23.07
CA THR D 234 13.15 16.76 -21.76
C THR D 234 12.96 15.26 -21.53
N VAL D 235 13.78 14.68 -20.67
CA VAL D 235 13.83 13.24 -20.47
C VAL D 235 12.77 12.72 -19.51
N SER D 236 12.04 11.70 -19.96
CA SER D 236 11.03 11.00 -19.15
C SER D 236 11.62 10.50 -17.81
N GLY D 237 11.02 10.92 -16.70
CA GLY D 237 11.48 10.46 -15.38
C GLY D 237 12.66 11.22 -14.80
N ALA D 238 13.25 12.12 -15.60
CA ALA D 238 14.44 12.87 -15.17
C ALA D 238 14.10 14.06 -14.28
N THR D 239 15.14 14.60 -13.67
CA THR D 239 15.06 15.82 -12.89
C THR D 239 15.95 16.88 -13.56
N GLY D 240 15.48 18.12 -13.57
CA GLY D 240 16.26 19.23 -14.09
C GLY D 240 15.35 20.41 -14.28
N SER D 241 15.76 21.36 -15.11
CA SER D 241 14.90 22.49 -15.42
C SER D 241 15.31 23.23 -16.68
N VAL D 242 14.32 23.80 -17.37
CA VAL D 242 14.55 24.66 -18.51
C VAL D 242 13.83 25.97 -18.20
N SER D 243 14.59 27.06 -17.96
CA SER D 243 13.95 28.34 -17.65
C SER D 243 14.60 29.52 -18.36
N GLY D 244 13.78 30.55 -18.62
CA GLY D 244 14.25 31.76 -19.25
C GLY D 244 14.77 31.53 -20.67
N VAL D 245 14.05 30.76 -21.45
CA VAL D 245 14.40 30.52 -22.86
C VAL D 245 13.58 31.43 -23.75
N THR D 246 14.25 32.08 -24.70
CA THR D 246 13.59 32.92 -25.67
C THR D 246 14.00 32.48 -27.07
N TYR D 247 13.01 32.12 -27.87
CA TYR D 247 13.18 32.00 -29.33
C TYR D 247 12.52 33.21 -29.97
N SER D 248 13.25 33.93 -30.81
CA SER D 248 12.66 35.11 -31.46
C SER D 248 13.22 35.34 -32.84
N GLY D 249 12.37 35.79 -33.75
CA GLY D 249 12.79 36.04 -35.12
C GLY D 249 13.34 34.79 -35.79
N ILE D 250 12.59 33.71 -35.69
CA ILE D 250 12.97 32.46 -36.35
C ILE D 250 12.08 32.24 -37.56
N THR D 251 12.70 32.08 -38.72
CA THR D 251 11.97 31.79 -39.94
C THR D 251 12.15 30.32 -40.30
N LEU D 252 11.06 29.68 -40.69
CA LEU D 252 11.02 28.25 -40.96
C LEU D 252 10.61 28.03 -42.41
N SER D 253 11.23 27.07 -43.07
CA SER D 253 10.89 26.77 -44.45
C SER D 253 10.98 25.27 -44.71
N ASN D 254 9.86 24.68 -45.11
CA ASN D 254 9.80 23.26 -45.46
C ASN D 254 10.27 22.37 -44.30
N ILE D 255 9.63 22.55 -43.15
CA ILE D 255 9.89 21.70 -41.98
C ILE D 255 9.08 20.41 -42.11
N ALA D 256 9.75 19.27 -41.98
CA ALA D 256 9.13 17.98 -42.29
C ALA D 256 8.24 17.40 -41.20
N LYS D 257 8.65 17.53 -39.94
CA LYS D 257 7.96 16.86 -38.82
CA LYS D 257 7.97 16.87 -38.82
C LYS D 257 7.18 17.83 -37.93
N TYR D 258 7.87 18.80 -37.32
CA TYR D 258 7.21 19.78 -36.43
C TYR D 258 7.78 21.17 -36.61
N GLY D 259 6.93 22.15 -36.88
CA GLY D 259 7.33 23.56 -36.87
C GLY D 259 7.89 23.92 -35.50
N ILE D 260 7.06 23.71 -34.47
CA ILE D 260 7.47 23.87 -33.07
C ILE D 260 7.09 22.58 -32.35
N VAL D 261 8.03 22.04 -31.59
CA VAL D 261 7.78 20.86 -30.77
C VAL D 261 8.39 21.03 -29.37
N ILE D 262 7.54 20.88 -28.37
CA ILE D 262 7.96 20.93 -26.98
C ILE D 262 7.38 19.69 -26.31
N GLU D 263 8.25 18.81 -25.84
CA GLU D 263 7.76 17.58 -25.23
C GLU D 263 8.63 17.05 -24.08
N GLN D 264 7.95 16.49 -23.08
CA GLN D 264 8.60 16.08 -21.85
C GLN D 264 8.59 14.56 -21.67
N ASP D 265 8.73 13.84 -22.78
CA ASP D 265 8.50 12.40 -22.77
C ASP D 265 9.61 11.60 -23.48
N TYR D 266 10.84 12.09 -23.44
CA TYR D 266 11.93 11.38 -24.09
C TYR D 266 12.55 10.28 -23.25
N GLU D 267 12.59 9.08 -23.82
CA GLU D 267 13.17 7.93 -23.14
C GLU D 267 14.05 7.19 -24.12
N ASN D 268 15.34 7.11 -23.79
CA ASN D 268 16.37 6.51 -24.68
C ASN D 268 16.41 7.16 -26.07
N GLY D 269 16.09 8.46 -26.11
CA GLY D 269 16.17 9.22 -27.36
C GLY D 269 14.92 9.18 -28.21
N SER D 270 13.87 8.52 -27.74
CA SER D 270 12.58 8.54 -28.44
C SER D 270 11.35 8.83 -27.54
N PRO D 271 10.35 9.58 -28.06
CA PRO D 271 9.13 9.92 -27.33
C PRO D 271 8.25 8.73 -26.93
N THR D 272 7.71 8.77 -25.71
CA THR D 272 6.85 7.71 -25.22
C THR D 272 5.37 8.05 -25.37
N GLY D 273 5.09 9.32 -25.66
CA GLY D 273 3.72 9.83 -25.67
C GLY D 273 3.19 10.21 -24.29
N THR D 274 3.97 9.93 -23.25
CA THR D 274 3.57 10.24 -21.88
C THR D 274 4.60 11.17 -21.24
N PRO D 275 4.25 12.46 -21.03
CA PRO D 275 5.23 13.36 -20.44
C PRO D 275 5.32 13.17 -18.93
N THR D 276 6.47 13.52 -18.37
CA THR D 276 6.67 13.49 -16.93
C THR D 276 7.00 14.90 -16.49
N ASN D 277 6.94 15.16 -15.18
CA ASN D 277 6.96 16.52 -14.64
C ASN D 277 8.26 16.99 -13.95
N GLY D 278 9.32 16.20 -14.07
CA GLY D 278 10.55 16.45 -13.32
C GLY D 278 11.52 17.46 -13.94
N VAL D 279 11.25 17.85 -15.18
CA VAL D 279 12.04 18.89 -15.84
C VAL D 279 11.10 20.02 -16.29
N PRO D 280 10.66 20.87 -15.35
CA PRO D 280 9.73 21.95 -15.72
C PRO D 280 10.30 22.91 -16.76
N ILE D 281 9.43 23.34 -17.68
CA ILE D 281 9.79 24.36 -18.66
C ILE D 281 9.05 25.66 -18.29
N THR D 282 9.80 26.64 -17.78
CA THR D 282 9.21 27.86 -17.28
C THR D 282 9.86 29.09 -17.88
N GLY D 283 9.15 30.21 -17.93
CA GLY D 283 9.68 31.44 -18.53
C GLY D 283 10.11 31.24 -19.97
N LEU D 284 9.25 30.59 -20.76
CA LEU D 284 9.51 30.37 -22.17
C LEU D 284 8.83 31.45 -23.00
N THR D 285 9.62 32.16 -23.79
CA THR D 285 9.09 33.15 -24.73
C THR D 285 9.38 32.75 -26.18
N LEU D 286 8.32 32.72 -27.00
CA LEU D 286 8.44 32.67 -28.46
C LEU D 286 7.85 33.95 -29.05
N SER D 287 8.63 34.58 -29.92
CA SER D 287 8.26 35.84 -30.51
C SER D 287 8.68 35.80 -31.99
N LYS D 288 7.73 36.08 -32.87
CA LYS D 288 8.00 36.13 -34.32
C LYS D 288 8.64 34.84 -34.84
N ILE D 289 7.87 33.76 -34.71
CA ILE D 289 8.27 32.47 -35.22
C ILE D 289 7.32 32.18 -36.37
N THR D 290 7.85 32.19 -37.59
CA THR D 290 7.00 32.14 -38.79
C THR D 290 7.56 31.17 -39.85
N GLY D 291 6.67 30.60 -40.65
CA GLY D 291 7.13 29.81 -41.79
C GLY D 291 6.28 28.59 -42.07
N SER D 292 6.85 27.69 -42.87
CA SER D 292 6.08 26.61 -43.49
C SER D 292 6.46 25.22 -42.97
N VAL D 293 5.44 24.41 -42.75
CA VAL D 293 5.61 22.99 -42.46
C VAL D 293 5.08 22.20 -43.66
N ALA D 294 5.76 21.13 -44.02
CA ALA D 294 5.30 20.21 -45.06
C ALA D 294 3.91 19.68 -44.71
N SER D 295 3.11 19.38 -45.73
CA SER D 295 1.71 18.98 -45.51
C SER D 295 1.58 17.70 -44.68
N SER D 296 2.62 16.87 -44.73
CA SER D 296 2.63 15.61 -43.97
C SER D 296 3.19 15.80 -42.56
N GLY D 297 3.67 17.01 -42.27
CA GLY D 297 4.14 17.34 -40.92
C GLY D 297 3.05 17.95 -40.06
N THR D 298 3.44 18.37 -38.87
CA THR D 298 2.53 18.97 -37.88
C THR D 298 3.07 20.34 -37.52
N ASN D 299 2.20 21.34 -37.52
CA ASN D 299 2.58 22.71 -37.19
C ASN D 299 3.23 22.88 -35.82
N VAL D 300 2.49 22.49 -34.78
CA VAL D 300 2.90 22.71 -33.39
C VAL D 300 2.48 21.50 -32.56
N TYR D 301 3.41 20.97 -31.78
CA TYR D 301 3.13 19.89 -30.84
C TYR D 301 3.68 20.28 -29.47
N ILE D 302 2.79 20.41 -28.49
CA ILE D 302 3.18 20.75 -27.11
C ILE D 302 2.68 19.63 -26.20
N LEU D 303 3.61 18.83 -25.67
CA LEU D 303 3.27 17.72 -24.78
C LEU D 303 3.88 17.94 -23.40
N CYS D 304 3.23 18.78 -22.60
CA CYS D 304 3.64 19.11 -21.24
C CYS D 304 2.91 18.19 -20.29
N ALA D 305 3.60 17.76 -19.24
CA ALA D 305 2.99 17.08 -18.11
C ALA D 305 2.16 18.10 -17.32
N SER D 306 1.22 17.61 -16.52
CA SER D 306 0.38 18.46 -15.67
C SER D 306 1.26 19.27 -14.74
N GLY D 307 1.07 20.58 -14.74
CA GLY D 307 1.78 21.47 -13.86
C GLY D 307 3.20 21.81 -14.29
N ALA D 308 3.72 21.13 -15.32
CA ALA D 308 5.17 21.13 -15.60
C ALA D 308 5.65 22.14 -16.63
N CYS D 309 4.71 22.90 -17.19
CA CYS D 309 5.07 24.06 -18.01
C CYS D 309 4.29 25.27 -17.49
N SER D 310 4.98 26.38 -17.27
CA SER D 310 4.31 27.57 -16.73
C SER D 310 5.08 28.84 -17.03
N ASN D 311 4.39 29.97 -16.94
CA ASN D 311 4.95 31.28 -17.30
C ASN D 311 5.51 31.29 -18.72
N TRP D 312 4.65 31.13 -19.70
CA TRP D 312 5.04 31.26 -21.10
C TRP D 312 4.41 32.48 -21.71
N LYS D 313 5.09 33.00 -22.73
CA LYS D 313 4.57 34.08 -23.53
C LYS D 313 4.88 33.82 -24.99
N TRP D 314 3.84 33.60 -25.79
CA TRP D 314 3.98 33.44 -27.24
C TRP D 314 3.23 34.53 -27.97
N SER D 315 3.88 35.14 -28.96
CA SER D 315 3.24 36.16 -29.82
C SER D 315 3.90 36.15 -31.20
N GLY D 316 3.15 36.53 -32.23
CA GLY D 316 3.69 36.57 -33.59
C GLY D 316 4.11 35.21 -34.10
N VAL D 317 3.47 34.16 -33.57
CA VAL D 317 3.71 32.80 -34.04
C VAL D 317 2.76 32.48 -35.20
N SER D 318 3.32 32.23 -36.37
CA SER D 318 2.51 31.82 -37.52
CA SER D 318 2.50 31.82 -37.53
C SER D 318 3.20 30.73 -38.33
N VAL D 319 2.94 29.49 -37.93
CA VAL D 319 3.53 28.31 -38.52
C VAL D 319 2.39 27.58 -39.21
N THR D 320 2.45 27.47 -40.53
CA THR D 320 1.37 26.89 -41.31
C THR D 320 1.84 25.89 -42.35
N GLY D 321 0.89 25.09 -42.86
CA GLY D 321 1.15 24.17 -43.95
C GLY D 321 1.02 22.72 -43.55
N GLY D 322 1.24 22.42 -42.28
CA GLY D 322 1.13 21.06 -41.77
C GLY D 322 -0.21 20.77 -41.08
N LYS D 323 -0.28 19.58 -40.49
CA LYS D 323 -1.43 19.13 -39.72
C LYS D 323 -1.54 19.90 -38.42
N LYS D 324 -2.78 20.13 -37.98
CA LYS D 324 -3.03 20.71 -36.68
C LYS D 324 -3.08 19.54 -35.68
N SER D 325 -2.17 19.55 -34.71
CA SER D 325 -2.11 18.49 -33.72
C SER D 325 -3.39 18.43 -32.86
N THR D 326 -3.85 17.20 -32.63
CA THR D 326 -4.93 16.91 -31.70
C THR D 326 -4.38 16.27 -30.40
N LYS D 327 -3.05 16.24 -30.26
CA LYS D 327 -2.43 15.49 -29.16
C LYS D 327 -1.71 16.37 -28.13
N CYS D 328 -1.91 17.68 -28.23
CA CYS D 328 -1.25 18.59 -27.28
C CYS D 328 -1.84 18.45 -25.89
N SER D 329 -1.01 18.67 -24.87
CA SER D 329 -1.46 18.54 -23.49
C SER D 329 -0.89 19.63 -22.58
N ASN D 330 -1.78 20.18 -21.76
CA ASN D 330 -1.40 21.06 -20.64
C ASN D 330 -0.57 22.27 -21.05
N ILE D 331 -0.97 22.90 -22.15
CA ILE D 331 -0.35 24.14 -22.63
C ILE D 331 -0.64 25.24 -21.62
N PRO D 332 0.41 25.97 -21.16
CA PRO D 332 0.20 27.07 -20.21
C PRO D 332 -0.93 28.02 -20.63
N SER D 333 -1.96 28.09 -19.79
CA SER D 333 -3.15 28.86 -20.13
C SER D 333 -2.88 30.35 -20.10
N GLY D 334 -3.48 31.06 -21.04
CA GLY D 334 -3.28 32.50 -21.16
C GLY D 334 -1.96 32.91 -21.79
N SER D 335 -1.11 31.93 -22.12
CA SER D 335 0.25 32.21 -22.64
C SER D 335 0.31 32.74 -24.09
N GLY D 336 -0.74 32.49 -24.86
CA GLY D 336 -0.72 32.74 -26.31
C GLY D 336 -0.29 31.50 -27.07
N ALA D 337 0.21 30.49 -26.38
CA ALA D 337 0.65 29.25 -27.02
C ALA D 337 -0.55 28.43 -27.46
N ALA D 338 -0.48 27.91 -28.70
CA ALA D 338 -1.56 27.11 -29.26
C ALA D 338 -1.05 26.12 -30.27
N CYS D 339 -1.69 24.96 -30.34
CA CYS D 339 -1.39 23.98 -31.37
C CYS D 339 -2.22 24.25 -32.62
N ALA E 1 -9.72 -40.37 -3.12
CA ALA E 1 -9.15 -39.94 -1.82
C ALA E 1 -7.96 -40.81 -1.43
N SER E 2 -6.95 -40.22 -0.79
CA SER E 2 -5.80 -40.96 -0.27
C SER E 2 -6.26 -42.10 0.63
N CYS E 3 -7.30 -41.84 1.43
CA CYS E 3 -7.75 -42.76 2.48
C CYS E 3 -9.26 -42.67 2.66
N THR E 4 -9.91 -43.83 2.64
CA THR E 4 -11.32 -43.94 2.94
C THR E 4 -11.43 -44.86 4.16
N PHE E 5 -12.10 -44.38 5.20
CA PHE E 5 -12.25 -45.15 6.43
C PHE E 5 -13.71 -45.40 6.73
N THR E 6 -14.02 -46.61 7.22
CA THR E 6 -15.36 -46.91 7.74
C THR E 6 -15.25 -47.19 9.24
N ASP E 7 -14.05 -47.00 9.77
CA ASP E 7 -13.74 -47.31 11.16
C ASP E 7 -13.09 -46.09 11.79
N ALA E 8 -13.66 -45.64 12.91
CA ALA E 8 -13.17 -44.42 13.56
C ALA E 8 -11.72 -44.54 14.04
N ALA E 9 -11.41 -45.62 14.75
CA ALA E 9 -10.05 -45.80 15.28
C ALA E 9 -9.02 -45.82 14.14
N ALA E 10 -9.35 -46.49 13.02
CA ALA E 10 -8.44 -46.54 11.87
C ALA E 10 -8.21 -45.13 11.30
N ALA E 11 -9.29 -44.38 11.16
CA ALA E 11 -9.21 -43.00 10.67
C ALA E 11 -8.31 -42.14 11.56
N ILE E 12 -8.50 -42.24 12.88
CA ILE E 12 -7.71 -41.48 13.84
C ILE E 12 -6.21 -41.86 13.71
N LYS E 13 -5.93 -43.14 13.55
CA LYS E 13 -4.56 -43.61 13.45
C LYS E 13 -3.86 -43.06 12.21
N GLY E 14 -4.56 -43.10 11.08
CA GLY E 14 -3.90 -42.83 9.80
C GLY E 14 -4.00 -41.41 9.31
N LYS E 15 -4.87 -40.62 9.93
CA LYS E 15 -5.29 -39.29 9.40
C LYS E 15 -4.14 -38.40 8.88
N ALA E 16 -3.03 -38.35 9.62
CA ALA E 16 -1.97 -37.40 9.32
C ALA E 16 -1.11 -37.82 8.12
N SER E 17 -1.36 -39.02 7.59
CA SER E 17 -0.64 -39.48 6.42
C SER E 17 -1.50 -39.32 5.17
N CYS E 18 -2.72 -38.83 5.34
CA CYS E 18 -3.68 -38.76 4.24
C CYS E 18 -3.90 -37.32 3.80
N THR E 19 -3.63 -37.05 2.53
CA THR E 19 -3.89 -35.70 1.98
C THR E 19 -5.38 -35.47 1.72
N SER E 20 -6.11 -36.55 1.43
CA SER E 20 -7.56 -36.50 1.33
C SER E 20 -8.16 -37.71 2.04
N ILE E 21 -9.21 -37.44 2.81
CA ILE E 21 -9.82 -38.46 3.64
C ILE E 21 -11.31 -38.50 3.33
N ILE E 22 -11.82 -39.71 3.12
CA ILE E 22 -13.27 -39.92 3.16
C ILE E 22 -13.62 -40.71 4.42
N LEU E 23 -14.54 -40.13 5.20
CA LEU E 23 -15.08 -40.79 6.37
C LEU E 23 -16.44 -41.36 5.91
N ASN E 24 -16.48 -42.67 5.66
CA ASN E 24 -17.60 -43.31 4.98
C ASN E 24 -18.48 -44.13 5.92
N GLY E 25 -19.60 -43.54 6.33
CA GLY E 25 -20.58 -44.24 7.15
C GLY E 25 -20.07 -44.74 8.49
N ILE E 26 -19.17 -43.98 9.10
CA ILE E 26 -18.54 -44.43 10.35
C ILE E 26 -19.52 -44.44 11.52
N VAL E 27 -19.60 -45.58 12.18
CA VAL E 27 -20.22 -45.66 13.49
C VAL E 27 -19.15 -45.41 14.54
N VAL E 28 -19.24 -44.26 15.18
CA VAL E 28 -18.19 -43.82 16.10
C VAL E 28 -18.45 -44.48 17.47
N PRO E 29 -17.47 -45.24 17.98
CA PRO E 29 -17.71 -45.98 19.23
C PRO E 29 -18.22 -45.09 20.36
N ALA E 30 -19.18 -45.58 21.11
CA ALA E 30 -19.74 -44.86 22.25
C ALA E 30 -18.66 -44.28 23.16
N GLY E 31 -18.84 -43.02 23.55
CA GLY E 31 -17.95 -42.37 24.49
C GLY E 31 -16.59 -41.97 23.93
N THR E 32 -16.43 -42.01 22.60
CA THR E 32 -15.17 -41.60 21.96
C THR E 32 -15.39 -40.51 20.90
N THR E 33 -14.32 -39.76 20.61
CA THR E 33 -14.36 -38.66 19.66
C THR E 33 -13.89 -39.16 18.31
N LEU E 34 -14.61 -38.82 17.23
CA LEU E 34 -14.07 -38.96 15.88
C LEU E 34 -13.04 -37.85 15.74
N ASP E 35 -11.82 -38.18 16.16
CA ASP E 35 -10.79 -37.20 16.44
C ASP E 35 -9.97 -36.91 15.17
N MET E 36 -10.36 -35.85 14.49
CA MET E 36 -9.68 -35.38 13.28
C MET E 36 -8.86 -34.13 13.55
N THR E 37 -8.33 -34.00 14.78
CA THR E 37 -7.39 -32.95 15.10
C THR E 37 -6.05 -33.27 14.50
N GLY E 38 -5.23 -32.23 14.33
CA GLY E 38 -3.83 -32.37 13.97
C GLY E 38 -3.65 -32.91 12.57
N LEU E 39 -4.51 -32.48 11.66
CA LEU E 39 -4.43 -32.88 10.24
C LEU E 39 -3.27 -32.17 9.54
N LYS E 40 -2.75 -32.82 8.51
CA LYS E 40 -1.71 -32.22 7.70
C LYS E 40 -2.28 -31.00 6.97
N SER E 41 -1.50 -29.93 6.87
CA SER E 41 -1.97 -28.72 6.19
C SER E 41 -2.43 -29.07 4.78
N GLY E 42 -3.61 -28.58 4.36
CA GLY E 42 -4.12 -28.83 3.00
C GLY E 42 -5.01 -30.05 2.82
N THR E 43 -5.28 -30.75 3.92
CA THR E 43 -6.09 -31.96 3.90
C THR E 43 -7.57 -31.65 3.66
N THR E 44 -8.14 -32.38 2.73
CA THR E 44 -9.56 -32.43 2.50
C THR E 44 -10.21 -33.65 3.16
N VAL E 45 -11.26 -33.41 3.92
CA VAL E 45 -12.01 -34.46 4.59
C VAL E 45 -13.47 -34.44 4.17
N THR E 46 -13.95 -35.56 3.69
CA THR E 46 -15.29 -35.66 3.16
C THR E 46 -16.13 -36.71 3.90
N PHE E 47 -17.25 -36.27 4.44
CA PHE E 47 -18.26 -37.17 4.98
C PHE E 47 -19.10 -37.82 3.90
N GLN E 48 -19.21 -39.13 3.97
CA GLN E 48 -20.02 -39.89 3.05
C GLN E 48 -20.92 -40.80 3.86
N GLY E 49 -22.08 -41.15 3.31
CA GLY E 49 -23.01 -42.06 3.98
C GLY E 49 -23.53 -41.44 5.26
N LYS E 50 -23.89 -42.30 6.20
CA LYS E 50 -24.49 -41.86 7.44
C LYS E 50 -23.53 -42.08 8.58
N THR E 51 -23.07 -40.99 9.19
CA THR E 51 -22.21 -41.05 10.38
C THR E 51 -23.13 -41.12 11.60
N THR E 52 -22.85 -42.07 12.50
CA THR E 52 -23.62 -42.24 13.74
C THR E 52 -22.65 -42.40 14.91
N PHE E 53 -23.20 -42.43 16.12
CA PHE E 53 -22.40 -42.44 17.35
C PHE E 53 -23.02 -43.38 18.37
N GLY E 54 -22.18 -44.20 19.00
CA GLY E 54 -22.68 -45.08 20.05
C GLY E 54 -23.13 -44.25 21.24
N TYR E 55 -24.01 -44.84 22.06
CA TYR E 55 -24.55 -44.12 23.20
C TYR E 55 -23.68 -44.24 24.43
N LYS E 56 -23.31 -43.09 24.97
CA LYS E 56 -22.75 -43.00 26.30
C LYS E 56 -23.08 -41.64 26.84
N GLU E 57 -23.31 -41.55 28.14
CA GLU E 57 -23.53 -40.26 28.79
C GLU E 57 -22.18 -39.65 29.18
N TRP E 58 -21.68 -38.73 28.35
CA TRP E 58 -20.35 -38.16 28.49
C TRP E 58 -20.33 -36.79 27.84
N GLU E 59 -19.23 -36.05 27.99
CA GLU E 59 -19.22 -34.63 27.58
C GLU E 59 -18.83 -34.35 26.14
N GLY E 60 -18.34 -35.37 25.46
CA GLY E 60 -17.89 -35.19 24.07
C GLY E 60 -16.50 -34.57 24.02
N PRO E 61 -16.10 -34.04 22.84
CA PRO E 61 -16.94 -33.91 21.66
C PRO E 61 -17.09 -35.22 20.86
N LEU E 62 -18.15 -35.28 20.07
CA LEU E 62 -18.37 -36.39 19.17
C LEU E 62 -17.44 -36.35 17.98
N ILE E 63 -17.16 -35.11 17.51
CA ILE E 63 -16.27 -34.88 16.38
C ILE E 63 -15.35 -33.68 16.71
N SER E 64 -14.09 -33.76 16.31
CA SER E 64 -13.16 -32.64 16.50
CA SER E 64 -13.15 -32.65 16.51
C SER E 64 -12.23 -32.52 15.31
N PHE E 65 -12.05 -31.30 14.80
CA PHE E 65 -11.14 -31.02 13.67
C PHE E 65 -10.20 -29.90 14.02
N SER E 66 -8.95 -30.00 13.57
CA SER E 66 -8.03 -28.87 13.65
C SER E 66 -6.98 -28.98 12.55
N GLY E 67 -6.34 -27.86 12.26
CA GLY E 67 -5.32 -27.82 11.23
C GLY E 67 -5.46 -26.57 10.37
N THR E 68 -4.59 -26.46 9.37
CA THR E 68 -4.51 -25.30 8.48
C THR E 68 -4.86 -25.69 7.04
N ASN E 69 -5.60 -24.84 6.33
CA ASN E 69 -6.00 -25.14 4.94
CA ASN E 69 -6.03 -25.13 4.95
C ASN E 69 -6.79 -26.45 4.85
N ILE E 70 -7.68 -26.65 5.80
CA ILE E 70 -8.51 -27.85 5.88
C ILE E 70 -9.84 -27.57 5.19
N ASN E 71 -10.28 -28.46 4.32
CA ASN E 71 -11.62 -28.38 3.77
C ASN E 71 -12.41 -29.57 4.24
N ILE E 72 -13.52 -29.32 4.91
CA ILE E 72 -14.36 -30.37 5.49
C ILE E 72 -15.70 -30.28 4.79
N ASN E 73 -16.02 -31.31 4.02
CA ASN E 73 -17.27 -31.26 3.26
CA ASN E 73 -17.17 -31.31 3.12
C ASN E 73 -18.08 -32.54 3.32
N GLY E 74 -19.26 -32.50 2.72
CA GLY E 74 -20.17 -33.65 2.76
C GLY E 74 -20.54 -34.09 1.36
N ALA E 75 -20.43 -35.39 1.11
CA ALA E 75 -20.80 -35.96 -0.18
C ALA E 75 -22.30 -35.87 -0.39
N SER E 76 -22.70 -35.92 -1.66
CA SER E 76 -24.10 -36.07 -2.00
C SER E 76 -24.74 -37.19 -1.18
N GLY E 77 -25.83 -36.88 -0.50
CA GLY E 77 -26.62 -37.88 0.24
C GLY E 77 -26.13 -38.22 1.63
N HIS E 78 -25.00 -37.66 2.06
CA HIS E 78 -24.47 -37.94 3.39
C HIS E 78 -25.33 -37.33 4.51
N SER E 79 -25.18 -37.87 5.72
CA SER E 79 -25.75 -37.26 6.91
C SER E 79 -24.87 -37.60 8.11
N ILE E 80 -24.93 -36.74 9.11
CA ILE E 80 -24.35 -37.00 10.40
C ILE E 80 -25.49 -36.96 11.39
N ASP E 81 -26.00 -38.14 11.73
CA ASP E 81 -27.22 -38.22 12.55
C ASP E 81 -26.80 -38.64 13.95
N CYS E 82 -26.84 -37.70 14.89
CA CYS E 82 -26.37 -37.99 16.25
C CYS E 82 -27.41 -38.69 17.10
N GLN E 83 -28.61 -38.88 16.54
CA GLN E 83 -29.75 -39.50 17.24
CA GLN E 83 -29.69 -39.56 17.24
C GLN E 83 -29.79 -39.02 18.69
N GLY E 84 -29.79 -37.69 18.82
CA GLY E 84 -29.78 -36.98 20.11
C GLY E 84 -30.92 -37.29 21.06
N SER E 85 -32.05 -37.77 20.55
CA SER E 85 -33.17 -38.12 21.45
C SER E 85 -32.81 -39.16 22.51
N ARG E 86 -31.74 -39.92 22.29
CA ARG E 86 -31.26 -40.87 23.29
C ARG E 86 -30.86 -40.18 24.60
N TRP E 87 -30.35 -38.95 24.48
CA TRP E 87 -29.93 -38.14 25.62
C TRP E 87 -31.01 -37.16 26.07
N TRP E 88 -31.74 -36.59 25.10
CA TRP E 88 -32.66 -35.49 25.40
C TRP E 88 -33.58 -35.78 26.59
N ASP E 89 -33.60 -34.87 27.55
CA ASP E 89 -34.37 -35.04 28.76
C ASP E 89 -34.88 -33.70 29.29
N SER E 90 -35.01 -32.72 28.39
CA SER E 90 -35.45 -31.36 28.70
C SER E 90 -34.48 -30.54 29.54
N LYS E 91 -33.30 -31.08 29.86
CA LYS E 91 -32.39 -30.34 30.74
C LYS E 91 -31.07 -29.95 30.09
N GLY E 92 -30.79 -30.52 28.92
CA GLY E 92 -29.64 -30.11 28.09
C GLY E 92 -28.32 -30.22 28.84
N SER E 93 -27.51 -29.17 28.78
CA SER E 93 -26.18 -29.20 29.37
C SER E 93 -26.21 -28.62 30.78
N ASN E 94 -27.42 -28.40 31.32
CA ASN E 94 -27.59 -27.83 32.65
C ASN E 94 -28.22 -28.80 33.68
N GLY E 95 -28.32 -30.07 33.33
CA GLY E 95 -28.82 -31.06 34.28
C GLY E 95 -29.21 -32.35 33.57
N GLY E 96 -29.83 -33.26 34.31
CA GLY E 96 -30.15 -34.58 33.76
C GLY E 96 -28.91 -35.37 33.36
N LYS E 97 -29.03 -36.11 32.26
CA LYS E 97 -27.89 -36.87 31.72
C LYS E 97 -26.75 -35.93 31.31
N THR E 98 -25.53 -36.41 31.50
CA THR E 98 -24.37 -35.84 30.86
C THR E 98 -24.47 -36.08 29.34
N LYS E 99 -24.34 -35.02 28.55
CA LYS E 99 -24.63 -35.08 27.10
C LYS E 99 -23.45 -34.54 26.27
N PRO E 100 -23.07 -35.26 25.21
CA PRO E 100 -21.87 -34.82 24.48
C PRO E 100 -22.06 -33.64 23.52
N LYS E 101 -21.16 -32.67 23.62
CA LYS E 101 -21.01 -31.62 22.59
C LYS E 101 -20.74 -32.30 21.25
N PHE E 102 -21.24 -31.70 20.17
CA PHE E 102 -21.16 -32.35 18.87
C PHE E 102 -19.79 -32.15 18.15
N PHE E 103 -19.52 -30.93 17.69
CA PHE E 103 -18.46 -30.70 16.70
C PHE E 103 -17.55 -29.57 17.18
N TYR E 104 -16.31 -29.93 17.55
CA TYR E 104 -15.29 -28.93 17.89
C TYR E 104 -14.52 -28.52 16.64
N ALA E 105 -14.87 -27.34 16.14
CA ALA E 105 -14.13 -26.70 15.06
C ALA E 105 -13.15 -25.72 15.73
N HIS E 106 -12.10 -26.27 16.32
CA HIS E 106 -11.13 -25.53 17.13
C HIS E 106 -9.79 -25.52 16.43
N SER E 107 -9.10 -24.38 16.47
CA SER E 107 -7.75 -24.26 15.91
C SER E 107 -7.73 -24.65 14.44
N LEU E 108 -8.78 -24.21 13.72
CA LEU E 108 -8.82 -24.29 12.27
C LEU E 108 -8.39 -22.95 11.68
N LYS E 109 -7.43 -23.00 10.77
CA LYS E 109 -6.87 -21.81 10.16
C LYS E 109 -7.03 -21.88 8.65
N SER E 110 -7.54 -20.80 8.05
CA SER E 110 -7.73 -20.72 6.59
C SER E 110 -8.38 -21.99 6.06
N SER E 111 -9.48 -22.35 6.72
CA SER E 111 -10.17 -23.61 6.49
C SER E 111 -11.63 -23.35 6.16
N ASN E 112 -12.29 -24.38 5.64
CA ASN E 112 -13.71 -24.30 5.33
C ASN E 112 -14.45 -25.57 5.72
N ILE E 113 -15.68 -25.38 6.19
CA ILE E 113 -16.64 -26.44 6.42
C ILE E 113 -17.77 -26.15 5.43
N LYS E 114 -18.10 -27.14 4.59
CA LYS E 114 -19.12 -26.92 3.56
C LYS E 114 -20.10 -28.08 3.45
N GLY E 115 -21.38 -27.75 3.55
CA GLY E 115 -22.46 -28.63 3.15
C GLY E 115 -22.81 -29.74 4.12
N LEU E 116 -22.24 -29.72 5.33
CA LEU E 116 -22.52 -30.77 6.32
C LEU E 116 -24.01 -30.80 6.69
N ASN E 117 -24.56 -32.02 6.73
CA ASN E 117 -25.96 -32.27 6.95
C ASN E 117 -26.12 -32.97 8.32
N VAL E 118 -26.41 -32.17 9.35
CA VAL E 118 -26.36 -32.64 10.74
C VAL E 118 -27.76 -32.81 11.29
N LEU E 119 -28.01 -33.92 11.97
CA LEU E 119 -29.31 -34.15 12.58
C LEU E 119 -29.21 -34.52 14.06
N ASN E 120 -30.13 -33.96 14.84
CA ASN E 120 -30.39 -34.41 16.20
C ASN E 120 -29.16 -34.40 17.11
N THR E 121 -28.50 -33.25 17.25
CA THR E 121 -27.34 -33.16 18.16
C THR E 121 -27.83 -33.31 19.59
N PRO E 122 -27.07 -34.03 20.44
CA PRO E 122 -27.47 -34.23 21.84
C PRO E 122 -27.68 -32.89 22.57
N VAL E 123 -26.73 -31.99 22.37
CA VAL E 123 -26.78 -30.63 22.91
C VAL E 123 -26.21 -29.67 21.86
N GLN E 124 -25.23 -28.83 22.22
CA GLN E 124 -24.70 -27.83 21.29
C GLN E 124 -24.10 -28.50 20.06
N ALA E 125 -24.27 -27.87 18.90
CA ALA E 125 -23.81 -28.44 17.63
C ALA E 125 -22.34 -28.04 17.39
N PHE E 126 -22.11 -26.90 16.76
CA PHE E 126 -20.75 -26.46 16.43
C PHE E 126 -20.18 -25.47 17.41
N SER E 127 -19.03 -25.83 17.99
CA SER E 127 -18.23 -24.94 18.79
C SER E 127 -17.07 -24.45 17.92
N ILE E 128 -17.01 -23.15 17.69
CA ILE E 128 -15.91 -22.57 16.93
C ILE E 128 -15.08 -21.79 17.90
N ASN E 129 -13.83 -22.22 18.08
CA ASN E 129 -12.96 -21.59 19.04
C ASN E 129 -11.54 -21.59 18.53
N SER E 130 -10.83 -20.47 18.72
CA SER E 130 -9.45 -20.32 18.27
C SER E 130 -9.32 -20.59 16.77
N ALA E 131 -10.33 -20.18 16.02
CA ALA E 131 -10.30 -20.29 14.56
C ALA E 131 -9.75 -18.98 13.95
N THR E 132 -8.99 -19.11 12.87
CA THR E 132 -8.44 -17.95 12.17
C THR E 132 -8.74 -18.07 10.69
N THR E 133 -9.80 -17.38 10.26
CA THR E 133 -10.34 -17.46 8.89
C THR E 133 -10.93 -18.87 8.64
N LEU E 134 -12.22 -18.98 8.93
CA LEU E 134 -12.97 -20.22 8.77
C LEU E 134 -14.32 -19.94 8.07
N GLY E 135 -14.51 -20.55 6.92
CA GLY E 135 -15.77 -20.43 6.18
C GLY E 135 -16.66 -21.60 6.59
N VAL E 136 -17.94 -21.31 6.80
CA VAL E 136 -18.90 -22.34 7.20
C VAL E 136 -20.11 -22.21 6.30
N TYR E 137 -20.12 -22.97 5.21
CA TYR E 137 -21.09 -22.78 4.13
C TYR E 137 -22.15 -23.87 4.06
N ASP E 138 -23.40 -23.43 3.93
CA ASP E 138 -24.52 -24.31 3.60
C ASP E 138 -24.66 -25.49 4.56
N VAL E 139 -24.33 -25.26 5.82
CA VAL E 139 -24.49 -26.30 6.84
C VAL E 139 -25.96 -26.41 7.25
N ILE E 140 -26.45 -27.65 7.31
CA ILE E 140 -27.80 -27.90 7.79
C ILE E 140 -27.72 -28.51 9.18
N ILE E 141 -28.48 -27.94 10.11
CA ILE E 141 -28.59 -28.53 11.45
C ILE E 141 -30.07 -28.70 11.71
N ASP E 142 -30.53 -29.95 11.67
CA ASP E 142 -31.92 -30.26 11.91
C ASP E 142 -32.11 -30.98 13.25
N ASN E 143 -32.49 -30.20 14.25
CA ASN E 143 -32.86 -30.67 15.59
C ASN E 143 -34.36 -30.46 15.82
N SER E 144 -35.15 -30.34 14.74
CA SER E 144 -36.61 -30.13 14.86
C SER E 144 -37.33 -31.16 15.74
N ALA E 145 -36.87 -32.41 15.71
CA ALA E 145 -37.41 -33.48 16.59
C ALA E 145 -37.28 -33.13 18.08
N GLY E 146 -36.30 -32.28 18.42
CA GLY E 146 -36.07 -31.81 19.79
C GLY E 146 -37.22 -31.02 20.42
N ASP E 147 -38.06 -30.39 19.59
CA ASP E 147 -39.19 -29.59 20.11
C ASP E 147 -40.15 -30.43 20.94
N SER E 148 -40.37 -31.68 20.49
CA SER E 148 -41.31 -32.61 21.13
CA SER E 148 -41.30 -32.60 21.14
C SER E 148 -40.64 -33.81 21.82
N ALA E 149 -39.31 -33.86 21.83
CA ALA E 149 -38.60 -34.98 22.45
C ALA E 149 -37.54 -34.51 23.45
N GLY E 150 -37.66 -33.29 23.96
CA GLY E 150 -36.82 -32.84 25.08
C GLY E 150 -35.49 -32.17 24.75
N GLY E 151 -35.35 -31.68 23.51
CA GLY E 151 -34.12 -30.99 23.09
C GLY E 151 -33.95 -29.68 23.85
N HIS E 152 -32.74 -29.42 24.31
CA HIS E 152 -32.46 -28.24 25.14
C HIS E 152 -30.97 -27.91 25.02
N ASN E 153 -30.64 -26.61 24.96
CA ASN E 153 -29.25 -26.17 24.79
C ASN E 153 -28.66 -26.76 23.50
N THR E 154 -29.47 -26.82 22.46
CA THR E 154 -29.03 -27.35 21.17
C THR E 154 -28.56 -26.22 20.23
N ASP E 155 -27.71 -25.34 20.75
CA ASP E 155 -27.20 -24.18 20.00
C ASP E 155 -26.56 -24.64 18.69
N ALA E 156 -26.78 -23.87 17.62
CA ALA E 156 -26.21 -24.23 16.33
C ALA E 156 -24.74 -23.84 16.16
N PHE E 157 -24.42 -22.56 16.39
CA PHE E 157 -23.05 -22.05 16.22
C PHE E 157 -22.64 -21.20 17.42
N ASP E 158 -21.71 -21.71 18.21
CA ASP E 158 -21.14 -20.96 19.33
CA ASP E 158 -21.13 -20.97 19.33
C ASP E 158 -19.73 -20.52 18.92
N VAL E 159 -19.49 -19.22 18.96
CA VAL E 159 -18.21 -18.65 18.49
C VAL E 159 -17.48 -17.96 19.63
N GLY E 160 -16.22 -18.34 19.84
CA GLY E 160 -15.37 -17.68 20.81
C GLY E 160 -13.94 -17.61 20.33
N SER E 161 -13.24 -16.56 20.76
CA SER E 161 -11.79 -16.41 20.51
C SER E 161 -11.37 -16.75 19.09
N SER E 162 -12.08 -16.20 18.11
CA SER E 162 -11.84 -16.53 16.70
C SER E 162 -11.86 -15.23 15.90
N THR E 163 -11.26 -15.27 14.73
CA THR E 163 -11.28 -14.14 13.81
C THR E 163 -11.64 -14.66 12.43
N GLY E 164 -12.30 -13.82 11.64
CA GLY E 164 -12.58 -14.17 10.26
C GLY E 164 -13.46 -15.39 10.04
N VAL E 165 -14.42 -15.60 10.94
CA VAL E 165 -15.41 -16.65 10.79
C VAL E 165 -16.53 -16.14 9.87
N TYR E 166 -16.84 -16.94 8.85
CA TYR E 166 -17.83 -16.55 7.85
C TYR E 166 -18.85 -17.67 7.68
N ILE E 167 -20.00 -17.51 8.33
CA ILE E 167 -21.06 -18.51 8.27
C ILE E 167 -22.08 -18.03 7.25
N SER E 168 -22.35 -18.87 6.26
CA SER E 168 -23.18 -18.47 5.15
C SER E 168 -24.11 -19.60 4.72
N GLY E 169 -25.38 -19.28 4.50
CA GLY E 169 -26.36 -20.25 4.03
C GLY E 169 -26.77 -21.33 5.01
N ALA E 170 -26.55 -21.10 6.31
CA ALA E 170 -26.92 -22.08 7.35
C ALA E 170 -28.45 -22.27 7.39
N ASN E 171 -28.89 -23.50 7.66
CA ASN E 171 -30.29 -23.74 7.90
C ASN E 171 -30.41 -24.50 9.22
N VAL E 172 -31.05 -23.88 10.20
CA VAL E 172 -31.03 -24.38 11.57
C VAL E 172 -32.44 -24.54 12.06
N LYS E 173 -32.74 -25.71 12.63
CA LYS E 173 -33.97 -25.95 13.36
C LYS E 173 -33.50 -26.50 14.71
N ASN E 174 -33.73 -25.75 15.79
CA ASN E 174 -33.22 -26.14 17.11
C ASN E 174 -34.03 -25.57 18.28
N GLN E 175 -33.44 -25.55 19.47
CA GLN E 175 -34.14 -25.09 20.70
C GLN E 175 -33.33 -24.07 21.48
N ASP E 176 -32.24 -23.58 20.89
CA ASP E 176 -31.42 -22.59 21.55
C ASP E 176 -30.84 -21.63 20.50
N ASP E 177 -29.79 -20.89 20.86
CA ASP E 177 -29.26 -19.88 19.93
C ASP E 177 -28.98 -20.47 18.58
N CYS E 178 -29.43 -19.76 17.54
CA CYS E 178 -28.97 -20.05 16.18
C CYS E 178 -27.48 -19.68 16.05
N LEU E 179 -27.12 -18.52 16.60
CA LEU E 179 -25.75 -18.09 16.69
C LEU E 179 -25.53 -17.50 18.07
N ALA E 180 -24.39 -17.76 18.68
CA ALA E 180 -24.00 -17.09 19.91
C ALA E 180 -22.51 -16.77 19.83
N ILE E 181 -22.22 -15.48 19.73
CA ILE E 181 -20.84 -15.01 19.66
C ILE E 181 -20.47 -14.49 21.05
N ASN E 182 -19.68 -15.27 21.77
CA ASN E 182 -19.22 -14.86 23.10
C ASN E 182 -18.02 -13.94 22.98
N SER E 183 -17.29 -14.07 21.88
CA SER E 183 -16.13 -13.23 21.59
C SER E 183 -15.68 -13.51 20.17
N GLY E 184 -14.95 -12.55 19.60
CA GLY E 184 -14.41 -12.75 18.27
C GLY E 184 -14.34 -11.45 17.50
N THR E 185 -13.56 -11.48 16.42
CA THR E 185 -13.37 -10.31 15.57
C THR E 185 -13.59 -10.72 14.11
N ASN E 186 -14.34 -9.90 13.38
CA ASN E 186 -14.61 -10.14 11.95
C ASN E 186 -15.39 -11.47 11.82
N ILE E 187 -16.58 -11.48 12.41
CA ILE E 187 -17.46 -12.64 12.39
C ILE E 187 -18.67 -12.29 11.54
N THR E 188 -19.02 -13.17 10.62
CA THR E 188 -20.18 -12.96 9.78
C THR E 188 -21.13 -14.16 9.86
N PHE E 189 -22.43 -13.87 9.97
CA PHE E 189 -23.48 -14.84 9.70
C PHE E 189 -24.40 -14.21 8.65
N THR E 190 -24.56 -14.89 7.53
CA THR E 190 -25.32 -14.30 6.44
C THR E 190 -26.10 -15.34 5.65
N GLY E 191 -27.21 -14.92 5.06
CA GLY E 191 -28.00 -15.80 4.19
C GLY E 191 -28.53 -17.06 4.87
N GLY E 192 -28.84 -16.93 6.16
CA GLY E 192 -29.23 -18.07 6.98
C GLY E 192 -30.70 -18.14 7.29
N THR E 193 -31.17 -19.32 7.70
CA THR E 193 -32.53 -19.51 8.21
C THR E 193 -32.43 -20.11 9.60
N CYS E 194 -33.06 -19.45 10.57
CA CYS E 194 -33.05 -19.92 11.96
C CYS E 194 -34.49 -20.18 12.39
N SER E 195 -34.81 -21.43 12.70
CA SER E 195 -36.12 -21.82 13.16
C SER E 195 -36.11 -22.47 14.56
N GLY E 196 -37.07 -22.10 15.40
CA GLY E 196 -37.34 -22.80 16.66
C GLY E 196 -36.49 -22.41 17.85
N GLY E 197 -35.39 -21.71 17.59
CA GLY E 197 -34.37 -21.45 18.62
C GLY E 197 -34.48 -20.10 19.29
N HIS E 198 -33.34 -19.56 19.72
CA HIS E 198 -33.36 -18.33 20.50
C HIS E 198 -32.80 -17.11 19.77
N GLY E 199 -32.60 -17.23 18.46
CA GLY E 199 -32.25 -16.09 17.62
C GLY E 199 -30.79 -15.99 17.27
N LEU E 200 -30.41 -14.80 16.77
CA LEU E 200 -29.06 -14.53 16.31
C LEU E 200 -28.42 -13.62 17.35
N SER E 201 -27.62 -14.21 18.23
CA SER E 201 -27.19 -13.55 19.46
C SER E 201 -25.72 -13.19 19.50
N ILE E 202 -25.46 -11.98 20.01
CA ILE E 202 -24.14 -11.65 20.51
C ILE E 202 -24.21 -11.95 22.00
N GLY E 203 -23.34 -12.83 22.48
CA GLY E 203 -23.26 -13.06 23.91
C GLY E 203 -23.74 -14.45 24.33
N SER E 204 -23.81 -14.70 25.65
CA SER E 204 -23.47 -13.71 26.68
CA SER E 204 -23.47 -13.74 26.70
C SER E 204 -22.00 -13.30 26.60
N VAL E 205 -21.75 -12.00 26.77
CA VAL E 205 -20.39 -11.49 26.74
C VAL E 205 -19.97 -11.12 28.15
N GLY E 206 -18.85 -11.68 28.60
CA GLY E 206 -18.29 -11.38 29.90
C GLY E 206 -17.99 -12.63 30.69
N GLY E 207 -17.07 -12.50 31.65
CA GLY E 207 -16.75 -13.59 32.57
C GLY E 207 -15.73 -14.61 32.07
N ARG E 208 -15.34 -14.53 30.81
CA ARG E 208 -14.42 -15.52 30.18
C ARG E 208 -13.03 -14.97 29.97
N SER E 209 -12.10 -15.78 29.43
CA SER E 209 -10.76 -15.29 29.05
C SER E 209 -10.85 -14.24 27.96
N ASP E 210 -11.90 -14.33 27.15
CA ASP E 210 -12.05 -13.44 26.01
C ASP E 210 -13.47 -12.87 26.00
N ASN E 211 -13.57 -11.55 26.16
CA ASN E 211 -14.87 -10.90 26.21
C ASN E 211 -14.97 -9.77 25.22
N THR E 212 -14.20 -9.88 24.14
CA THR E 212 -14.13 -8.80 23.16
C THR E 212 -14.81 -9.26 21.90
N VAL E 213 -15.89 -8.57 21.54
CA VAL E 213 -16.59 -8.80 20.27
C VAL E 213 -16.40 -7.56 19.40
N LYS E 214 -15.84 -7.75 18.22
CA LYS E 214 -15.58 -6.58 17.36
C LYS E 214 -15.75 -6.92 15.89
N THR E 215 -16.47 -6.04 15.17
CA THR E 215 -16.63 -6.17 13.71
C THR E 215 -17.43 -7.41 13.37
N VAL E 216 -18.75 -7.31 13.47
CA VAL E 216 -19.66 -8.44 13.27
C VAL E 216 -20.72 -8.04 12.25
N THR E 217 -20.97 -8.90 11.28
CA THR E 217 -22.07 -8.67 10.35
C THR E 217 -23.01 -9.85 10.45
N ILE E 218 -24.25 -9.56 10.83
CA ILE E 218 -25.28 -10.58 10.79
C ILE E 218 -26.32 -10.03 9.82
N SER E 219 -26.44 -10.68 8.66
CA SER E 219 -27.22 -10.08 7.57
C SER E 219 -28.03 -11.07 6.76
N ASN E 220 -29.05 -10.54 6.08
CA ASN E 220 -29.77 -11.28 5.05
C ASN E 220 -30.17 -12.67 5.48
N SER E 221 -30.87 -12.70 6.62
CA SER E 221 -31.23 -13.95 7.28
C SER E 221 -32.67 -13.87 7.75
N LYS E 222 -33.26 -15.04 7.94
CA LYS E 222 -34.64 -15.17 8.38
C LYS E 222 -34.66 -15.85 9.75
N ILE E 223 -35.43 -15.29 10.67
CA ILE E 223 -35.64 -15.93 11.97
C ILE E 223 -37.14 -16.19 12.14
N VAL E 224 -37.50 -17.45 12.35
CA VAL E 224 -38.91 -17.86 12.37
C VAL E 224 -39.19 -18.73 13.59
N ASN E 225 -40.37 -18.57 14.19
CA ASN E 225 -40.81 -19.44 15.26
C ASN E 225 -39.70 -19.62 16.29
N SER E 226 -39.13 -18.52 16.75
CA SER E 226 -38.04 -18.50 17.70
C SER E 226 -38.40 -17.60 18.86
N ASP E 227 -37.65 -17.70 19.96
CA ASP E 227 -37.93 -16.86 21.15
C ASP E 227 -37.51 -15.41 20.96
N ASN E 228 -36.37 -15.20 20.31
CA ASN E 228 -35.86 -13.85 20.09
C ASN E 228 -35.46 -13.73 18.64
N GLY E 229 -35.41 -12.50 18.14
CA GLY E 229 -34.83 -12.27 16.82
C GLY E 229 -33.40 -11.79 16.98
N VAL E 230 -33.22 -10.48 17.02
CA VAL E 230 -31.93 -9.86 17.22
C VAL E 230 -31.65 -9.81 18.73
N ARG E 231 -30.53 -10.36 19.17
CA ARG E 231 -30.25 -10.40 20.59
C ARG E 231 -28.79 -10.08 20.92
N ILE E 232 -28.62 -9.16 21.87
CA ILE E 232 -27.30 -8.93 22.46
C ILE E 232 -27.47 -9.04 23.97
N LYS E 233 -26.68 -9.90 24.59
CA LYS E 233 -26.69 -10.06 26.05
C LYS E 233 -25.28 -9.98 26.61
N THR E 234 -25.15 -9.21 27.67
CA THR E 234 -23.87 -9.11 28.38
C THR E 234 -24.06 -9.47 29.84
N VAL E 235 -22.96 -9.86 30.48
CA VAL E 235 -22.99 -10.43 31.83
C VAL E 235 -22.90 -9.32 32.88
N SER E 236 -23.84 -9.38 33.83
CA SER E 236 -23.89 -8.49 34.96
C SER E 236 -22.59 -8.53 35.76
N GLY E 237 -22.01 -7.36 36.02
CA GLY E 237 -20.75 -7.26 36.78
C GLY E 237 -19.51 -7.76 36.05
N ALA E 238 -19.64 -8.04 34.75
CA ALA E 238 -18.50 -8.48 33.94
C ALA E 238 -17.92 -7.35 33.08
N THR E 239 -16.73 -7.58 32.56
CA THR E 239 -16.09 -6.59 31.68
C THR E 239 -15.90 -7.17 30.30
N GLY E 240 -15.94 -6.32 29.30
CA GLY E 240 -15.80 -6.77 27.93
C GLY E 240 -16.19 -5.64 27.00
N SER E 241 -16.34 -5.94 25.71
CA SER E 241 -16.83 -4.93 24.78
C SER E 241 -17.50 -5.60 23.60
N VAL E 242 -18.54 -4.93 23.11
CA VAL E 242 -19.23 -5.30 21.89
C VAL E 242 -19.21 -4.05 21.01
N SER E 243 -18.45 -4.08 19.93
CA SER E 243 -18.33 -2.93 19.05
C SER E 243 -18.34 -3.28 17.56
N GLY E 244 -18.89 -2.38 16.75
CA GLY E 244 -18.89 -2.57 15.29
C GLY E 244 -19.74 -3.75 14.88
N VAL E 245 -20.95 -3.81 15.43
CA VAL E 245 -21.89 -4.87 15.10
C VAL E 245 -22.95 -4.33 14.17
N THR E 246 -23.21 -5.05 13.09
CA THR E 246 -24.29 -4.69 12.20
C THR E 246 -25.24 -5.86 11.97
N TYR E 247 -26.52 -5.65 12.31
CA TYR E 247 -27.58 -6.55 11.86
C TYR E 247 -28.26 -5.84 10.68
N SER E 248 -28.37 -6.53 9.55
CA SER E 248 -29.04 -5.93 8.40
C SER E 248 -29.81 -6.95 7.60
N GLY E 249 -30.98 -6.54 7.10
CA GLY E 249 -31.78 -7.40 6.26
C GLY E 249 -32.18 -8.67 7.00
N ILE E 250 -32.75 -8.51 8.19
CA ILE E 250 -33.22 -9.66 8.99
C ILE E 250 -34.76 -9.62 9.00
N THR E 251 -35.39 -10.70 8.57
CA THR E 251 -36.84 -10.79 8.68
C THR E 251 -37.17 -11.67 9.88
N LEU E 252 -38.19 -11.27 10.63
CA LEU E 252 -38.64 -11.98 11.82
C LEU E 252 -40.03 -12.52 11.62
N SER E 253 -40.30 -13.70 12.15
CA SER E 253 -41.62 -14.27 12.00
C SER E 253 -42.01 -15.10 13.22
N ASN E 254 -43.12 -14.72 13.86
CA ASN E 254 -43.60 -15.43 15.02
CA ASN E 254 -43.60 -15.43 15.04
C ASN E 254 -42.53 -15.51 16.12
N ILE E 255 -41.97 -14.36 16.47
CA ILE E 255 -41.01 -14.31 17.54
C ILE E 255 -41.78 -14.25 18.88
N ALA E 256 -41.45 -15.17 19.79
CA ALA E 256 -42.24 -15.39 21.02
C ALA E 256 -42.00 -14.39 22.15
N LYS E 257 -40.74 -14.05 22.40
CA LYS E 257 -40.33 -13.31 23.61
CA LYS E 257 -40.37 -13.30 23.60
C LYS E 257 -39.96 -11.86 23.27
N TYR E 258 -38.92 -11.70 22.44
CA TYR E 258 -38.45 -10.37 22.02
C TYR E 258 -38.04 -10.35 20.56
N GLY E 259 -38.59 -9.43 19.79
CA GLY E 259 -38.14 -9.24 18.42
C GLY E 259 -36.68 -8.77 18.41
N ILE E 260 -36.40 -7.72 19.19
CA ILE E 260 -35.05 -7.22 19.38
C ILE E 260 -34.85 -7.06 20.87
N VAL E 261 -33.78 -7.63 21.38
CA VAL E 261 -33.46 -7.49 22.80
C VAL E 261 -31.98 -7.30 23.00
N ILE E 262 -31.67 -6.20 23.69
CA ILE E 262 -30.30 -5.82 24.02
C ILE E 262 -30.30 -5.54 25.52
N GLU E 263 -29.58 -6.36 26.28
CA GLU E 263 -29.57 -6.17 27.73
C GLU E 263 -28.26 -6.54 28.42
N GLN E 264 -27.92 -5.74 29.42
CA GLN E 264 -26.60 -5.81 30.07
C GLN E 264 -26.73 -6.36 31.50
N ASP E 265 -27.68 -7.25 31.70
CA ASP E 265 -28.05 -7.70 33.06
C ASP E 265 -28.08 -9.21 33.25
N TYR E 266 -27.29 -9.95 32.48
CA TYR E 266 -27.30 -11.42 32.63
C TYR E 266 -26.44 -11.94 33.78
N GLU E 267 -27.07 -12.72 34.65
CA GLU E 267 -26.39 -13.32 35.80
C GLU E 267 -26.77 -14.80 35.91
N ASN E 268 -25.76 -15.66 35.78
CA ASN E 268 -25.94 -17.12 35.76
C ASN E 268 -26.95 -17.57 34.68
N GLY E 269 -26.93 -16.86 33.55
CA GLY E 269 -27.81 -17.19 32.44
C GLY E 269 -29.22 -16.67 32.54
N SER E 270 -29.48 -15.79 33.50
CA SER E 270 -30.80 -15.18 33.69
C SER E 270 -30.69 -13.67 33.92
N PRO E 271 -31.64 -12.90 33.35
CA PRO E 271 -31.68 -11.45 33.55
C PRO E 271 -31.99 -11.06 34.99
N THR E 272 -31.28 -10.07 35.50
CA THR E 272 -31.57 -9.54 36.82
C THR E 272 -32.53 -8.37 36.77
N GLY E 273 -32.68 -7.75 35.59
CA GLY E 273 -33.42 -6.50 35.46
C GLY E 273 -32.62 -5.24 35.76
N THR E 274 -31.36 -5.40 36.17
CA THR E 274 -30.49 -4.27 36.49
C THR E 274 -29.21 -4.34 35.63
N PRO E 275 -29.09 -3.45 34.62
CA PRO E 275 -27.92 -3.51 33.75
C PRO E 275 -26.69 -2.96 34.45
N THR E 276 -25.53 -3.52 34.11
CA THR E 276 -24.25 -2.96 34.57
C THR E 276 -23.48 -2.41 33.36
N ASN E 277 -22.38 -1.68 33.62
CA ASN E 277 -21.76 -0.84 32.58
C ASN E 277 -20.42 -1.36 32.03
N GLY E 278 -20.03 -2.56 32.45
CA GLY E 278 -18.70 -3.10 32.15
C GLY E 278 -18.51 -3.69 30.77
N VAL E 279 -19.61 -3.90 30.04
CA VAL E 279 -19.51 -4.42 28.69
C VAL E 279 -20.22 -3.45 27.71
N PRO E 280 -19.60 -2.29 27.42
CA PRO E 280 -20.23 -1.29 26.54
C PRO E 280 -20.55 -1.81 25.15
N ILE E 281 -21.73 -1.43 24.67
CA ILE E 281 -22.21 -1.79 23.33
C ILE E 281 -22.18 -0.56 22.46
N THR E 282 -21.23 -0.54 21.52
CA THR E 282 -20.98 0.65 20.73
C THR E 282 -20.91 0.32 19.24
N GLY E 283 -21.20 1.32 18.40
CA GLY E 283 -21.10 1.12 16.96
C GLY E 283 -22.06 0.03 16.52
N LEU E 284 -23.26 0.06 17.08
CA LEU E 284 -24.30 -0.89 16.73
C LEU E 284 -25.21 -0.29 15.66
N THR E 285 -25.30 -0.98 14.53
CA THR E 285 -26.16 -0.57 13.42
C THR E 285 -27.24 -1.63 13.19
N LEU E 286 -28.51 -1.21 13.24
CA LEU E 286 -29.59 -2.07 12.75
C LEU E 286 -30.18 -1.46 11.49
N SER E 287 -30.32 -2.26 10.45
CA SER E 287 -30.89 -1.79 9.19
C SER E 287 -31.83 -2.82 8.60
N LYS E 288 -33.06 -2.41 8.33
CA LYS E 288 -34.04 -3.27 7.69
C LYS E 288 -34.24 -4.58 8.49
N ILE E 289 -34.66 -4.39 9.73
CA ILE E 289 -35.07 -5.47 10.60
C ILE E 289 -36.59 -5.39 10.72
N THR E 290 -37.28 -6.35 10.14
CA THR E 290 -38.73 -6.27 9.99
C THR E 290 -39.37 -7.60 10.35
N GLY E 291 -40.58 -7.55 10.88
CA GLY E 291 -41.37 -8.76 11.04
C GLY E 291 -42.21 -8.76 12.29
N SER E 292 -42.67 -9.95 12.66
CA SER E 292 -43.73 -10.09 13.62
C SER E 292 -43.32 -10.76 14.93
N VAL E 293 -43.85 -10.20 16.01
CA VAL E 293 -43.70 -10.72 17.35
C VAL E 293 -45.10 -11.16 17.80
N ALA E 294 -45.15 -12.24 18.55
CA ALA E 294 -46.40 -12.75 19.12
C ALA E 294 -47.02 -11.70 20.06
N SER E 295 -48.35 -11.74 20.21
CA SER E 295 -49.04 -10.73 21.03
C SER E 295 -48.61 -10.75 22.49
N SER E 296 -48.15 -11.90 22.94
CA SER E 296 -47.69 -12.09 24.31
C SER E 296 -46.22 -11.74 24.49
N GLY E 297 -45.54 -11.46 23.38
CA GLY E 297 -44.14 -11.03 23.43
C GLY E 297 -43.98 -9.53 23.43
N THR E 298 -42.73 -9.09 23.33
CA THR E 298 -42.36 -7.68 23.41
C THR E 298 -41.57 -7.33 22.13
N ASN E 299 -41.95 -6.25 21.47
CA ASN E 299 -41.31 -5.87 20.20
C ASN E 299 -39.81 -5.63 20.35
N VAL E 300 -39.46 -4.71 21.25
CA VAL E 300 -38.08 -4.25 21.45
C VAL E 300 -37.82 -4.04 22.94
N TYR E 301 -36.71 -4.58 23.41
CA TYR E 301 -36.30 -4.35 24.79
C TYR E 301 -34.83 -3.96 24.80
N ILE E 302 -34.58 -2.74 25.27
CA ILE E 302 -33.22 -2.24 25.33
C ILE E 302 -32.95 -1.91 26.79
N LEU E 303 -32.08 -2.68 27.43
CA LEU E 303 -31.77 -2.43 28.83
C LEU E 303 -30.28 -2.11 28.98
N CYS E 304 -29.95 -0.85 28.73
CA CYS E 304 -28.60 -0.33 28.85
C CYS E 304 -28.36 0.36 30.18
N ALA E 305 -27.15 0.18 30.72
CA ALA E 305 -26.71 0.95 31.88
C ALA E 305 -26.31 2.33 31.36
N SER E 306 -26.34 3.32 32.24
CA SER E 306 -25.98 4.68 31.90
C SER E 306 -24.57 4.76 31.28
N GLY E 307 -24.48 5.40 30.11
CA GLY E 307 -23.21 5.56 29.40
C GLY E 307 -22.67 4.30 28.72
N ALA E 308 -23.37 3.17 28.88
CA ALA E 308 -22.85 1.85 28.47
C ALA E 308 -23.27 1.40 27.07
N CYS E 309 -24.07 2.23 26.40
CA CYS E 309 -24.45 2.00 25.03
C CYS E 309 -24.34 3.36 24.35
N SER E 310 -23.59 3.43 23.24
CA SER E 310 -23.46 4.70 22.53
C SER E 310 -23.10 4.46 21.08
N ASN E 311 -23.26 5.49 20.24
CA ASN E 311 -22.99 5.37 18.81
C ASN E 311 -23.77 4.22 18.19
N TRP E 312 -25.09 4.36 18.16
CA TRP E 312 -25.93 3.40 17.47
C TRP E 312 -26.59 4.11 16.31
N LYS E 313 -26.97 3.31 15.32
CA LYS E 313 -27.73 3.79 14.18
C LYS E 313 -28.75 2.73 13.78
N TRP E 314 -30.03 3.06 13.94
CA TRP E 314 -31.11 2.16 13.57
C TRP E 314 -31.92 2.79 12.45
N SER E 315 -32.15 2.05 11.37
CA SER E 315 -33.04 2.54 10.30
C SER E 315 -33.82 1.38 9.70
N GLY E 316 -35.01 1.66 9.21
CA GLY E 316 -35.85 0.61 8.62
C GLY E 316 -36.17 -0.51 9.60
N VAL E 317 -36.23 -0.18 10.88
CA VAL E 317 -36.63 -1.17 11.89
C VAL E 317 -38.15 -1.12 12.06
N SER E 318 -38.80 -2.23 11.74
CA SER E 318 -40.25 -2.33 11.90
C SER E 318 -40.61 -3.69 12.48
N VAL E 319 -40.66 -3.74 13.82
CA VAL E 319 -40.94 -4.96 14.56
C VAL E 319 -42.28 -4.74 15.23
N THR E 320 -43.29 -5.50 14.85
CA THR E 320 -44.65 -5.25 15.34
C THR E 320 -45.37 -6.53 15.75
N GLY E 321 -46.44 -6.36 16.53
CA GLY E 321 -47.31 -7.45 16.94
C GLY E 321 -47.29 -7.72 18.42
N GLY E 322 -46.18 -7.40 19.09
CA GLY E 322 -46.06 -7.66 20.51
C GLY E 322 -46.34 -6.42 21.32
N LYS E 323 -46.01 -6.48 22.60
CA LYS E 323 -46.17 -5.33 23.50
C LYS E 323 -45.06 -4.32 23.28
N LYS E 324 -45.39 -3.05 23.54
CA LYS E 324 -44.37 -2.00 23.62
C LYS E 324 -43.83 -1.98 25.05
N SER E 325 -42.52 -2.24 25.19
CA SER E 325 -41.90 -2.31 26.51
C SER E 325 -42.00 -0.98 27.24
N THR E 326 -42.26 -1.03 28.53
CA THR E 326 -42.20 0.17 29.37
C THR E 326 -40.93 0.16 30.23
N LYS E 327 -40.02 -0.77 29.97
CA LYS E 327 -38.86 -1.03 30.83
C LYS E 327 -37.49 -0.70 30.18
N CYS E 328 -37.48 -0.06 29.03
CA CYS E 328 -36.22 0.22 28.34
C CYS E 328 -35.47 1.30 29.07
N SER E 329 -34.14 1.24 29.01
CA SER E 329 -33.30 2.19 29.72
C SER E 329 -32.09 2.62 28.91
N ASN E 330 -31.82 3.93 28.93
CA ASN E 330 -30.59 4.52 28.40
C ASN E 330 -30.31 4.20 26.95
N ILE E 331 -31.36 4.26 26.13
CA ILE E 331 -31.25 4.10 24.67
C ILE E 331 -30.36 5.24 24.19
N PRO E 332 -29.29 4.92 23.41
CA PRO E 332 -28.41 5.98 22.89
C PRO E 332 -29.14 7.11 22.14
N SER E 333 -28.79 8.35 22.48
CA SER E 333 -29.39 9.53 21.87
C SER E 333 -29.06 9.66 20.39
N GLY E 334 -30.00 10.21 19.62
CA GLY E 334 -29.81 10.46 18.18
C GLY E 334 -29.47 9.24 17.34
N SER E 335 -29.88 8.06 17.81
CA SER E 335 -29.60 6.77 17.15
C SER E 335 -30.75 6.30 16.25
N GLY E 336 -31.95 6.78 16.55
CA GLY E 336 -33.14 6.29 15.89
C GLY E 336 -33.64 5.00 16.51
N ALA E 337 -32.92 4.48 17.50
CA ALA E 337 -33.36 3.28 18.23
C ALA E 337 -34.52 3.68 19.15
N ALA E 338 -35.51 2.78 19.25
CA ALA E 338 -36.72 3.04 20.02
C ALA E 338 -37.34 1.72 20.46
N CYS E 339 -37.99 1.71 21.62
CA CYS E 339 -38.78 0.54 22.04
C CYS E 339 -40.22 0.64 21.55
N SER F 2 -7.80 -24.04 49.75
CA SER F 2 -7.62 -23.15 48.56
C SER F 2 -7.47 -23.95 47.27
N CYS F 3 -8.16 -23.51 46.21
CA CYS F 3 -7.91 -23.98 44.86
C CYS F 3 -6.73 -23.21 44.28
N THR F 4 -5.69 -23.94 43.90
CA THR F 4 -4.46 -23.31 43.41
C THR F 4 -4.34 -23.54 41.91
N PHE F 5 -4.09 -22.46 41.18
CA PHE F 5 -4.06 -22.51 39.73
C PHE F 5 -2.72 -22.03 39.19
N THR F 6 -2.23 -22.73 38.17
CA THR F 6 -0.99 -22.33 37.51
C THR F 6 -1.19 -21.92 36.05
N ASP F 7 -2.44 -21.99 35.57
CA ASP F 7 -2.79 -21.42 34.27
C ASP F 7 -4.13 -20.70 34.33
N ALA F 8 -4.28 -19.70 33.47
CA ALA F 8 -5.47 -18.84 33.45
C ALA F 8 -6.77 -19.60 33.14
N ALA F 9 -6.72 -20.47 32.13
CA ALA F 9 -7.92 -21.18 31.70
C ALA F 9 -8.52 -21.99 32.85
N ALA F 10 -7.66 -22.71 33.58
CA ALA F 10 -8.11 -23.48 34.74
C ALA F 10 -8.69 -22.58 35.85
N ALA F 11 -8.06 -21.42 36.08
CA ALA F 11 -8.51 -20.48 37.10
C ALA F 11 -9.88 -19.89 36.78
N ILE F 12 -10.04 -19.47 35.52
CA ILE F 12 -11.29 -18.89 35.02
C ILE F 12 -12.44 -19.93 35.09
N LYS F 13 -12.14 -21.16 34.72
CA LYS F 13 -13.14 -22.22 34.81
C LYS F 13 -13.57 -22.48 36.27
N GLY F 14 -12.58 -22.57 37.16
CA GLY F 14 -12.86 -22.99 38.53
C GLY F 14 -13.31 -21.91 39.50
N LYS F 15 -13.24 -20.64 39.09
CA LYS F 15 -13.42 -19.53 40.02
C LYS F 15 -14.66 -19.63 40.91
N ALA F 16 -15.81 -19.90 40.32
CA ALA F 16 -17.07 -19.85 41.09
C ALA F 16 -17.33 -21.11 41.90
N SER F 17 -16.55 -22.18 41.68
CA SER F 17 -16.61 -23.34 42.55
C SER F 17 -15.46 -23.33 43.58
N CYS F 18 -14.89 -22.16 43.82
CA CYS F 18 -13.81 -21.94 44.80
C CYS F 18 -14.03 -20.67 45.61
N THR F 19 -13.90 -20.79 46.94
CA THR F 19 -14.00 -19.61 47.81
C THR F 19 -12.64 -19.06 48.23
N SER F 20 -11.59 -19.85 48.01
CA SER F 20 -10.22 -19.40 48.24
C SER F 20 -9.37 -19.80 47.04
N ILE F 21 -8.93 -18.78 46.30
CA ILE F 21 -8.26 -19.00 45.03
C ILE F 21 -6.84 -18.50 45.13
N ILE F 22 -5.91 -19.31 44.67
CA ILE F 22 -4.50 -18.90 44.58
C ILE F 22 -4.10 -18.94 43.12
N LEU F 23 -3.56 -17.83 42.65
CA LEU F 23 -3.16 -17.69 41.27
C LEU F 23 -1.66 -17.68 41.27
N ASN F 24 -1.08 -18.83 40.97
CA ASN F 24 0.33 -19.06 41.20
C ASN F 24 1.16 -19.06 39.93
N GLY F 25 1.80 -17.91 39.68
CA GLY F 25 2.78 -17.78 38.61
C GLY F 25 2.19 -17.96 37.23
N ILE F 26 0.95 -17.51 37.07
CA ILE F 26 0.23 -17.70 35.80
C ILE F 26 0.82 -16.83 34.68
N VAL F 27 1.03 -17.45 33.53
CA VAL F 27 1.33 -16.71 32.30
C VAL F 27 0.00 -16.59 31.58
N VAL F 28 -0.54 -15.37 31.52
CA VAL F 28 -1.87 -15.16 30.96
C VAL F 28 -1.78 -15.11 29.42
N PRO F 29 -2.54 -15.98 28.71
CA PRO F 29 -2.43 -16.01 27.26
C PRO F 29 -2.56 -14.63 26.64
N ALA F 30 -1.81 -14.40 25.57
CA ALA F 30 -1.83 -13.12 24.85
C ALA F 30 -3.24 -12.70 24.42
N GLY F 31 -3.58 -11.42 24.61
CA GLY F 31 -4.87 -10.91 24.20
C GLY F 31 -6.06 -11.37 25.02
N THR F 32 -5.78 -12.01 26.16
CA THR F 32 -6.85 -12.48 27.05
C THR F 32 -6.77 -11.82 28.42
N THR F 33 -7.89 -11.87 29.15
CA THR F 33 -7.96 -11.37 30.50
C THR F 33 -7.80 -12.51 31.52
N LEU F 34 -6.97 -12.31 32.54
CA LEU F 34 -7.07 -13.15 33.73
C LEU F 34 -8.38 -12.74 34.40
N ASP F 35 -9.47 -13.37 33.98
CA ASP F 35 -10.78 -12.88 34.31
C ASP F 35 -11.35 -13.47 35.59
N MET F 36 -11.35 -12.65 36.64
CA MET F 36 -11.90 -13.03 37.93
C MET F 36 -13.14 -12.20 38.25
N THR F 37 -13.94 -11.93 37.23
CA THR F 37 -15.26 -11.33 37.43
C THR F 37 -16.25 -12.44 37.82
N GLY F 38 -17.33 -12.05 38.49
CA GLY F 38 -18.39 -13.00 38.87
C GLY F 38 -17.95 -14.00 39.90
N LEU F 39 -17.10 -13.56 40.84
CA LEU F 39 -16.69 -14.42 41.95
C LEU F 39 -17.84 -14.65 42.94
N LYS F 40 -17.83 -15.82 43.57
CA LYS F 40 -18.72 -16.11 44.68
C LYS F 40 -18.51 -15.10 45.80
N SER F 41 -19.60 -14.64 46.41
CA SER F 41 -19.52 -13.72 47.54
C SER F 41 -18.63 -14.28 48.66
N GLY F 42 -17.70 -13.46 49.14
CA GLY F 42 -16.78 -13.88 50.20
C GLY F 42 -15.51 -14.58 49.72
N THR F 43 -15.29 -14.60 48.40
CA THR F 43 -14.08 -15.21 47.84
C THR F 43 -12.81 -14.39 48.15
N THR F 44 -11.74 -15.11 48.50
CA THR F 44 -10.41 -14.53 48.65
C THR F 44 -9.55 -15.00 47.48
N VAL F 45 -8.86 -14.07 46.86
CA VAL F 45 -7.96 -14.38 45.77
C VAL F 45 -6.56 -13.89 46.07
N THR F 46 -5.60 -14.79 45.93
CA THR F 46 -4.22 -14.53 46.30
C THR F 46 -3.31 -14.71 45.12
N PHE F 47 -2.60 -13.65 44.75
CA PHE F 47 -1.51 -13.74 43.80
C PHE F 47 -0.25 -14.31 44.42
N GLN F 48 0.32 -15.32 43.77
CA GLN F 48 1.57 -15.93 44.25
C GLN F 48 2.56 -15.94 43.10
N GLY F 49 3.84 -15.89 43.43
CA GLY F 49 4.88 -15.92 42.41
C GLY F 49 4.79 -14.75 41.45
N LYS F 50 5.24 -14.97 40.22
CA LYS F 50 5.23 -13.91 39.22
C LYS F 50 4.13 -14.13 38.18
N THR F 51 3.25 -13.15 38.04
CA THR F 51 2.20 -13.18 36.99
C THR F 51 2.74 -12.41 35.80
N THR F 52 2.65 -13.03 34.62
CA THR F 52 3.05 -12.38 33.37
C THR F 52 1.96 -12.53 32.32
N PHE F 53 2.11 -11.84 31.19
CA PHE F 53 1.09 -11.81 30.14
C PHE F 53 1.75 -11.98 28.79
N GLY F 54 1.15 -12.81 27.94
CA GLY F 54 1.54 -12.92 26.53
C GLY F 54 1.39 -11.59 25.83
N TYR F 55 2.27 -11.30 24.88
CA TYR F 55 2.22 -10.02 24.19
C TYR F 55 1.13 -10.04 23.14
N LYS F 56 0.36 -8.96 23.07
CA LYS F 56 -0.51 -8.67 21.93
C LYS F 56 -0.86 -7.20 21.97
N GLU F 57 -1.06 -6.61 20.81
CA GLU F 57 -1.64 -5.27 20.74
C GLU F 57 -3.16 -5.38 20.86
N TRP F 58 -3.69 -4.91 21.99
CA TRP F 58 -5.12 -4.96 22.24
C TRP F 58 -5.42 -4.06 23.42
N GLU F 59 -6.71 -3.84 23.71
CA GLU F 59 -7.09 -2.80 24.65
C GLU F 59 -7.25 -3.23 26.11
N GLY F 60 -7.13 -4.54 26.35
CA GLY F 60 -7.29 -5.07 27.69
C GLY F 60 -8.75 -5.27 28.09
N PRO F 61 -9.01 -5.53 29.38
CA PRO F 61 -8.06 -5.53 30.50
C PRO F 61 -7.25 -6.81 30.61
N LEU F 62 -6.04 -6.70 31.15
CA LEU F 62 -5.21 -7.85 31.43
C LEU F 62 -5.75 -8.67 32.61
N ILE F 63 -6.39 -7.97 33.56
CA ILE F 63 -6.94 -8.59 34.75
C ILE F 63 -8.25 -7.88 35.06
N SER F 64 -9.25 -8.65 35.48
CA SER F 64 -10.51 -8.07 35.89
C SER F 64 -11.04 -8.83 37.10
N PHE F 65 -11.57 -8.09 38.08
CA PHE F 65 -12.21 -8.67 39.27
C PHE F 65 -13.57 -8.04 39.51
N SER F 66 -14.55 -8.84 39.92
CA SER F 66 -15.84 -8.34 40.40
C SER F 66 -16.43 -9.34 41.40
N GLY F 67 -17.35 -8.84 42.23
CA GLY F 67 -18.01 -9.66 43.23
C GLY F 67 -18.27 -8.84 44.47
N THR F 68 -18.89 -9.49 45.45
CA THR F 68 -19.19 -8.89 46.75
C THR F 68 -18.37 -9.59 47.83
N ASN F 69 -17.88 -8.81 48.79
CA ASN F 69 -17.05 -9.31 49.88
CA ASN F 69 -17.06 -9.33 49.88
C ASN F 69 -15.83 -10.06 49.35
N ILE F 70 -15.19 -9.47 48.36
CA ILE F 70 -14.00 -10.09 47.76
C ILE F 70 -12.76 -9.53 48.45
N ASN F 71 -11.80 -10.40 48.75
CA ASN F 71 -10.47 -9.97 49.17
C ASN F 71 -9.43 -10.42 48.17
N ILE F 72 -8.64 -9.47 47.70
CA ILE F 72 -7.63 -9.73 46.67
C ILE F 72 -6.28 -9.32 47.24
N ASN F 73 -5.40 -10.27 47.44
CA ASN F 73 -4.12 -9.95 48.04
C ASN F 73 -2.93 -10.61 47.35
N GLY F 74 -1.72 -10.30 47.84
CA GLY F 74 -0.50 -10.85 47.27
C GLY F 74 0.31 -11.61 48.29
N ALA F 75 0.77 -12.79 47.91
CA ALA F 75 1.64 -13.61 48.73
C ALA F 75 3.00 -12.96 48.83
N SER F 76 3.71 -13.26 49.92
CA SER F 76 5.08 -12.80 50.10
C SER F 76 5.92 -13.07 48.86
N GLY F 77 6.57 -12.03 48.34
CA GLY F 77 7.44 -12.18 47.18
C GLY F 77 6.77 -12.21 45.81
N HIS F 78 5.43 -12.18 45.79
CA HIS F 78 4.69 -12.17 44.53
C HIS F 78 4.96 -10.87 43.76
N SER F 79 4.70 -10.91 42.46
CA SER F 79 4.71 -9.72 41.61
C SER F 79 3.76 -9.95 40.45
N ILE F 80 3.24 -8.85 39.92
CA ILE F 80 2.47 -8.89 38.69
C ILE F 80 3.23 -8.00 37.71
N ASP F 81 3.98 -8.64 36.83
CA ASP F 81 4.90 -7.95 35.94
C ASP F 81 4.36 -7.92 34.53
N CYS F 82 3.86 -6.76 34.10
CA CYS F 82 3.21 -6.66 32.77
C CYS F 82 4.21 -6.51 31.62
N GLN F 83 5.49 -6.34 31.98
CA GLN F 83 6.58 -6.16 31.01
C GLN F 83 6.14 -5.14 29.97
N GLY F 84 5.66 -4.00 30.47
CA GLY F 84 5.08 -2.93 29.65
C GLY F 84 5.98 -2.30 28.60
N SER F 85 7.30 -2.41 28.75
CA SER F 85 8.25 -1.87 27.76
C SER F 85 8.08 -2.50 26.39
N ARG F 86 7.45 -3.69 26.33
CA ARG F 86 7.09 -4.35 25.07
C ARG F 86 6.13 -3.49 24.23
N TRP F 87 5.36 -2.63 24.89
CA TRP F 87 4.41 -1.72 24.23
C TRP F 87 4.86 -0.26 24.17
N TRP F 88 5.56 0.20 25.23
CA TRP F 88 5.89 1.62 25.35
C TRP F 88 6.56 2.17 24.10
N ASP F 89 6.02 3.28 23.60
CA ASP F 89 6.48 3.87 22.36
C ASP F 89 6.36 5.40 22.35
N SER F 90 6.27 5.99 23.54
CA SER F 90 6.07 7.43 23.79
C SER F 90 4.68 7.96 23.45
N LYS F 91 3.80 7.10 22.96
CA LYS F 91 2.47 7.54 22.51
C LYS F 91 1.30 7.11 23.40
N GLY F 92 1.55 6.16 24.30
CA GLY F 92 0.53 5.71 25.27
C GLY F 92 -0.76 5.27 24.62
N SER F 93 -1.88 5.82 25.12
CA SER F 93 -3.19 5.44 24.61
C SER F 93 -3.63 6.34 23.46
N ASN F 94 -2.76 7.27 23.07
CA ASN F 94 -3.08 8.27 22.03
C ASN F 94 -2.40 8.08 20.66
N GLY F 95 -1.80 6.90 20.46
CA GLY F 95 -1.10 6.60 19.20
C GLY F 95 -0.22 5.39 19.33
N GLY F 96 0.46 5.04 18.24
CA GLY F 96 1.40 3.92 18.24
C GLY F 96 0.72 2.58 18.42
N LYS F 97 1.34 1.71 19.21
CA LYS F 97 0.80 0.38 19.48
C LYS F 97 -0.49 0.48 20.29
N THR F 98 -1.44 -0.41 20.00
CA THR F 98 -2.62 -0.56 20.83
C THR F 98 -2.15 -1.26 22.09
N LYS F 99 -2.41 -0.63 23.25
CA LYS F 99 -1.84 -1.07 24.53
C LYS F 99 -2.92 -1.44 25.54
N PRO F 100 -2.81 -2.62 26.18
CA PRO F 100 -3.90 -3.04 27.09
C PRO F 100 -3.89 -2.37 28.46
N LYS F 101 -5.07 -1.92 28.90
CA LYS F 101 -5.29 -1.46 30.27
C LYS F 101 -5.05 -2.64 31.19
N PHE F 102 -4.51 -2.37 32.39
CA PHE F 102 -4.04 -3.45 33.26
C PHE F 102 -5.16 -4.12 34.05
N PHE F 103 -5.77 -3.40 34.99
CA PHE F 103 -6.57 -4.06 36.04
C PHE F 103 -7.91 -3.32 36.20
N TYR F 104 -9.01 -4.01 35.90
CA TYR F 104 -10.33 -3.42 36.07
C TYR F 104 -10.87 -3.91 37.39
N ALA F 105 -10.88 -3.00 38.36
CA ALA F 105 -11.53 -3.24 39.64
C ALA F 105 -12.93 -2.68 39.52
N HIS F 106 -13.79 -3.38 38.76
CA HIS F 106 -15.16 -2.92 38.53
C HIS F 106 -16.19 -3.77 39.25
N SER F 107 -17.30 -3.14 39.64
CA SER F 107 -18.40 -3.85 40.31
C SER F 107 -17.90 -4.69 41.48
N LEU F 108 -16.98 -4.13 42.25
CA LEU F 108 -16.58 -4.71 43.52
C LEU F 108 -17.34 -4.02 44.64
N LYS F 109 -17.98 -4.83 45.49
CA LYS F 109 -18.83 -4.34 46.57
C LYS F 109 -18.29 -4.84 47.88
N SER F 110 -18.13 -3.94 48.86
CA SER F 110 -17.61 -4.31 50.19
C SER F 110 -16.38 -5.20 50.06
N SER F 111 -15.43 -4.76 49.24
CA SER F 111 -14.29 -5.57 48.87
C SER F 111 -12.98 -4.86 49.21
N ASN F 112 -11.88 -5.59 49.16
CA ASN F 112 -10.56 -5.05 49.46
C ASN F 112 -9.50 -5.62 48.54
N ILE F 113 -8.63 -4.74 48.08
CA ILE F 113 -7.41 -5.12 47.39
C ILE F 113 -6.26 -4.78 48.32
N LYS F 114 -5.34 -5.70 48.52
CA LYS F 114 -4.26 -5.45 49.47
C LYS F 114 -2.91 -5.95 48.98
N GLY F 115 -1.91 -5.07 49.03
CA GLY F 115 -0.51 -5.45 48.90
C GLY F 115 -0.02 -5.92 47.54
N LEU F 116 -0.80 -5.67 46.49
CA LEU F 116 -0.40 -6.07 45.14
C LEU F 116 0.87 -5.35 44.70
N ASN F 117 1.81 -6.12 44.16
CA ASN F 117 3.09 -5.63 43.68
C ASN F 117 3.13 -5.62 42.15
N VAL F 118 2.84 -4.45 41.58
CA VAL F 118 2.62 -4.29 40.16
C VAL F 118 3.84 -3.62 39.50
N LEU F 119 4.24 -4.19 38.36
CA LEU F 119 5.43 -3.70 37.64
C LEU F 119 5.12 -3.41 36.19
N ASN F 120 5.49 -2.21 35.73
CA ASN F 120 5.54 -1.93 34.29
C ASN F 120 4.25 -2.15 33.48
N THR F 121 3.17 -1.47 33.87
CA THR F 121 1.92 -1.57 33.10
C THR F 121 2.10 -0.93 31.73
N PRO F 122 1.50 -1.53 30.67
CA PRO F 122 1.58 -0.92 29.33
C PRO F 122 1.06 0.51 29.24
N VAL F 123 -0.09 0.75 29.89
CA VAL F 123 -0.71 2.07 29.99
C VAL F 123 -1.33 2.19 31.40
N GLN F 124 -2.61 2.52 31.51
CA GLN F 124 -3.21 2.74 32.83
C GLN F 124 -3.19 1.47 33.70
N ALA F 125 -3.01 1.66 35.00
CA ALA F 125 -2.88 0.54 35.92
C ALA F 125 -4.27 0.12 36.39
N PHE F 126 -4.78 0.78 37.43
CA PHE F 126 -6.08 0.40 38.02
C PHE F 126 -7.21 1.32 37.57
N SER F 127 -8.28 0.72 37.05
CA SER F 127 -9.53 1.42 36.77
C SER F 127 -10.56 0.96 37.79
N ILE F 128 -11.13 1.90 38.53
CA ILE F 128 -12.16 1.60 39.51
C ILE F 128 -13.45 2.24 39.05
N ASN F 129 -14.45 1.40 38.78
CA ASN F 129 -15.73 1.88 38.27
C ASN F 129 -16.82 1.00 38.86
N SER F 130 -17.96 1.61 39.22
CA SER F 130 -19.08 0.86 39.80
C SER F 130 -18.71 0.06 41.06
N ALA F 131 -17.78 0.61 41.83
CA ALA F 131 -17.39 0.04 43.11
C ALA F 131 -18.27 0.64 44.19
N THR F 132 -18.64 -0.19 45.16
CA THR F 132 -19.44 0.26 46.30
C THR F 132 -18.74 -0.24 47.56
N THR F 133 -17.96 0.67 48.17
CA THR F 133 -17.12 0.38 49.33
C THR F 133 -15.99 -0.57 48.96
N LEU F 134 -14.87 0.00 48.56
CA LEU F 134 -13.71 -0.75 48.12
C LEU F 134 -12.45 -0.18 48.74
N GLY F 135 -11.71 -1.01 49.48
CA GLY F 135 -10.42 -0.59 50.02
C GLY F 135 -9.28 -1.04 49.13
N VAL F 136 -8.28 -0.18 48.96
CA VAL F 136 -7.12 -0.49 48.13
C VAL F 136 -5.88 -0.11 48.94
N TYR F 137 -5.26 -1.10 49.59
CA TYR F 137 -4.20 -0.87 50.56
C TYR F 137 -2.82 -1.32 50.07
N ASP F 138 -1.81 -0.47 50.29
CA ASP F 138 -0.39 -0.80 50.13
C ASP F 138 -0.06 -1.42 48.77
N VAL F 139 -0.66 -0.87 47.72
CA VAL F 139 -0.42 -1.35 46.37
C VAL F 139 0.81 -0.61 45.83
N ILE F 140 1.72 -1.36 45.21
CA ILE F 140 2.86 -0.76 44.53
C ILE F 140 2.56 -0.76 43.04
N ILE F 141 2.72 0.39 42.41
CA ILE F 141 2.66 0.48 40.95
C ILE F 141 4.00 1.07 40.53
N ASP F 142 4.92 0.20 40.15
CA ASP F 142 6.24 0.64 39.73
C ASP F 142 6.36 0.64 38.21
N ASN F 143 6.15 1.81 37.63
CA ASN F 143 6.39 2.07 36.20
C ASN F 143 7.56 3.02 35.99
N SER F 144 8.47 3.07 36.97
CA SER F 144 9.65 3.96 36.87
C SER F 144 10.50 3.71 35.63
N ALA F 145 10.60 2.45 35.20
CA ALA F 145 11.33 2.11 33.97
C ALA F 145 10.77 2.84 32.74
N GLY F 146 9.49 3.23 32.82
CA GLY F 146 8.82 3.98 31.77
C GLY F 146 9.31 5.41 31.57
N ASP F 147 10.03 5.95 32.57
CA ASP F 147 10.56 7.31 32.49
C ASP F 147 11.51 7.49 31.30
N SER F 148 12.41 6.55 31.12
CA SER F 148 13.42 6.67 30.08
C SER F 148 13.09 5.83 28.86
N ALA F 149 11.99 5.09 28.92
CA ALA F 149 11.65 4.09 27.92
C ALA F 149 10.28 4.32 27.24
N GLY F 150 9.79 5.55 27.27
CA GLY F 150 8.60 5.93 26.51
C GLY F 150 7.25 5.61 27.13
N GLY F 151 7.20 5.43 28.45
CA GLY F 151 5.93 5.21 29.17
C GLY F 151 5.10 6.48 29.14
N HIS F 152 3.80 6.33 28.92
CA HIS F 152 2.88 7.45 28.70
C HIS F 152 1.46 6.98 29.04
N ASN F 153 0.65 7.85 29.65
CA ASN F 153 -0.72 7.50 30.08
C ASN F 153 -0.72 6.28 31.01
N THR F 154 0.25 6.23 31.92
CA THR F 154 0.38 5.13 32.86
C THR F 154 -0.27 5.49 34.22
N ASP F 155 -1.47 6.04 34.16
CA ASP F 155 -2.24 6.45 35.36
C ASP F 155 -2.29 5.34 36.36
N ALA F 156 -2.16 5.68 37.65
CA ALA F 156 -2.15 4.64 38.67
C ALA F 156 -3.57 4.21 39.03
N PHE F 157 -4.42 5.18 39.36
CA PHE F 157 -5.79 4.90 39.78
C PHE F 157 -6.73 5.86 39.09
N ASP F 158 -7.62 5.33 38.24
CA ASP F 158 -8.70 6.13 37.69
CA ASP F 158 -8.70 6.13 37.67
C ASP F 158 -10.02 5.70 38.31
N VAL F 159 -10.78 6.68 38.78
CA VAL F 159 -12.02 6.40 39.52
C VAL F 159 -13.21 7.06 38.85
N GLY F 160 -14.26 6.27 38.61
CA GLY F 160 -15.52 6.79 38.08
C GLY F 160 -16.69 6.04 38.68
N SER F 161 -17.85 6.70 38.74
CA SER F 161 -19.10 6.04 39.09
C SER F 161 -18.97 5.03 40.24
N SER F 162 -18.37 5.47 41.33
CA SER F 162 -18.09 4.61 42.47
C SER F 162 -18.42 5.35 43.76
N THR F 163 -18.67 4.58 44.82
CA THR F 163 -18.83 5.17 46.14
C THR F 163 -17.97 4.42 47.16
N GLY F 164 -17.44 5.15 48.13
CA GLY F 164 -16.75 4.54 49.25
C GLY F 164 -15.44 3.88 48.90
N VAL F 165 -14.72 4.48 47.96
CA VAL F 165 -13.41 4.00 47.56
C VAL F 165 -12.36 4.60 48.50
N TYR F 166 -11.54 3.73 49.06
CA TYR F 166 -10.56 4.13 50.05
C TYR F 166 -9.19 3.58 49.66
N ILE F 167 -8.37 4.45 49.07
CA ILE F 167 -7.02 4.10 48.63
C ILE F 167 -5.99 4.57 49.66
N SER F 168 -5.20 3.64 50.18
CA SER F 168 -4.33 3.93 51.30
C SER F 168 -2.95 3.31 51.11
N GLY F 169 -1.90 4.09 51.33
CA GLY F 169 -0.54 3.57 51.27
C GLY F 169 -0.08 3.20 49.88
N ALA F 170 -0.68 3.80 48.86
CA ALA F 170 -0.26 3.54 47.47
C ALA F 170 1.15 4.04 47.26
N ASN F 171 1.95 3.30 46.48
CA ASN F 171 3.34 3.67 46.21
C ASN F 171 3.51 3.65 44.70
N VAL F 172 3.53 4.83 44.09
CA VAL F 172 3.37 4.95 42.63
C VAL F 172 4.56 5.65 42.01
N LYS F 173 5.10 5.03 40.95
CA LYS F 173 6.10 5.65 40.09
C LYS F 173 5.55 5.50 38.68
N ASN F 174 5.19 6.59 38.03
CA ASN F 174 4.59 6.50 36.71
C ASN F 174 4.83 7.76 35.88
N GLN F 175 4.01 7.96 34.85
CA GLN F 175 4.17 9.07 33.88
C GLN F 175 2.86 9.83 33.63
N ASP F 176 1.86 9.59 34.47
CA ASP F 176 0.59 10.31 34.36
C ASP F 176 -0.02 10.41 35.75
N ASP F 177 -1.32 10.66 35.82
CA ASP F 177 -1.95 10.89 37.10
C ASP F 177 -1.65 9.79 38.09
N CYS F 178 -1.30 10.20 39.30
CA CYS F 178 -1.27 9.26 40.41
C CYS F 178 -2.70 8.86 40.76
N LEU F 179 -3.60 9.83 40.71
CA LEU F 179 -5.01 9.63 40.94
C LEU F 179 -5.77 10.53 40.00
N ALA F 180 -6.83 9.98 39.42
CA ALA F 180 -7.76 10.77 38.60
C ALA F 180 -9.18 10.34 38.97
N ILE F 181 -9.92 11.21 39.66
CA ILE F 181 -11.32 10.92 39.98
C ILE F 181 -12.19 11.69 38.99
N ASN F 182 -12.85 10.96 38.11
CA ASN F 182 -13.72 11.58 37.12
C ASN F 182 -15.13 11.78 37.66
N SER F 183 -15.49 10.95 38.64
CA SER F 183 -16.80 10.99 39.28
C SER F 183 -16.77 10.02 40.45
N GLY F 184 -17.64 10.25 41.42
CA GLY F 184 -17.64 9.38 42.59
C GLY F 184 -18.03 10.13 43.83
N THR F 185 -18.48 9.38 44.82
CA THR F 185 -18.89 9.96 46.10
C THR F 185 -18.15 9.22 47.22
N ASN F 186 -17.65 9.96 48.21
CA ASN F 186 -16.92 9.38 49.32
C ASN F 186 -15.71 8.59 48.79
N ILE F 187 -14.81 9.31 48.13
CA ILE F 187 -13.53 8.78 47.67
C ILE F 187 -12.37 9.29 48.51
N THR F 188 -11.50 8.39 48.93
CA THR F 188 -10.32 8.78 49.72
C THR F 188 -9.02 8.27 49.10
N PHE F 189 -8.01 9.15 49.02
CA PHE F 189 -6.64 8.72 48.73
C PHE F 189 -5.77 9.26 49.85
N THR F 190 -5.10 8.37 50.57
CA THR F 190 -4.34 8.80 51.73
C THR F 190 -3.05 7.99 51.94
N GLY F 191 -2.07 8.60 52.60
CA GLY F 191 -0.81 7.92 52.93
C GLY F 191 -0.02 7.47 51.71
N GLY F 192 -0.19 8.17 50.58
CA GLY F 192 0.45 7.74 49.34
C GLY F 192 1.76 8.44 49.03
N THR F 193 2.57 7.81 48.18
CA THR F 193 3.72 8.46 47.56
C THR F 193 3.54 8.38 46.05
N CYS F 194 3.55 9.55 45.40
CA CYS F 194 3.31 9.65 43.96
C CYS F 194 4.54 10.24 43.33
N SER F 195 5.22 9.45 42.51
CA SER F 195 6.44 9.91 41.85
C SER F 195 6.35 9.85 40.33
N GLY F 196 6.94 10.84 39.66
CA GLY F 196 7.13 10.86 38.19
C GLY F 196 5.93 11.30 37.35
N GLY F 197 4.75 11.30 37.98
CA GLY F 197 3.50 11.44 37.26
C GLY F 197 2.94 12.84 37.18
N HIS F 198 1.60 12.93 37.18
CA HIS F 198 0.91 14.20 36.95
C HIS F 198 0.10 14.68 38.15
N GLY F 199 0.27 14.01 39.28
CA GLY F 199 -0.26 14.49 40.56
C GLY F 199 -1.53 13.80 41.01
N LEU F 200 -2.20 14.41 41.97
CA LEU F 200 -3.40 13.85 42.58
C LEU F 200 -4.56 14.69 42.10
N SER F 201 -5.28 14.14 41.12
CA SER F 201 -6.22 14.92 40.33
C SER F 201 -7.68 14.57 40.50
N ILE F 202 -8.49 15.62 40.60
CA ILE F 202 -9.92 15.49 40.34
C ILE F 202 -10.17 15.94 38.91
N GLY F 203 -10.75 15.03 38.13
CA GLY F 203 -11.07 15.32 36.75
C GLY F 203 -10.22 14.57 35.74
N SER F 204 -10.39 14.89 34.46
CA SER F 204 -11.34 15.92 34.00
CA SER F 204 -11.34 15.94 34.04
C SER F 204 -12.78 15.56 34.37
N VAL F 205 -13.54 16.54 34.86
CA VAL F 205 -14.92 16.33 35.23
C VAL F 205 -15.83 17.00 34.20
N GLY F 206 -16.72 16.22 33.60
CA GLY F 206 -17.59 16.75 32.56
C GLY F 206 -17.56 15.93 31.29
N GLY F 207 -18.65 15.97 30.53
CA GLY F 207 -18.75 15.30 29.24
C GLY F 207 -18.79 13.78 29.27
N ARG F 208 -18.98 13.18 30.44
CA ARG F 208 -19.14 11.73 30.56
C ARG F 208 -20.57 11.42 30.96
N SER F 209 -20.89 10.15 31.18
CA SER F 209 -22.23 9.80 31.65
C SER F 209 -22.37 10.20 33.12
N ASP F 210 -21.26 10.25 33.83
CA ASP F 210 -21.27 10.64 35.26
C ASP F 210 -20.27 11.77 35.44
N ASN F 211 -20.75 12.89 35.99
CA ASN F 211 -19.93 14.11 36.13
C ASN F 211 -20.06 14.72 37.51
N THR F 212 -20.33 13.87 38.50
CA THR F 212 -20.53 14.31 39.86
C THR F 212 -19.43 13.79 40.78
N VAL F 213 -18.65 14.70 41.33
CA VAL F 213 -17.64 14.37 42.33
C VAL F 213 -18.12 14.97 43.63
N LYS F 214 -18.28 14.15 44.67
CA LYS F 214 -18.79 14.65 45.95
C LYS F 214 -18.15 13.90 47.11
N THR F 215 -17.65 14.65 48.10
CA THR F 215 -17.07 14.07 49.33
C THR F 215 -15.79 13.31 49.01
N VAL F 216 -14.70 14.04 48.95
CA VAL F 216 -13.41 13.48 48.58
C VAL F 216 -12.40 13.95 49.61
N THR F 217 -11.58 13.03 50.10
CA THR F 217 -10.43 13.35 50.92
C THR F 217 -9.14 12.85 50.23
N ILE F 218 -8.24 13.78 49.94
CA ILE F 218 -6.93 13.40 49.44
C ILE F 218 -5.93 13.96 50.43
N SER F 219 -5.25 13.08 51.16
CA SER F 219 -4.53 13.52 52.35
C SER F 219 -3.25 12.77 52.61
N ASN F 220 -2.35 13.40 53.36
CA ASN F 220 -1.22 12.73 53.98
C ASN F 220 -0.37 11.95 52.97
N SER F 221 -0.02 12.65 51.89
CA SER F 221 0.65 12.02 50.76
C SER F 221 1.78 12.92 50.26
N LYS F 222 2.77 12.29 49.61
CA LYS F 222 3.89 13.04 49.05
C LYS F 222 3.79 12.94 47.54
N ILE F 223 3.99 14.07 46.87
CA ILE F 223 4.08 14.12 45.41
C ILE F 223 5.45 14.65 45.04
N VAL F 224 6.18 13.91 44.22
CA VAL F 224 7.56 14.24 43.94
C VAL F 224 7.82 14.06 42.44
N ASN F 225 8.62 14.96 41.86
CA ASN F 225 9.07 14.85 40.46
C ASN F 225 7.88 14.60 39.55
N SER F 226 6.83 15.38 39.77
CA SER F 226 5.58 15.24 39.03
C SER F 226 5.23 16.57 38.38
N ASP F 227 4.38 16.53 37.36
CA ASP F 227 4.01 17.75 36.64
C ASP F 227 3.16 18.69 37.49
N ASN F 228 2.24 18.11 38.26
CA ASN F 228 1.34 18.86 39.14
C ASN F 228 1.30 18.25 40.53
N GLY F 229 0.86 19.04 41.51
CA GLY F 229 0.64 18.50 42.85
C GLY F 229 -0.85 18.28 43.03
N VAL F 230 -1.51 19.30 43.57
CA VAL F 230 -2.97 19.34 43.69
C VAL F 230 -3.58 19.79 42.36
N ARG F 231 -4.49 18.99 41.79
CA ARG F 231 -5.13 19.38 40.53
C ARG F 231 -6.62 19.08 40.47
N ILE F 232 -7.39 20.06 40.01
CA ILE F 232 -8.82 19.87 39.71
C ILE F 232 -9.07 20.42 38.31
N LYS F 233 -9.63 19.59 37.42
CA LYS F 233 -9.89 20.01 36.05
C LYS F 233 -11.32 19.71 35.70
N THR F 234 -11.99 20.67 35.07
CA THR F 234 -13.35 20.46 34.60
C THR F 234 -13.45 20.83 33.14
N VAL F 235 -14.39 20.19 32.44
CA VAL F 235 -14.48 20.25 30.98
C VAL F 235 -15.23 21.49 30.48
N SER F 236 -14.62 22.20 29.53
CA SER F 236 -15.20 23.38 28.91
C SER F 236 -16.58 23.05 28.32
N GLY F 237 -17.58 23.84 28.70
CA GLY F 237 -18.93 23.68 28.17
C GLY F 237 -19.71 22.51 28.79
N ALA F 238 -19.10 21.78 29.71
CA ALA F 238 -19.76 20.62 30.32
C ALA F 238 -20.66 20.96 31.53
N THR F 239 -21.42 19.95 31.95
CA THR F 239 -22.28 20.06 33.13
C THR F 239 -21.86 18.99 34.15
N GLY F 240 -21.84 19.38 35.42
CA GLY F 240 -21.52 18.46 36.49
C GLY F 240 -21.29 19.24 37.78
N SER F 241 -20.57 18.64 38.72
CA SER F 241 -20.18 19.36 39.93
C SER F 241 -19.05 18.67 40.66
N VAL F 242 -18.29 19.47 41.40
CA VAL F 242 -17.21 18.99 42.25
C VAL F 242 -17.43 19.65 43.60
N SER F 243 -17.82 18.88 44.61
CA SER F 243 -18.13 19.47 45.91
C SER F 243 -17.64 18.65 47.07
N GLY F 244 -17.31 19.35 48.14
CA GLY F 244 -16.91 18.70 49.40
C GLY F 244 -15.59 17.98 49.21
N VAL F 245 -14.62 18.66 48.61
CA VAL F 245 -13.29 18.06 48.36
C VAL F 245 -12.29 18.64 49.35
N THR F 246 -11.52 17.77 50.00
CA THR F 246 -10.46 18.23 50.89
C THR F 246 -9.11 17.63 50.51
N TYR F 247 -8.15 18.50 50.21
CA TYR F 247 -6.75 18.12 50.16
C TYR F 247 -6.07 18.61 51.44
N SER F 248 -5.42 17.69 52.17
CA SER F 248 -4.75 18.11 53.41
C SER F 248 -3.48 17.32 53.61
N GLY F 249 -2.47 17.96 54.21
CA GLY F 249 -1.21 17.28 54.54
C GLY F 249 -0.50 16.71 53.32
N ILE F 250 -0.46 17.50 52.26
CA ILE F 250 0.25 17.16 51.04
C ILE F 250 1.61 17.82 50.97
N THR F 251 2.63 17.01 50.82
CA THR F 251 3.98 17.52 50.61
C THR F 251 4.34 17.44 49.13
N LEU F 252 4.88 18.54 48.61
CA LEU F 252 5.32 18.64 47.22
C LEU F 252 6.82 18.79 47.10
N SER F 253 7.39 18.08 46.13
CA SER F 253 8.81 18.17 45.88
C SER F 253 9.12 18.20 44.39
N ASN F 254 9.71 19.30 43.91
CA ASN F 254 10.12 19.42 42.50
C ASN F 254 8.94 19.22 41.53
N ILE F 255 7.90 20.01 41.72
CA ILE F 255 6.73 19.97 40.83
C ILE F 255 7.03 20.83 39.59
N ALA F 256 6.88 20.23 38.40
CA ALA F 256 7.36 20.85 37.15
C ALA F 256 6.48 21.97 36.60
N LYS F 257 5.16 21.79 36.70
CA LYS F 257 4.24 22.68 36.00
C LYS F 257 3.40 23.52 36.95
N TYR F 258 2.65 22.87 37.83
CA TYR F 258 1.82 23.59 38.81
C TYR F 258 1.81 22.91 40.17
N GLY F 259 2.14 23.65 41.22
CA GLY F 259 2.01 23.13 42.59
C GLY F 259 0.55 22.83 42.87
N ILE F 260 -0.29 23.83 42.61
CA ILE F 260 -1.75 23.69 42.70
C ILE F 260 -2.36 24.28 41.42
N VAL F 261 -3.22 23.50 40.76
CA VAL F 261 -3.90 23.99 39.56
C VAL F 261 -5.39 23.59 39.60
N ILE F 262 -6.26 24.59 39.52
CA ILE F 262 -7.68 24.36 39.48
C ILE F 262 -8.21 25.16 38.30
N GLU F 263 -8.73 24.48 37.28
CA GLU F 263 -9.20 25.18 36.10
C GLU F 263 -10.38 24.53 35.42
N GLN F 264 -11.24 25.40 34.88
CA GLN F 264 -12.54 25.00 34.37
C GLN F 264 -12.62 25.15 32.84
N ASP F 265 -11.50 24.89 32.18
CA ASP F 265 -11.36 25.14 30.73
C ASP F 265 -10.78 23.97 29.92
N TYR F 266 -10.95 22.74 30.39
CA TYR F 266 -10.38 21.61 29.61
C TYR F 266 -11.24 21.17 28.41
N GLU F 267 -10.60 21.05 27.25
CA GLU F 267 -11.25 20.60 26.01
C GLU F 267 -10.27 19.70 25.28
N ASN F 268 -10.65 18.44 25.09
CA ASN F 268 -9.84 17.48 24.32
C ASN F 268 -8.43 17.35 24.92
N GLY F 269 -8.37 17.29 26.25
CA GLY F 269 -7.12 17.13 26.98
C GLY F 269 -6.20 18.33 27.06
N SER F 270 -6.64 19.49 26.56
CA SER F 270 -5.85 20.73 26.60
C SER F 270 -6.68 21.89 27.13
N PRO F 271 -6.08 22.77 27.97
CA PRO F 271 -6.74 24.01 28.40
C PRO F 271 -7.03 24.96 27.24
N THR F 272 -8.21 25.58 27.28
CA THR F 272 -8.62 26.54 26.24
C THR F 272 -8.22 27.95 26.63
N GLY F 273 -8.03 28.18 27.93
CA GLY F 273 -7.80 29.52 28.48
C GLY F 273 -9.06 30.25 28.94
N THR F 274 -10.23 29.75 28.55
CA THR F 274 -11.50 30.35 28.92
C THR F 274 -12.34 29.37 29.76
N PRO F 275 -12.47 29.65 31.06
CA PRO F 275 -13.22 28.75 31.93
C PRO F 275 -14.72 28.86 31.69
N THR F 276 -15.44 27.75 31.83
CA THR F 276 -16.91 27.77 31.72
C THR F 276 -17.53 27.47 33.10
N ASN F 277 -18.82 27.72 33.24
CA ASN F 277 -19.45 27.74 34.56
C ASN F 277 -20.35 26.55 34.93
N GLY F 278 -20.37 25.52 34.07
CA GLY F 278 -21.32 24.42 34.23
C GLY F 278 -20.91 23.31 35.17
N VAL F 279 -19.64 23.30 35.59
CA VAL F 279 -19.16 22.32 36.56
C VAL F 279 -18.63 23.04 37.79
N PRO F 280 -19.53 23.62 38.60
CA PRO F 280 -19.07 24.40 39.77
C PRO F 280 -18.23 23.59 40.77
N ILE F 281 -17.18 24.24 41.28
CA ILE F 281 -16.30 23.64 42.28
C ILE F 281 -16.59 24.34 43.61
N THR F 282 -17.25 23.62 44.52
CA THR F 282 -17.70 24.19 45.79
C THR F 282 -17.23 23.38 46.99
N GLY F 283 -17.18 23.99 48.18
CA GLY F 283 -16.83 23.25 49.40
C GLY F 283 -15.44 22.61 49.31
N LEU F 284 -14.50 23.36 48.74
CA LEU F 284 -13.11 22.93 48.60
C LEU F 284 -12.25 23.42 49.75
N THR F 285 -11.64 22.47 50.45
CA THR F 285 -10.71 22.78 51.52
C THR F 285 -9.30 22.37 51.14
N LEU F 286 -8.36 23.31 51.19
CA LEU F 286 -6.93 22.99 51.18
C LEU F 286 -6.35 23.32 52.54
N SER F 287 -5.64 22.36 53.12
CA SER F 287 -5.04 22.55 54.43
C SER F 287 -3.64 21.91 54.46
N LYS F 288 -2.64 22.69 54.85
CA LYS F 288 -1.25 22.20 54.97
C LYS F 288 -0.75 21.57 53.67
N ILE F 289 -0.66 22.41 52.65
CA ILE F 289 -0.13 21.99 51.36
C ILE F 289 1.18 22.73 51.21
N THR F 290 2.30 21.99 51.23
CA THR F 290 3.61 22.63 51.29
C THR F 290 4.65 21.96 50.41
N GLY F 291 5.60 22.75 49.93
CA GLY F 291 6.75 22.21 49.23
C GLY F 291 7.12 23.04 48.03
N SER F 292 7.81 22.41 47.10
CA SER F 292 8.56 23.14 46.08
C SER F 292 8.05 22.94 44.65
N VAL F 293 8.01 24.05 43.91
CA VAL F 293 7.71 24.04 42.49
C VAL F 293 8.98 24.45 41.79
N ALA F 294 9.28 23.79 40.68
CA ALA F 294 10.45 24.07 39.87
C ALA F 294 10.43 25.54 39.41
N SER F 295 11.62 26.09 39.17
CA SER F 295 11.78 27.49 38.73
C SER F 295 10.90 27.87 37.54
N SER F 296 10.75 26.94 36.59
CA SER F 296 10.02 27.24 35.36
C SER F 296 8.54 26.88 35.48
N GLY F 297 8.18 26.36 36.64
CA GLY F 297 6.79 26.03 36.92
C GLY F 297 6.06 27.21 37.52
N THR F 298 4.81 26.99 37.88
CA THR F 298 3.95 28.03 38.44
C THR F 298 3.45 27.51 39.77
N ASN F 299 3.51 28.35 40.81
CA ASN F 299 3.09 27.88 42.15
C ASN F 299 1.62 27.45 42.20
N VAL F 300 0.73 28.36 41.78
CA VAL F 300 -0.72 28.18 41.94
C VAL F 300 -1.44 28.83 40.76
N TYR F 301 -2.35 28.09 40.14
CA TYR F 301 -3.13 28.61 39.02
C TYR F 301 -4.58 28.27 39.27
N ILE F 302 -5.39 29.30 39.46
CA ILE F 302 -6.84 29.11 39.66
C ILE F 302 -7.57 29.83 38.54
N LEU F 303 -8.24 29.07 37.69
CA LEU F 303 -8.95 29.65 36.57
C LEU F 303 -10.42 29.24 36.68
N CYS F 304 -11.15 30.01 37.47
CA CYS F 304 -12.58 29.80 37.67
C CYS F 304 -13.38 30.72 36.79
N ALA F 305 -14.55 30.24 36.36
CA ALA F 305 -15.54 31.08 35.71
C ALA F 305 -16.25 31.89 36.79
N SER F 306 -16.80 33.03 36.39
CA SER F 306 -17.51 33.87 37.36
C SER F 306 -18.67 33.08 38.00
N GLY F 307 -18.72 33.10 39.33
CA GLY F 307 -19.75 32.39 40.09
C GLY F 307 -19.55 30.89 40.24
N ALA F 308 -18.58 30.32 39.53
CA ALA F 308 -18.46 28.86 39.36
C ALA F 308 -17.52 28.19 40.36
N CYS F 309 -16.92 28.98 41.23
CA CYS F 309 -16.17 28.46 42.37
C CYS F 309 -16.63 29.24 43.60
N SER F 310 -17.02 28.52 44.65
CA SER F 310 -17.53 29.17 45.85
C SER F 310 -17.37 28.28 47.06
N ASN F 311 -17.43 28.92 48.23
CA ASN F 311 -17.30 28.25 49.52
C ASN F 311 -16.01 27.41 49.57
N TRP F 312 -14.87 28.10 49.49
CA TRP F 312 -13.59 27.46 49.64
C TRP F 312 -12.97 27.89 50.96
N LYS F 313 -12.08 27.07 51.49
CA LYS F 313 -11.29 27.42 52.67
C LYS F 313 -9.87 26.91 52.49
N TRP F 314 -8.92 27.82 52.34
CA TRP F 314 -7.51 27.45 52.21
C TRP F 314 -6.70 27.99 53.38
N SER F 315 -5.87 27.15 53.98
CA SER F 315 -4.99 27.58 55.07
C SER F 315 -3.75 26.70 55.05
N GLY F 316 -2.65 27.23 55.58
CA GLY F 316 -1.39 26.50 55.62
C GLY F 316 -0.88 26.09 54.25
N VAL F 317 -1.20 26.90 53.23
CA VAL F 317 -0.70 26.64 51.88
C VAL F 317 0.61 27.39 51.68
N SER F 318 1.68 26.65 51.48
CA SER F 318 2.98 27.28 51.29
C SER F 318 3.69 26.55 50.17
N VAL F 319 3.40 26.98 48.95
CA VAL F 319 3.95 26.34 47.77
C VAL F 319 4.78 27.41 47.07
N THR F 320 6.08 27.20 47.00
CA THR F 320 6.97 28.24 46.49
C THR F 320 8.03 27.65 45.56
N GLY F 321 8.74 28.54 44.88
CA GLY F 321 9.86 28.16 44.05
C GLY F 321 9.59 28.44 42.59
N GLY F 322 8.33 28.44 42.19
CA GLY F 322 7.96 28.69 40.80
C GLY F 322 7.56 30.14 40.56
N LYS F 323 6.96 30.39 39.40
CA LYS F 323 6.47 31.73 39.06
C LYS F 323 5.14 31.96 39.76
N LYS F 324 4.77 33.23 39.93
CA LYS F 324 3.42 33.54 40.39
C LYS F 324 2.57 33.79 39.14
N SER F 325 1.44 33.08 39.05
CA SER F 325 0.55 33.23 37.89
C SER F 325 0.01 34.65 37.81
N THR F 326 -0.08 35.18 36.58
CA THR F 326 -0.68 36.51 36.38
C THR F 326 -2.07 36.31 35.72
N LYS F 327 -2.53 35.07 35.70
CA LYS F 327 -3.71 34.67 34.93
C LYS F 327 -4.88 34.13 35.75
N CYS F 328 -4.74 34.09 37.08
CA CYS F 328 -5.82 33.52 37.92
C CYS F 328 -7.09 34.38 37.82
N SER F 329 -8.24 33.72 37.87
CA SER F 329 -9.53 34.42 37.75
C SER F 329 -10.57 33.92 38.72
N ASN F 330 -11.37 34.85 39.25
CA ASN F 330 -12.54 34.52 40.06
C ASN F 330 -12.29 33.55 41.22
N ILE F 331 -11.20 33.81 41.94
CA ILE F 331 -10.91 33.09 43.18
C ILE F 331 -11.99 33.52 44.18
N PRO F 332 -12.69 32.54 44.83
CA PRO F 332 -13.69 32.84 45.86
C PRO F 332 -13.18 33.80 46.95
N SER F 333 -13.91 34.91 47.15
CA SER F 333 -13.49 35.96 48.10
C SER F 333 -13.52 35.49 49.55
N GLY F 334 -12.49 35.86 50.31
CA GLY F 334 -12.42 35.58 51.74
C GLY F 334 -12.03 34.14 52.07
N SER F 335 -11.75 33.36 51.03
CA SER F 335 -11.48 31.92 51.14
C SER F 335 -10.10 31.61 51.69
N GLY F 336 -9.18 32.57 51.56
CA GLY F 336 -7.78 32.37 51.90
C GLY F 336 -6.99 31.82 50.73
N ALA F 337 -7.69 31.46 49.64
CA ALA F 337 -7.03 30.99 48.40
C ALA F 337 -6.37 32.17 47.69
N ALA F 338 -5.17 31.94 47.18
CA ALA F 338 -4.39 32.96 46.52
C ALA F 338 -3.39 32.31 45.58
N CYS F 339 -3.11 32.98 44.46
CA CYS F 339 -2.11 32.49 43.53
C CYS F 339 -0.75 33.04 43.92
N ALA G 1 -29.04 -10.27 -36.39
CA ALA G 1 -27.91 -10.83 -35.62
C ALA G 1 -27.65 -10.08 -34.31
N SER G 2 -27.07 -10.78 -33.33
CA SER G 2 -26.65 -10.18 -32.07
C SER G 2 -25.19 -9.74 -32.19
N CYS G 3 -24.93 -8.46 -31.91
CA CYS G 3 -23.58 -7.88 -32.05
C CYS G 3 -23.12 -7.12 -30.82
N THR G 4 -21.90 -7.39 -30.38
CA THR G 4 -21.27 -6.65 -29.29
C THR G 4 -20.08 -5.85 -29.80
N PHE G 5 -20.04 -4.57 -29.44
CA PHE G 5 -18.97 -3.67 -29.87
C PHE G 5 -18.27 -3.05 -28.65
N THR G 6 -16.94 -2.96 -28.74
CA THR G 6 -16.13 -2.26 -27.74
C THR G 6 -15.51 -1.02 -28.38
N ASP G 7 -15.93 -0.74 -29.62
CA ASP G 7 -15.38 0.32 -30.45
C ASP G 7 -16.50 1.07 -31.18
N ALA G 8 -16.44 2.41 -31.14
CA ALA G 8 -17.49 3.26 -31.75
C ALA G 8 -17.61 3.11 -33.27
N ALA G 9 -16.48 3.21 -33.97
CA ALA G 9 -16.42 3.07 -35.43
C ALA G 9 -16.99 1.73 -35.90
N ALA G 10 -16.62 0.67 -35.19
CA ALA G 10 -17.11 -0.68 -35.45
C ALA G 10 -18.63 -0.72 -35.32
N ALA G 11 -19.14 -0.14 -34.23
CA ALA G 11 -20.59 -0.05 -33.98
C ALA G 11 -21.35 0.72 -35.06
N ILE G 12 -20.84 1.90 -35.44
CA ILE G 12 -21.47 2.74 -36.45
C ILE G 12 -21.55 2.04 -37.82
N LYS G 13 -20.47 1.36 -38.18
CA LYS G 13 -20.38 0.62 -39.44
C LYS G 13 -21.25 -0.63 -39.46
N GLY G 14 -21.31 -1.33 -38.31
CA GLY G 14 -22.02 -2.60 -38.23
C GLY G 14 -23.46 -2.54 -37.77
N LYS G 15 -23.90 -1.38 -37.28
CA LYS G 15 -25.24 -1.23 -36.67
C LYS G 15 -26.39 -1.82 -37.50
N ALA G 16 -26.37 -1.57 -38.81
CA ALA G 16 -27.45 -1.99 -39.72
C ALA G 16 -27.51 -3.50 -39.95
N SER G 17 -26.46 -4.22 -39.57
CA SER G 17 -26.42 -5.68 -39.68
C SER G 17 -26.93 -6.38 -38.42
N CYS G 18 -27.39 -5.61 -37.44
CA CYS G 18 -27.74 -6.15 -36.12
C CYS G 18 -29.16 -5.80 -35.69
N THR G 19 -29.80 -6.72 -34.98
CA THR G 19 -31.14 -6.50 -34.41
C THR G 19 -31.06 -6.37 -32.90
N SER G 20 -29.91 -6.74 -32.33
CA SER G 20 -29.60 -6.42 -30.94
C SER G 20 -28.12 -6.06 -30.83
N ILE G 21 -27.86 -4.91 -30.23
CA ILE G 21 -26.54 -4.30 -30.20
C ILE G 21 -26.11 -4.06 -28.76
N ILE G 22 -24.95 -4.59 -28.39
CA ILE G 22 -24.36 -4.23 -27.10
C ILE G 22 -23.23 -3.25 -27.33
N LEU G 23 -23.31 -2.10 -26.65
CA LEU G 23 -22.27 -1.08 -26.67
C LEU G 23 -21.50 -1.19 -25.36
N ASN G 24 -20.39 -1.93 -25.40
CA ASN G 24 -19.64 -2.28 -24.21
C ASN G 24 -18.39 -1.44 -23.95
N GLY G 25 -18.49 -0.51 -23.00
CA GLY G 25 -17.35 0.29 -22.54
C GLY G 25 -16.63 1.08 -23.61
N ILE G 26 -17.39 1.61 -24.57
CA ILE G 26 -16.83 2.35 -25.69
C ILE G 26 -16.26 3.70 -25.25
N VAL G 27 -15.03 3.97 -25.68
CA VAL G 27 -14.48 5.32 -25.62
C VAL G 27 -14.75 6.00 -26.96
N VAL G 28 -15.71 6.92 -26.96
CA VAL G 28 -16.14 7.60 -28.19
C VAL G 28 -15.12 8.68 -28.54
N PRO G 29 -14.48 8.57 -29.73
CA PRO G 29 -13.42 9.50 -30.12
C PRO G 29 -13.82 10.97 -30.03
N ALA G 30 -12.86 11.80 -29.61
CA ALA G 30 -13.03 13.24 -29.45
C ALA G 30 -13.64 13.87 -30.69
N GLY G 31 -14.69 14.66 -30.49
CA GLY G 31 -15.34 15.36 -31.58
C GLY G 31 -16.28 14.55 -32.44
N THR G 32 -16.50 13.29 -32.09
CA THR G 32 -17.38 12.41 -32.87
C THR G 32 -18.61 11.93 -32.10
N THR G 33 -19.65 11.61 -32.86
CA THR G 33 -20.92 11.10 -32.35
C THR G 33 -20.89 9.57 -32.31
N LEU G 34 -21.34 9.00 -31.20
CA LEU G 34 -21.72 7.58 -31.19
C LEU G 34 -23.04 7.50 -31.96
N ASP G 35 -22.90 7.32 -33.27
CA ASP G 35 -23.98 7.52 -34.21
C ASP G 35 -24.79 6.23 -34.39
N MET G 36 -25.88 6.15 -33.63
CA MET G 36 -26.82 5.04 -33.71
C MET G 36 -28.13 5.46 -34.39
N THR G 37 -28.00 6.38 -35.34
CA THR G 37 -29.15 6.78 -36.15
C THR G 37 -29.42 5.71 -37.20
N GLY G 38 -30.66 5.67 -37.69
CA GLY G 38 -31.02 4.82 -38.82
C GLY G 38 -30.90 3.33 -38.57
N LEU G 39 -31.28 2.93 -37.36
CA LEU G 39 -31.30 1.51 -36.97
C LEU G 39 -32.40 0.78 -37.69
N LYS G 40 -32.19 -0.52 -37.93
CA LYS G 40 -33.24 -1.38 -38.48
C LYS G 40 -34.40 -1.41 -37.50
N SER G 41 -35.62 -1.38 -38.03
CA SER G 41 -36.82 -1.46 -37.21
C SER G 41 -36.77 -2.63 -36.22
N GLY G 42 -37.06 -2.34 -34.95
CA GLY G 42 -37.10 -3.39 -33.92
C GLY G 42 -35.77 -3.71 -33.24
N THR G 43 -34.73 -2.94 -33.57
CA THR G 43 -33.41 -3.14 -32.96
C THR G 43 -33.43 -2.82 -31.45
N THR G 44 -32.79 -3.66 -30.66
CA THR G 44 -32.53 -3.34 -29.26
C THR G 44 -31.07 -2.98 -29.05
N VAL G 45 -30.83 -1.87 -28.38
CA VAL G 45 -29.48 -1.42 -28.11
C VAL G 45 -29.22 -1.30 -26.62
N THR G 46 -28.12 -1.88 -26.17
CA THR G 46 -27.85 -2.01 -24.75
C THR G 46 -26.50 -1.42 -24.40
N PHE G 47 -26.50 -0.51 -23.44
CA PHE G 47 -25.27 0.02 -22.93
C PHE G 47 -24.75 -0.88 -21.82
N GLN G 48 -23.49 -1.24 -21.95
CA GLN G 48 -22.82 -2.04 -20.95
C GLN G 48 -21.54 -1.32 -20.53
N GLY G 49 -21.13 -1.50 -19.28
CA GLY G 49 -19.93 -0.87 -18.77
C GLY G 49 -19.99 0.65 -18.79
N LYS G 50 -18.81 1.26 -18.80
CA LYS G 50 -18.68 2.72 -18.73
C LYS G 50 -18.39 3.29 -20.11
N THR G 51 -19.34 4.07 -20.64
CA THR G 51 -19.17 4.76 -21.92
C THR G 51 -18.55 6.12 -21.67
N THR G 52 -17.47 6.43 -22.40
CA THR G 52 -16.80 7.73 -22.27
C THR G 52 -16.55 8.39 -23.61
N PHE G 53 -16.03 9.61 -23.54
CA PHE G 53 -15.91 10.49 -24.70
C PHE G 53 -14.58 11.23 -24.63
N GLY G 54 -13.86 11.24 -25.76
CA GLY G 54 -12.66 12.08 -25.90
C GLY G 54 -13.04 13.54 -25.80
N TYR G 55 -12.11 14.37 -25.36
CA TYR G 55 -12.41 15.79 -25.19
C TYR G 55 -12.22 16.58 -26.48
N LYS G 56 -13.21 17.41 -26.79
CA LYS G 56 -13.15 18.38 -27.88
C LYS G 56 -14.21 19.45 -27.71
N GLU G 57 -13.87 20.68 -28.12
CA GLU G 57 -14.83 21.77 -28.17
C GLU G 57 -15.64 21.73 -29.45
N TRP G 58 -16.87 21.22 -29.33
CA TRP G 58 -17.78 21.09 -30.46
C TRP G 58 -19.21 20.99 -29.93
N GLU G 59 -20.18 21.06 -30.84
CA GLU G 59 -21.60 21.19 -30.47
C GLU G 59 -22.32 19.86 -30.25
N GLY G 60 -21.65 18.75 -30.55
CA GLY G 60 -22.24 17.42 -30.41
C GLY G 60 -23.10 17.03 -31.61
N PRO G 61 -23.98 16.03 -31.45
CA PRO G 61 -24.26 15.33 -30.19
C PRO G 61 -23.24 14.24 -29.87
N LEU G 62 -23.06 13.95 -28.59
CA LEU G 62 -22.21 12.84 -28.17
C LEU G 62 -22.82 11.48 -28.59
N ILE G 63 -24.15 11.39 -28.51
CA ILE G 63 -24.90 10.18 -28.86
C ILE G 63 -26.14 10.57 -29.65
N SER G 64 -26.45 9.77 -30.67
CA SER G 64 -27.68 9.97 -31.45
C SER G 64 -28.35 8.63 -31.76
N PHE G 65 -29.67 8.59 -31.61
CA PHE G 65 -30.49 7.41 -31.96
C PHE G 65 -31.67 7.84 -32.82
N SER G 66 -31.98 7.04 -33.84
CA SER G 66 -33.22 7.18 -34.61
C SER G 66 -33.65 5.82 -35.14
N GLY G 67 -34.94 5.66 -35.40
CA GLY G 67 -35.50 4.43 -35.92
C GLY G 67 -36.89 4.17 -35.37
N THR G 68 -37.49 3.06 -35.81
CA THR G 68 -38.82 2.64 -35.40
C THR G 68 -38.72 1.36 -34.57
N ASN G 69 -39.54 1.29 -33.52
CA ASN G 69 -39.62 0.12 -32.62
C ASN G 69 -38.27 -0.17 -31.97
N ILE G 70 -37.55 0.88 -31.60
CA ILE G 70 -36.21 0.77 -31.02
C ILE G 70 -36.30 0.71 -29.51
N ASN G 71 -35.56 -0.22 -28.91
CA ASN G 71 -35.41 -0.25 -27.47
C ASN G 71 -33.98 0.05 -27.08
N ILE G 72 -33.82 1.07 -26.25
CA ILE G 72 -32.51 1.48 -25.80
C ILE G 72 -32.52 1.31 -24.29
N ASN G 73 -31.62 0.48 -23.79
CA ASN G 73 -31.53 0.27 -22.35
C ASN G 73 -30.08 0.13 -21.88
N GLY G 74 -29.91 -0.01 -20.57
CA GLY G 74 -28.59 -0.17 -19.99
C GLY G 74 -28.51 -1.40 -19.11
N ALA G 75 -27.37 -2.09 -19.16
CA ALA G 75 -27.12 -3.27 -18.34
C ALA G 75 -26.88 -2.89 -16.88
N SER G 76 -26.98 -3.89 -16.01
CA SER G 76 -26.64 -3.76 -14.60
C SER G 76 -25.23 -3.18 -14.46
N GLY G 77 -25.10 -2.09 -13.70
CA GLY G 77 -23.80 -1.46 -13.44
C GLY G 77 -23.26 -0.55 -14.54
N HIS G 78 -24.03 -0.38 -15.62
CA HIS G 78 -23.61 0.46 -16.73
C HIS G 78 -23.62 1.94 -16.34
N SER G 79 -22.78 2.72 -16.99
CA SER G 79 -22.84 4.18 -16.89
C SER G 79 -22.46 4.86 -18.20
N ILE G 80 -22.98 6.07 -18.39
CA ILE G 80 -22.56 6.95 -19.46
C ILE G 80 -22.01 8.21 -18.81
N ASP G 81 -20.68 8.29 -18.73
CA ASP G 81 -19.98 9.35 -18.01
C ASP G 81 -19.29 10.31 -18.98
N CYS G 82 -19.91 11.47 -19.20
CA CYS G 82 -19.41 12.45 -20.17
C CYS G 82 -18.25 13.30 -19.64
N GLN G 83 -17.93 13.15 -18.35
CA GLN G 83 -16.87 13.94 -17.71
C GLN G 83 -17.01 15.42 -18.09
N GLY G 84 -18.24 15.94 -17.94
CA GLY G 84 -18.61 17.28 -18.35
C GLY G 84 -17.78 18.42 -17.77
N SER G 85 -17.19 18.22 -16.60
CA SER G 85 -16.36 19.25 -15.98
C SER G 85 -15.15 19.68 -16.83
N ARG G 86 -14.79 18.85 -17.80
CA ARG G 86 -13.77 19.19 -18.79
C ARG G 86 -14.17 20.41 -19.64
N TRP G 87 -15.47 20.58 -19.84
CA TRP G 87 -16.03 21.73 -20.54
C TRP G 87 -16.54 22.83 -19.60
N TRP G 88 -17.26 22.45 -18.54
CA TRP G 88 -17.91 23.43 -17.66
C TRP G 88 -16.99 24.60 -17.31
N ASP G 89 -17.49 25.81 -17.57
CA ASP G 89 -16.73 27.05 -17.33
C ASP G 89 -17.63 28.16 -16.79
N SER G 90 -18.80 27.76 -16.24
CA SER G 90 -19.82 28.65 -15.67
C SER G 90 -20.68 29.39 -16.72
N LYS G 91 -20.41 29.11 -18.00
CA LYS G 91 -21.07 29.85 -19.08
C LYS G 91 -22.04 29.01 -19.91
N GLY G 92 -21.95 27.68 -19.78
CA GLY G 92 -22.86 26.77 -20.48
C GLY G 92 -22.90 26.94 -21.99
N SER G 93 -24.11 26.93 -22.54
CA SER G 93 -24.30 26.98 -24.00
C SER G 93 -24.35 28.41 -24.54
N ASN G 94 -24.11 29.39 -23.68
CA ASN G 94 -24.22 30.81 -24.03
C ASN G 94 -22.89 31.55 -24.19
N GLY G 95 -21.80 30.90 -23.83
CA GLY G 95 -20.48 31.50 -23.95
C GLY G 95 -19.38 30.54 -23.56
N GLY G 96 -18.17 31.10 -23.43
CA GLY G 96 -16.99 30.32 -23.09
C GLY G 96 -16.75 29.22 -24.11
N LYS G 97 -16.40 28.04 -23.62
CA LYS G 97 -16.13 26.89 -24.47
C LYS G 97 -17.36 26.46 -25.26
N THR G 98 -17.14 25.93 -26.46
CA THR G 98 -18.20 25.29 -27.22
C THR G 98 -18.39 23.88 -26.65
N LYS G 99 -19.59 23.60 -26.15
CA LYS G 99 -19.87 22.37 -25.40
C LYS G 99 -20.90 21.48 -26.11
N PRO G 100 -20.63 20.16 -26.19
CA PRO G 100 -21.50 19.27 -26.96
C PRO G 100 -22.77 18.84 -26.22
N LYS G 101 -23.88 18.90 -26.94
CA LYS G 101 -25.15 18.30 -26.54
C LYS G 101 -24.94 16.81 -26.34
N PHE G 102 -25.67 16.21 -25.40
CA PHE G 102 -25.39 14.82 -25.04
C PHE G 102 -26.07 13.78 -25.94
N PHE G 103 -27.40 13.73 -25.89
CA PHE G 103 -28.14 12.59 -26.42
C PHE G 103 -29.30 13.07 -27.30
N TYR G 104 -29.18 12.84 -28.60
CA TYR G 104 -30.26 13.18 -29.52
C TYR G 104 -31.21 12.00 -29.66
N ALA G 105 -32.33 12.09 -28.95
CA ALA G 105 -33.44 11.15 -29.12
C ALA G 105 -34.32 11.75 -30.21
N HIS G 106 -33.83 11.68 -31.45
CA HIS G 106 -34.47 12.38 -32.57
C HIS G 106 -35.05 11.38 -33.56
N SER G 107 -36.25 11.65 -34.03
CA SER G 107 -36.92 10.76 -35.00
C SER G 107 -36.97 9.30 -34.52
N LEU G 108 -37.28 9.13 -33.24
CA LEU G 108 -37.59 7.82 -32.69
C LEU G 108 -39.09 7.62 -32.77
N LYS G 109 -39.50 6.50 -33.36
CA LYS G 109 -40.92 6.20 -33.50
C LYS G 109 -41.25 4.91 -32.78
N SER G 110 -42.32 4.92 -31.99
CA SER G 110 -42.79 3.72 -31.28
C SER G 110 -41.63 3.02 -30.57
N SER G 111 -40.87 3.80 -29.81
CA SER G 111 -39.62 3.36 -29.22
C SER G 111 -39.62 3.64 -27.71
N ASN G 112 -38.61 3.09 -27.03
CA ASN G 112 -38.46 3.26 -25.59
C ASN G 112 -37.00 3.41 -25.19
N ILE G 113 -36.77 4.32 -24.25
CA ILE G 113 -35.48 4.44 -23.56
C ILE G 113 -35.72 3.99 -22.11
N LYS G 114 -34.90 3.09 -21.60
CA LYS G 114 -35.08 2.59 -20.24
C LYS G 114 -33.80 2.51 -19.43
N GLY G 115 -33.81 3.16 -18.26
CA GLY G 115 -32.84 2.91 -17.21
C GLY G 115 -31.42 3.37 -17.46
N LEU G 116 -31.25 4.29 -18.42
CA LEU G 116 -29.93 4.83 -18.73
C LEU G 116 -29.40 5.62 -17.55
N ASN G 117 -28.13 5.38 -17.25
CA ASN G 117 -27.46 5.98 -16.11
C ASN G 117 -26.41 6.97 -16.58
N VAL G 118 -26.75 8.26 -16.50
CA VAL G 118 -25.98 9.32 -17.13
C VAL G 118 -25.36 10.25 -16.10
N LEU G 119 -24.07 10.53 -16.28
CA LEU G 119 -23.33 11.38 -15.36
C LEU G 119 -22.58 12.50 -16.08
N ASN G 120 -22.69 13.70 -15.52
CA ASN G 120 -21.89 14.87 -15.91
C ASN G 120 -21.92 15.25 -17.39
N THR G 121 -23.10 15.63 -17.89
CA THR G 121 -23.22 16.11 -19.26
C THR G 121 -22.61 17.53 -19.38
N PRO G 122 -21.85 17.77 -20.48
CA PRO G 122 -21.25 19.10 -20.69
C PRO G 122 -22.29 20.23 -20.62
N VAL G 123 -23.41 20.05 -21.33
CA VAL G 123 -24.54 20.97 -21.31
C VAL G 123 -25.85 20.15 -21.25
N GLN G 124 -26.82 20.40 -22.14
CA GLN G 124 -28.08 19.67 -22.06
C GLN G 124 -27.93 18.16 -22.34
N ALA G 125 -28.77 17.38 -21.65
CA ALA G 125 -28.67 15.93 -21.70
C ALA G 125 -29.51 15.37 -22.87
N PHE G 126 -30.80 15.14 -22.64
CA PHE G 126 -31.63 14.51 -23.67
C PHE G 126 -32.40 15.55 -24.45
N SER G 127 -32.13 15.60 -25.76
CA SER G 127 -32.97 16.34 -26.67
C SER G 127 -33.93 15.34 -27.31
N ILE G 128 -35.22 15.57 -27.13
CA ILE G 128 -36.26 14.74 -27.73
C ILE G 128 -36.94 15.58 -28.81
N ASN G 129 -36.73 15.19 -30.06
CA ASN G 129 -37.20 15.97 -31.18
C ASN G 129 -37.66 15.09 -32.34
N SER G 130 -38.75 15.51 -32.98
CA SER G 130 -39.37 14.74 -34.08
C SER G 130 -39.69 13.31 -33.68
N ALA G 131 -40.06 13.11 -32.41
CA ALA G 131 -40.39 11.78 -31.89
C ALA G 131 -41.88 11.51 -32.00
N THR G 132 -42.21 10.25 -32.27
CA THR G 132 -43.61 9.82 -32.39
C THR G 132 -43.83 8.60 -31.51
N THR G 133 -44.33 8.82 -30.30
CA THR G 133 -44.57 7.75 -29.33
C THR G 133 -43.24 7.19 -28.81
N LEU G 134 -42.72 7.83 -27.78
CA LEU G 134 -41.43 7.47 -27.20
C LEU G 134 -41.56 7.43 -25.68
N GLY G 135 -41.25 6.26 -25.12
CA GLY G 135 -41.17 6.09 -23.67
C GLY G 135 -39.76 6.34 -23.19
N VAL G 136 -39.66 6.98 -22.01
CA VAL G 136 -38.38 7.31 -21.41
C VAL G 136 -38.55 6.99 -19.93
N TYR G 137 -38.10 5.80 -19.55
CA TYR G 137 -38.38 5.24 -18.23
C TYR G 137 -37.14 5.12 -17.36
N ASP G 138 -37.25 5.62 -16.13
CA ASP G 138 -36.28 5.34 -15.06
C ASP G 138 -34.87 5.80 -15.42
N VAL G 139 -34.79 6.93 -16.08
CA VAL G 139 -33.51 7.51 -16.47
C VAL G 139 -32.91 8.30 -15.32
N ILE G 140 -31.65 8.02 -15.02
CA ILE G 140 -30.89 8.78 -14.03
C ILE G 140 -29.97 9.77 -14.74
N ILE G 141 -30.11 11.03 -14.38
CA ILE G 141 -29.21 12.08 -14.84
C ILE G 141 -28.60 12.77 -13.63
N ASP G 142 -27.32 12.46 -13.39
CA ASP G 142 -26.61 13.03 -12.26
C ASP G 142 -25.56 14.04 -12.74
N ASN G 143 -25.99 15.30 -12.78
CA ASN G 143 -25.10 16.42 -13.06
C ASN G 143 -24.88 17.22 -11.79
N SER G 144 -25.11 16.59 -10.64
CA SER G 144 -24.98 17.24 -9.32
C SER G 144 -23.60 17.84 -9.06
N ALA G 145 -22.56 17.22 -9.63
CA ALA G 145 -21.18 17.73 -9.57
C ALA G 145 -21.05 19.09 -10.24
N GLY G 146 -22.03 19.45 -11.06
CA GLY G 146 -22.06 20.71 -11.77
C GLY G 146 -22.45 21.91 -10.94
N ASP G 147 -23.01 21.67 -9.75
CA ASP G 147 -23.39 22.76 -8.85
C ASP G 147 -22.16 23.56 -8.43
N SER G 148 -21.07 22.83 -8.20
CA SER G 148 -19.85 23.41 -7.68
C SER G 148 -18.80 23.68 -8.75
N ALA G 149 -18.84 22.89 -9.82
CA ALA G 149 -17.80 22.91 -10.87
C ALA G 149 -18.18 23.67 -12.15
N GLY G 150 -19.13 24.58 -12.04
CA GLY G 150 -19.47 25.50 -13.14
C GLY G 150 -20.44 25.00 -14.21
N GLY G 151 -21.24 24.00 -13.87
CA GLY G 151 -22.25 23.44 -14.79
C GLY G 151 -23.42 24.40 -15.02
N HIS G 152 -23.87 24.47 -16.26
CA HIS G 152 -24.88 25.46 -16.69
C HIS G 152 -25.57 24.94 -17.94
N ASN G 153 -26.85 25.27 -18.11
CA ASN G 153 -27.66 24.78 -19.24
C ASN G 153 -27.62 23.25 -19.37
N THR G 154 -27.67 22.59 -18.21
CA THR G 154 -27.61 21.13 -18.14
C THR G 154 -29.01 20.51 -18.10
N ASP G 155 -29.89 21.02 -18.96
CA ASP G 155 -31.29 20.56 -19.12
C ASP G 155 -31.35 19.04 -19.17
N ALA G 156 -32.28 18.45 -18.42
CA ALA G 156 -32.42 17.00 -18.39
C ALA G 156 -33.13 16.47 -19.63
N PHE G 157 -34.32 17.00 -19.90
CA PHE G 157 -35.13 16.60 -21.05
C PHE G 157 -35.66 17.84 -21.75
N ASP G 158 -35.24 18.02 -23.00
CA ASP G 158 -35.74 19.10 -23.86
C ASP G 158 -36.66 18.49 -24.91
N VAL G 159 -37.88 18.99 -25.04
CA VAL G 159 -38.84 18.39 -25.98
C VAL G 159 -39.29 19.42 -27.01
N GLY G 160 -39.21 19.03 -28.28
CA GLY G 160 -39.75 19.85 -29.36
C GLY G 160 -40.27 18.98 -30.48
N SER G 161 -41.31 19.46 -31.18
CA SER G 161 -41.85 18.84 -32.40
C SER G 161 -41.99 17.32 -32.28
N SER G 162 -42.61 16.90 -31.20
CA SER G 162 -42.82 15.49 -30.91
C SER G 162 -44.26 15.24 -30.46
N THR G 163 -44.73 14.02 -30.65
CA THR G 163 -46.03 13.59 -30.10
C THR G 163 -45.83 12.32 -29.29
N GLY G 164 -46.67 12.13 -28.27
CA GLY G 164 -46.72 10.87 -27.55
C GLY G 164 -45.48 10.58 -26.71
N VAL G 165 -44.83 11.62 -26.21
CA VAL G 165 -43.66 11.43 -25.35
C VAL G 165 -44.11 11.16 -23.91
N TYR G 166 -43.60 10.06 -23.34
CA TYR G 166 -43.98 9.63 -22.00
C TYR G 166 -42.71 9.44 -21.14
N ILE G 167 -42.44 10.43 -20.28
CA ILE G 167 -41.26 10.37 -19.42
C ILE G 167 -41.72 9.98 -18.01
N SER G 168 -41.16 8.88 -17.52
CA SER G 168 -41.59 8.33 -16.24
C SER G 168 -40.40 7.92 -15.36
N GLY G 169 -40.50 8.22 -14.07
CA GLY G 169 -39.52 7.79 -13.07
C GLY G 169 -38.13 8.36 -13.22
N ALA G 170 -38.02 9.51 -13.88
CA ALA G 170 -36.72 10.17 -14.04
C ALA G 170 -36.21 10.68 -12.70
N ASN G 171 -34.89 10.59 -12.52
CA ASN G 171 -34.22 11.16 -11.36
C ASN G 171 -33.12 12.08 -11.84
N VAL G 172 -33.34 13.38 -11.65
CA VAL G 172 -32.52 14.42 -12.24
C VAL G 172 -31.86 15.30 -11.17
N LYS G 173 -30.55 15.47 -11.31
CA LYS G 173 -29.79 16.45 -10.51
C LYS G 173 -28.99 17.27 -11.51
N ASN G 174 -29.29 18.56 -11.61
CA ASN G 174 -28.71 19.39 -12.66
C ASN G 174 -28.81 20.89 -12.31
N GLN G 175 -28.58 21.74 -13.32
CA GLN G 175 -28.46 23.19 -13.09
C GLN G 175 -29.37 24.01 -14.00
N ASP G 176 -30.29 23.34 -14.69
CA ASP G 176 -31.26 24.03 -15.55
C ASP G 176 -32.59 23.25 -15.55
N ASP G 177 -33.43 23.45 -16.56
CA ASP G 177 -34.72 22.77 -16.60
C ASP G 177 -34.62 21.26 -16.40
N CYS G 178 -35.42 20.74 -15.47
CA CYS G 178 -35.62 19.29 -15.37
C CYS G 178 -36.35 18.82 -16.64
N LEU G 179 -37.34 19.61 -17.04
CA LEU G 179 -38.07 19.41 -18.28
C LEU G 179 -38.30 20.78 -18.93
N ALA G 180 -38.05 20.85 -20.22
CA ALA G 180 -38.44 22.01 -21.01
C ALA G 180 -39.17 21.55 -22.25
N ILE G 181 -40.48 21.81 -22.32
CA ILE G 181 -41.28 21.50 -23.52
C ILE G 181 -41.44 22.77 -24.35
N ASN G 182 -40.69 22.86 -25.45
CA ASN G 182 -40.76 24.02 -26.34
C ASN G 182 -41.91 23.89 -27.34
N SER G 183 -42.23 22.65 -27.69
CA SER G 183 -43.39 22.35 -28.52
C SER G 183 -43.66 20.87 -28.41
N GLY G 184 -44.88 20.48 -28.76
CA GLY G 184 -45.23 19.06 -28.78
C GLY G 184 -46.67 18.83 -28.39
N THR G 185 -47.15 17.62 -28.66
CA THR G 185 -48.53 17.24 -28.39
C THR G 185 -48.56 15.89 -27.68
N ASN G 186 -49.32 15.82 -26.59
CA ASN G 186 -49.43 14.60 -25.78
C ASN G 186 -48.06 14.21 -25.21
N ILE G 187 -47.54 15.10 -24.35
CA ILE G 187 -46.28 14.93 -23.67
C ILE G 187 -46.59 14.71 -22.18
N THR G 188 -46.00 13.65 -21.61
CA THR G 188 -46.17 13.36 -20.19
C THR G 188 -44.82 13.30 -19.50
N PHE G 189 -44.74 13.92 -18.32
CA PHE G 189 -43.64 13.70 -17.40
C PHE G 189 -44.27 13.34 -16.05
N THR G 190 -43.95 12.15 -15.54
CA THR G 190 -44.58 11.68 -14.31
C THR G 190 -43.65 10.87 -13.41
N GLY G 191 -43.95 10.86 -12.11
CA GLY G 191 -43.18 10.06 -11.13
C GLY G 191 -41.71 10.42 -11.06
N GLY G 192 -41.41 11.69 -11.30
CA GLY G 192 -40.02 12.16 -11.42
C GLY G 192 -39.51 12.85 -10.18
N THR G 193 -38.19 12.91 -10.05
CA THR G 193 -37.55 13.68 -8.99
C THR G 193 -36.54 14.64 -9.61
N CYS G 194 -36.73 15.93 -9.34
CA CYS G 194 -35.95 16.99 -9.96
C CYS G 194 -35.22 17.77 -8.87
N SER G 195 -33.90 17.76 -8.91
CA SER G 195 -33.11 18.48 -7.91
C SER G 195 -32.11 19.45 -8.55
N GLY G 196 -31.96 20.61 -7.91
CA GLY G 196 -30.89 21.56 -8.25
C GLY G 196 -31.11 22.46 -9.46
N GLY G 197 -32.10 22.13 -10.28
CA GLY G 197 -32.31 22.80 -11.57
C GLY G 197 -33.31 23.92 -11.53
N HIS G 198 -34.04 24.11 -12.64
CA HIS G 198 -34.98 25.22 -12.76
C HIS G 198 -36.45 24.78 -12.92
N GLY G 199 -36.74 23.52 -12.59
CA GLY G 199 -38.12 23.06 -12.51
C GLY G 199 -38.68 22.30 -13.70
N LEU G 200 -40.00 22.16 -13.70
CA LEU G 200 -40.70 21.46 -14.76
C LEU G 200 -41.41 22.50 -15.60
N SER G 201 -40.83 22.80 -16.75
CA SER G 201 -41.19 23.97 -17.53
C SER G 201 -41.89 23.66 -18.87
N ILE G 202 -42.92 24.43 -19.16
CA ILE G 202 -43.41 24.58 -20.53
C ILE G 202 -42.68 25.80 -21.08
N GLY G 203 -41.95 25.61 -22.17
CA GLY G 203 -41.30 26.73 -22.85
C GLY G 203 -39.80 26.88 -22.67
N SER G 204 -39.26 28.01 -23.11
CA SER G 204 -40.03 29.10 -23.70
C SER G 204 -40.76 28.68 -24.98
N VAL G 205 -41.98 29.19 -25.14
CA VAL G 205 -42.79 28.88 -26.31
C VAL G 205 -42.85 30.14 -27.17
N GLY G 206 -42.46 29.99 -28.44
CA GLY G 206 -42.46 31.12 -29.38
C GLY G 206 -41.10 31.34 -30.01
N GLY G 207 -41.07 31.99 -31.18
CA GLY G 207 -39.83 32.36 -31.87
C GLY G 207 -39.03 31.22 -32.47
N ARG G 208 -39.61 30.01 -32.45
CA ARG G 208 -39.02 28.81 -33.05
C ARG G 208 -39.82 28.43 -34.31
N SER G 209 -39.40 27.36 -35.00
CA SER G 209 -40.19 26.89 -36.16
C SER G 209 -41.49 26.23 -35.71
N ASP G 210 -41.48 25.65 -34.50
CA ASP G 210 -42.68 25.04 -33.91
C ASP G 210 -42.94 25.64 -32.51
N ASN G 211 -44.13 26.21 -32.34
CA ASN G 211 -44.48 26.94 -31.13
C ASN G 211 -45.85 26.52 -30.56
N THR G 212 -46.25 25.28 -30.83
CA THR G 212 -47.52 24.75 -30.38
C THR G 212 -47.28 23.66 -29.36
N VAL G 213 -47.76 23.90 -28.14
CA VAL G 213 -47.80 22.90 -27.08
C VAL G 213 -49.28 22.56 -26.85
N LYS G 214 -49.61 21.28 -26.95
CA LYS G 214 -51.00 20.83 -26.77
C LYS G 214 -51.06 19.49 -26.05
N THR G 215 -51.84 19.44 -24.96
CA THR G 215 -52.10 18.20 -24.21
C THR G 215 -50.84 17.72 -23.50
N VAL G 216 -50.65 18.21 -22.27
CA VAL G 216 -49.48 17.88 -21.48
C VAL G 216 -49.94 17.47 -20.08
N THR G 217 -49.35 16.40 -19.57
CA THR G 217 -49.51 16.05 -18.16
C THR G 217 -48.14 16.01 -17.52
N ILE G 218 -47.97 16.81 -16.47
CA ILE G 218 -46.79 16.79 -15.62
C ILE G 218 -47.32 16.51 -14.23
N SER G 219 -46.96 15.35 -13.68
CA SER G 219 -47.68 14.86 -12.51
C SER G 219 -46.84 14.01 -11.56
N ASN G 220 -47.29 13.96 -10.31
CA ASN G 220 -46.77 13.02 -9.32
C ASN G 220 -45.24 13.07 -9.24
N SER G 221 -44.72 14.29 -9.11
CA SER G 221 -43.27 14.52 -9.13
C SER G 221 -42.83 15.41 -7.99
N LYS G 222 -41.55 15.31 -7.65
CA LYS G 222 -40.93 16.09 -6.58
C LYS G 222 -39.93 17.06 -7.20
N ILE G 223 -40.03 18.33 -6.82
CA ILE G 223 -39.04 19.32 -7.20
C ILE G 223 -38.41 19.88 -5.94
N VAL G 224 -37.11 19.64 -5.80
CA VAL G 224 -36.39 19.98 -4.57
C VAL G 224 -35.19 20.87 -4.90
N ASN G 225 -34.92 21.84 -4.03
CA ASN G 225 -33.73 22.69 -4.14
C ASN G 225 -33.51 23.23 -5.55
N SER G 226 -34.57 23.77 -6.13
CA SER G 226 -34.53 24.23 -7.53
C SER G 226 -35.00 25.67 -7.57
N ASP G 227 -34.70 26.38 -8.66
CA ASP G 227 -35.07 27.79 -8.81
C ASP G 227 -36.57 27.98 -8.94
N ASN G 228 -37.20 27.10 -9.70
CA ASN G 228 -38.64 27.17 -9.91
C ASN G 228 -39.27 25.81 -9.71
N GLY G 229 -40.57 25.81 -9.47
CA GLY G 229 -41.36 24.57 -9.45
C GLY G 229 -42.11 24.36 -10.76
N VAL G 230 -43.36 24.81 -10.77
CA VAL G 230 -44.19 24.82 -11.99
C VAL G 230 -43.84 26.07 -12.79
N ARG G 231 -43.50 25.89 -14.08
CA ARG G 231 -43.15 27.06 -14.90
C ARG G 231 -43.69 26.96 -16.31
N ILE G 232 -44.30 28.07 -16.75
CA ILE G 232 -44.68 28.25 -18.15
C ILE G 232 -44.14 29.60 -18.60
N LYS G 233 -43.38 29.58 -19.69
CA LYS G 233 -42.76 30.79 -20.21
C LYS G 233 -43.01 30.86 -21.70
N THR G 234 -43.47 32.03 -22.15
CA THR G 234 -43.71 32.24 -23.57
C THR G 234 -43.01 33.53 -23.99
N VAL G 235 -42.61 33.57 -25.25
CA VAL G 235 -41.73 34.61 -25.78
C VAL G 235 -42.48 35.90 -26.11
N SER G 236 -41.93 37.03 -25.64
CA SER G 236 -42.45 38.37 -25.91
C SER G 236 -42.52 38.66 -27.41
N GLY G 237 -43.70 39.04 -27.86
CA GLY G 237 -43.93 39.38 -29.27
C GLY G 237 -44.04 38.19 -30.22
N ALA G 238 -43.93 36.98 -29.68
CA ALA G 238 -43.97 35.76 -30.51
C ALA G 238 -45.40 35.25 -30.72
N THR G 239 -45.55 34.25 -31.61
CA THR G 239 -46.83 33.57 -31.78
C THR G 239 -46.72 32.07 -31.54
N GLY G 240 -47.79 31.50 -31.00
CA GLY G 240 -47.83 30.09 -30.66
C GLY G 240 -49.05 29.83 -29.80
N SER G 241 -49.02 28.72 -29.05
CA SER G 241 -50.13 28.34 -28.19
CA SER G 241 -50.14 28.33 -28.21
C SER G 241 -49.69 27.29 -27.17
N VAL G 242 -50.21 27.42 -25.96
CA VAL G 242 -50.03 26.46 -24.88
C VAL G 242 -51.45 26.11 -24.42
N SER G 243 -51.89 24.89 -24.69
CA SER G 243 -53.25 24.48 -24.31
C SER G 243 -53.34 23.05 -23.82
N GLY G 244 -54.26 22.82 -22.89
CA GLY G 244 -54.48 21.49 -22.33
C GLY G 244 -53.30 20.99 -21.52
N VAL G 245 -52.75 21.87 -20.70
CA VAL G 245 -51.65 21.50 -19.81
C VAL G 245 -52.19 21.25 -18.40
N THR G 246 -51.79 20.12 -17.83
CA THR G 246 -52.14 19.77 -16.46
C THR G 246 -50.88 19.47 -15.65
N TYR G 247 -50.69 20.24 -14.58
CA TYR G 247 -49.75 19.92 -13.50
C TYR G 247 -50.58 19.42 -12.34
N SER G 248 -50.27 18.22 -11.84
CA SER G 248 -51.02 17.59 -10.76
CA SER G 248 -51.01 17.62 -10.74
C SER G 248 -50.11 16.79 -9.84
N GLY G 249 -50.26 16.97 -8.53
CA GLY G 249 -49.47 16.20 -7.57
C GLY G 249 -48.00 16.55 -7.59
N ILE G 250 -47.69 17.84 -7.63
CA ILE G 250 -46.31 18.30 -7.60
C ILE G 250 -45.97 18.79 -6.20
N THR G 251 -44.93 18.21 -5.61
CA THR G 251 -44.48 18.68 -4.31
C THR G 251 -43.21 19.49 -4.49
N LEU G 252 -43.16 20.63 -3.81
CA LEU G 252 -42.05 21.57 -3.90
C LEU G 252 -41.29 21.61 -2.57
N SER G 253 -39.97 21.59 -2.65
CA SER G 253 -39.17 21.68 -1.45
C SER G 253 -38.01 22.64 -1.67
N ASN G 254 -37.97 23.70 -0.87
CA ASN G 254 -36.89 24.70 -0.94
C ASN G 254 -36.69 25.29 -2.35
N ILE G 255 -37.75 25.88 -2.88
CA ILE G 255 -37.70 26.55 -4.19
C ILE G 255 -37.15 27.97 -4.01
N ALA G 256 -36.16 28.34 -4.83
CA ALA G 256 -35.42 29.58 -4.62
C ALA G 256 -36.07 30.86 -5.17
N LYS G 257 -36.69 30.75 -6.36
CA LYS G 257 -37.19 31.93 -7.08
C LYS G 257 -38.71 32.00 -7.14
N TYR G 258 -39.34 30.98 -7.75
CA TYR G 258 -40.79 30.94 -7.89
C TYR G 258 -41.35 29.53 -7.72
N GLY G 259 -42.25 29.37 -6.74
CA GLY G 259 -43.00 28.12 -6.60
C GLY G 259 -43.73 27.80 -7.89
N ILE G 260 -44.53 28.76 -8.35
CA ILE G 260 -45.25 28.70 -9.62
C ILE G 260 -45.03 30.02 -10.34
N VAL G 261 -44.61 29.94 -11.60
CA VAL G 261 -44.38 31.12 -12.43
C VAL G 261 -44.91 30.89 -13.85
N ILE G 262 -45.83 31.75 -14.28
CA ILE G 262 -46.46 31.68 -15.59
C ILE G 262 -46.30 33.09 -16.16
N GLU G 263 -45.50 33.23 -17.21
CA GLU G 263 -45.26 34.56 -17.75
C GLU G 263 -45.07 34.59 -19.26
N GLN G 264 -45.60 35.67 -19.86
CA GLN G 264 -45.68 35.80 -21.30
C GLN G 264 -44.73 36.90 -21.80
N ASP G 265 -43.62 37.08 -21.09
CA ASP G 265 -42.73 38.23 -21.32
C ASP G 265 -41.25 37.88 -21.57
N TYR G 266 -40.97 36.67 -22.04
CA TYR G 266 -39.57 36.28 -22.25
C TYR G 266 -39.01 36.84 -23.56
N GLU G 267 -37.88 37.53 -23.43
CA GLU G 267 -37.22 38.13 -24.58
C GLU G 267 -35.73 37.86 -24.44
N ASN G 268 -35.17 37.18 -25.44
CA ASN G 268 -33.76 36.79 -25.43
C ASN G 268 -33.39 36.01 -24.16
N GLY G 269 -34.30 35.15 -23.72
CA GLY G 269 -34.05 34.28 -22.56
C GLY G 269 -34.19 34.90 -21.17
N SER G 270 -34.62 36.16 -21.09
CA SER G 270 -34.92 36.78 -19.79
C SER G 270 -36.19 37.64 -19.82
N PRO G 271 -36.90 37.76 -18.67
CA PRO G 271 -38.19 38.47 -18.59
C PRO G 271 -38.07 39.98 -18.78
N THR G 272 -39.01 40.54 -19.55
CA THR G 272 -39.06 41.99 -19.76
C THR G 272 -39.91 42.68 -18.70
N GLY G 273 -40.85 41.94 -18.11
CA GLY G 273 -41.80 42.50 -17.15
C GLY G 273 -43.10 42.97 -17.79
N THR G 274 -43.21 42.79 -19.11
CA THR G 274 -44.40 43.20 -19.85
C THR G 274 -44.86 42.04 -20.74
N PRO G 275 -46.00 41.44 -20.41
CA PRO G 275 -46.46 40.27 -21.17
C PRO G 275 -47.02 40.70 -22.54
N THR G 276 -46.91 39.81 -23.52
CA THR G 276 -47.56 40.02 -24.82
C THR G 276 -48.62 38.92 -25.01
N ASN G 277 -49.44 39.06 -26.06
CA ASN G 277 -50.64 38.25 -26.20
C ASN G 277 -50.67 37.19 -27.31
N GLY G 278 -49.55 36.94 -27.97
CA GLY G 278 -49.52 36.07 -29.17
C GLY G 278 -49.37 34.58 -28.90
N VAL G 279 -49.08 34.23 -27.65
CA VAL G 279 -48.94 32.82 -27.25
C VAL G 279 -49.94 32.56 -26.13
N PRO G 280 -51.24 32.47 -26.48
CA PRO G 280 -52.26 32.28 -25.45
C PRO G 280 -52.04 31.03 -24.61
N ILE G 281 -52.26 31.14 -23.30
CA ILE G 281 -52.21 29.99 -22.41
C ILE G 281 -53.64 29.61 -21.98
N THR G 282 -54.14 28.50 -22.52
CA THR G 282 -55.54 28.11 -22.33
C THR G 282 -55.67 26.66 -21.84
N GLY G 283 -56.79 26.36 -21.16
CA GLY G 283 -57.04 25.02 -20.63
C GLY G 283 -55.93 24.55 -19.70
N LEU G 284 -55.46 25.43 -18.82
CA LEU G 284 -54.42 25.08 -17.84
C LEU G 284 -55.03 24.59 -16.53
N THR G 285 -54.63 23.38 -16.12
CA THR G 285 -55.07 22.81 -14.86
C THR G 285 -53.91 22.66 -13.88
N LEU G 286 -54.04 23.26 -12.70
CA LEU G 286 -53.18 22.95 -11.55
C LEU G 286 -54.00 22.29 -10.47
N SER G 287 -53.53 21.13 -10.03
CA SER G 287 -54.21 20.37 -9.00
C SER G 287 -53.18 19.85 -7.99
N LYS G 288 -53.35 20.21 -6.72
CA LYS G 288 -52.50 19.69 -5.64
C LYS G 288 -51.02 19.94 -5.93
N ILE G 289 -50.68 21.21 -5.95
CA ILE G 289 -49.31 21.67 -6.05
C ILE G 289 -49.00 22.24 -4.67
N THR G 290 -48.11 21.59 -3.95
CA THR G 290 -47.86 21.94 -2.55
C THR G 290 -46.38 22.02 -2.22
N GLY G 291 -46.02 22.86 -1.27
CA GLY G 291 -44.64 22.90 -0.76
C GLY G 291 -44.11 24.28 -0.42
N SER G 292 -42.78 24.33 -0.28
CA SER G 292 -42.09 25.48 0.30
C SER G 292 -41.23 26.26 -0.70
N VAL G 293 -41.36 27.58 -0.66
CA VAL G 293 -40.46 28.52 -1.34
C VAL G 293 -39.59 29.16 -0.26
N ALA G 294 -38.31 29.40 -0.58
CA ALA G 294 -37.40 30.15 0.31
C ALA G 294 -37.91 31.57 0.56
N SER G 295 -37.63 32.13 1.74
CA SER G 295 -38.19 33.45 2.13
C SER G 295 -37.85 34.58 1.16
N SER G 296 -36.72 34.44 0.46
CA SER G 296 -36.30 35.42 -0.54
C SER G 296 -36.90 35.17 -1.93
N GLY G 297 -37.58 34.03 -2.06
CA GLY G 297 -38.31 33.71 -3.29
C GLY G 297 -39.72 34.28 -3.28
N THR G 298 -40.47 33.93 -4.32
CA THR G 298 -41.87 34.33 -4.48
C THR G 298 -42.74 33.09 -4.68
N ASN G 299 -43.88 33.07 -4.00
CA ASN G 299 -44.80 31.94 -4.03
C ASN G 299 -45.36 31.66 -5.42
N VAL G 300 -46.12 32.63 -5.94
CA VAL G 300 -46.80 32.49 -7.23
C VAL G 300 -46.67 33.78 -8.03
N TYR G 301 -46.32 33.64 -9.30
CA TYR G 301 -46.20 34.80 -10.19
C TYR G 301 -46.88 34.51 -11.53
N ILE G 302 -47.96 35.24 -11.78
CA ILE G 302 -48.75 35.04 -13.00
C ILE G 302 -48.78 36.36 -13.74
N LEU G 303 -48.09 36.39 -14.88
CA LEU G 303 -48.04 37.60 -15.67
C LEU G 303 -48.61 37.30 -17.05
N CYS G 304 -49.93 37.43 -17.11
CA CYS G 304 -50.67 37.25 -18.34
C CYS G 304 -51.02 38.59 -18.97
N ALA G 305 -50.93 38.66 -20.30
CA ALA G 305 -51.44 39.84 -21.02
C ALA G 305 -52.98 39.80 -21.00
N SER G 306 -53.62 40.95 -21.20
CA SER G 306 -55.09 41.01 -21.30
C SER G 306 -55.59 40.04 -22.36
N GLY G 307 -56.61 39.25 -22.02
CA GLY G 307 -57.24 38.33 -22.96
C GLY G 307 -56.41 37.09 -23.30
N ALA G 308 -55.16 37.04 -22.84
CA ALA G 308 -54.20 36.01 -23.32
C ALA G 308 -54.08 34.72 -22.48
N CYS G 309 -54.82 34.67 -21.38
CA CYS G 309 -54.90 33.46 -20.53
C CYS G 309 -56.37 33.21 -20.20
N SER G 310 -56.86 32.00 -20.51
CA SER G 310 -58.29 31.69 -20.35
C SER G 310 -58.53 30.18 -20.16
N ASN G 311 -59.71 29.83 -19.64
CA ASN G 311 -60.07 28.44 -19.28
C ASN G 311 -59.02 27.77 -18.40
N TRP G 312 -58.79 28.31 -17.20
CA TRP G 312 -57.88 27.70 -16.23
C TRP G 312 -58.70 27.08 -15.11
N LYS G 313 -58.12 26.08 -14.45
CA LYS G 313 -58.73 25.50 -13.25
C LYS G 313 -57.62 25.14 -12.25
N TRP G 314 -57.62 25.80 -11.10
CA TRP G 314 -56.61 25.54 -10.07
C TRP G 314 -57.33 25.14 -8.79
N SER G 315 -56.89 24.04 -8.20
CA SER G 315 -57.42 23.59 -6.92
C SER G 315 -56.33 22.92 -6.13
N GLY G 316 -56.44 23.02 -4.80
CA GLY G 316 -55.48 22.41 -3.88
C GLY G 316 -54.05 22.90 -4.05
N VAL G 317 -53.90 24.17 -4.39
CA VAL G 317 -52.58 24.78 -4.53
C VAL G 317 -52.20 25.38 -3.18
N SER G 318 -51.11 24.91 -2.61
CA SER G 318 -50.63 25.44 -1.34
C SER G 318 -49.12 25.62 -1.37
N VAL G 319 -48.72 26.81 -1.81
CA VAL G 319 -47.31 27.14 -1.95
C VAL G 319 -47.01 28.26 -0.95
N THR G 320 -46.16 27.95 0.03
CA THR G 320 -45.94 28.82 1.19
C THR G 320 -44.44 29.11 1.43
N GLY G 321 -44.17 30.19 2.16
CA GLY G 321 -42.81 30.48 2.61
C GLY G 321 -42.13 31.65 1.92
N GLY G 322 -42.44 31.87 0.65
CA GLY G 322 -41.88 33.00 -0.09
C GLY G 322 -42.75 34.23 0.05
N LYS G 323 -42.41 35.28 -0.71
CA LYS G 323 -43.17 36.51 -0.77
C LYS G 323 -44.44 36.35 -1.60
N LYS G 324 -45.46 37.15 -1.25
CA LYS G 324 -46.67 37.24 -2.05
C LYS G 324 -46.47 38.31 -3.12
N SER G 325 -46.46 37.90 -4.39
CA SER G 325 -46.30 38.83 -5.50
C SER G 325 -47.41 39.85 -5.53
N THR G 326 -47.03 41.12 -5.75
CA THR G 326 -47.99 42.19 -5.98
C THR G 326 -48.02 42.56 -7.48
N LYS G 327 -47.39 41.73 -8.31
CA LYS G 327 -47.16 42.05 -9.74
C LYS G 327 -47.89 41.15 -10.76
N CYS G 328 -48.75 40.27 -10.27
CA CYS G 328 -49.50 39.38 -11.15
C CYS G 328 -50.52 40.18 -11.96
N SER G 329 -50.78 39.73 -13.19
CA SER G 329 -51.71 40.42 -14.08
C SER G 329 -52.63 39.49 -14.85
N ASN G 330 -53.90 39.88 -14.92
CA ASN G 330 -54.91 39.26 -15.78
C ASN G 330 -55.06 37.74 -15.55
N ILE G 331 -55.07 37.36 -14.27
CA ILE G 331 -55.30 35.96 -13.88
C ILE G 331 -56.71 35.62 -14.34
N PRO G 332 -56.86 34.49 -15.07
CA PRO G 332 -58.20 34.07 -15.48
C PRO G 332 -59.20 34.07 -14.31
N SER G 333 -60.32 34.76 -14.49
CA SER G 333 -61.31 34.90 -13.43
C SER G 333 -62.10 33.61 -13.22
N GLY G 334 -62.44 33.35 -11.95
CA GLY G 334 -63.19 32.15 -11.57
C GLY G 334 -62.42 30.84 -11.69
N SER G 335 -61.14 30.94 -12.05
CA SER G 335 -60.29 29.76 -12.27
C SER G 335 -59.82 29.07 -10.98
N GLY G 336 -59.80 29.83 -9.88
CA GLY G 336 -59.18 29.37 -8.64
C GLY G 336 -57.71 29.76 -8.56
N ALA G 337 -57.14 30.24 -9.65
CA ALA G 337 -55.75 30.69 -9.66
C ALA G 337 -55.59 31.98 -8.85
N ALA G 338 -54.52 32.06 -8.08
CA ALA G 338 -54.24 33.23 -7.23
C ALA G 338 -52.76 33.30 -6.89
N CYS G 339 -52.27 34.51 -6.73
CA CYS G 339 -50.88 34.73 -6.32
C CYS G 339 -50.74 34.76 -4.80
C1 NAG H . -13.49 4.49 13.36
C2 NAG H . -14.27 4.40 14.68
C3 NAG H . -15.77 4.64 14.45
C4 NAG H . -15.99 5.92 13.63
C5 NAG H . -15.14 5.85 12.35
C6 NAG H . -15.29 7.12 11.48
C7 NAG H . -13.64 3.00 16.55
C8 NAG H . -13.35 1.60 17.02
N2 NAG H . -14.02 3.10 15.28
O3 NAG H . -16.48 4.74 15.68
O4 NAG H . -17.34 6.00 13.28
O5 NAG H . -13.78 5.69 12.68
O6 NAG H . -15.08 8.26 12.27
O7 NAG H . -13.56 3.97 17.32
C1 NAG H . -18.01 7.18 13.74
C2 NAG H . -19.34 7.25 12.99
C3 NAG H . -20.18 8.42 13.49
C4 NAG H . -20.31 8.36 15.02
C5 NAG H . -18.92 8.24 15.68
C6 NAG H . -18.98 8.11 17.20
C7 NAG H . -19.23 6.38 10.72
C8 NAG H . -19.12 6.70 9.25
N2 NAG H . -19.11 7.40 11.55
O3 NAG H . -21.44 8.36 12.85
O4 NAG H . -20.97 9.52 15.48
O5 NAG H . -18.24 7.12 15.13
O6 NAG H . -17.67 8.29 17.71
O7 NAG H . -19.39 5.22 11.07
C1 MAN H . -22.21 9.15 16.09
C2 MAN H . -22.79 10.34 16.82
C3 MAN H . -24.12 9.97 17.47
C4 MAN H . -25.06 9.32 16.45
C5 MAN H . -24.31 8.17 15.78
C6 MAN H . -25.12 7.47 14.72
O2 MAN H . -22.98 11.39 15.89
O3 MAN H . -24.67 11.14 17.99
O4 MAN H . -26.26 8.88 17.07
O5 MAN H . -23.16 8.70 15.14
O6 MAN H . -25.29 8.43 13.70
C1 MAN H . -25.82 8.37 12.31
C2 MAN H . -25.80 9.47 11.25
C3 MAN H . -26.80 10.56 11.59
C4 MAN H . -28.18 9.96 11.92
C5 MAN H . -27.99 8.95 13.06
C6 MAN H . -29.29 8.29 13.48
O2 MAN H . -26.09 8.84 10.02
O3 MAN H . -26.82 11.48 10.52
O4 MAN H . -29.13 10.93 12.32
O5 MAN H . -27.11 7.92 12.68
O6 MAN H . -29.67 7.46 12.41
C1 MAN H . -31.13 7.30 12.19
C2 MAN H . -31.43 6.69 10.82
C3 MAN H . -31.62 7.77 9.74
C4 MAN H . -32.58 8.86 10.22
C5 MAN H . -32.06 9.45 11.53
C6 MAN H . -32.99 10.54 12.08
O2 MAN H . -32.57 5.89 10.97
O3 MAN H . -32.10 7.18 8.56
O4 MAN H . -32.69 9.87 9.24
O5 MAN H . -31.93 8.44 12.52
O6 MAN H . -32.58 10.88 13.39
C1 MAN H . -24.60 11.07 19.43
C2 MAN H . -25.98 11.28 19.98
C3 MAN H . -26.49 12.68 19.60
C4 MAN H . -25.50 13.76 20.04
C5 MAN H . -24.04 13.38 19.71
C6 MAN H . -23.04 14.28 20.42
O2 MAN H . -25.94 11.17 21.39
O3 MAN H . -27.74 12.89 20.22
O4 MAN H . -25.88 14.95 19.39
O5 MAN H . -23.75 12.02 20.05
O6 MAN H . -21.95 14.51 19.55
C1 NAG I . 15.98 -8.41 -29.66
C2 NAG I . 14.99 -7.56 -30.48
C3 NAG I . 13.96 -6.86 -29.57
C4 NAG I . 13.33 -7.84 -28.56
C5 NAG I . 14.43 -8.65 -27.87
C6 NAG I . 13.90 -9.69 -26.87
C7 NAG I . 15.74 -6.63 -32.62
C8 NAG I . 16.71 -5.69 -33.28
N2 NAG I . 15.68 -6.58 -31.29
O3 NAG I . 12.94 -6.32 -30.37
O4 NAG I . 12.53 -7.13 -27.64
O5 NAG I . 15.23 -9.31 -28.87
O6 NAG I . 12.97 -10.52 -27.55
O7 NAG I . 15.05 -7.38 -33.32
C1 NAG I . 11.14 -7.65 -27.57
C2 NAG I . 10.49 -7.16 -26.26
C3 NAG I . 9.00 -7.48 -26.17
C4 NAG I . 8.25 -7.10 -27.44
C5 NAG I . 8.96 -7.70 -28.65
C6 NAG I . 8.26 -7.28 -29.93
C7 NAG I . 12.06 -7.18 -24.41
C8 NAG I . 12.48 -7.93 -23.18
N2 NAG I . 11.14 -7.79 -25.14
O3 NAG I . 8.44 -6.80 -25.07
O4 NAG I . 6.90 -7.55 -27.37
O5 NAG I . 10.34 -7.29 -28.69
O6 NAG I . 8.58 -8.19 -30.97
O7 NAG I . 12.54 -6.09 -24.68
C1 NAG J . 39.94 -23.21 21.56
C2 NAG J . 40.81 -24.17 22.39
C3 NAG J . 41.18 -25.41 21.56
C4 NAG J . 39.94 -26.03 20.91
C5 NAG J . 39.13 -24.94 20.17
C6 NAG J . 37.86 -25.49 19.54
C7 NAG J . 42.25 -23.36 24.20
C8 NAG J . 43.49 -22.58 24.56
N2 NAG J . 42.00 -23.51 22.90
O3 NAG J . 41.79 -26.36 22.40
O4 NAG J . 40.32 -27.10 20.04
O5 NAG J . 38.81 -23.92 21.10
O6 NAG J . 37.09 -26.19 20.49
O7 NAG J . 41.54 -23.80 25.10
C1 NAG J . 39.70 -28.37 20.52
C2 NAG J . 39.74 -29.37 19.36
C3 NAG J . 39.30 -30.76 19.81
C4 NAG J . 40.07 -31.21 21.06
C5 NAG J . 39.90 -30.15 22.17
C6 NAG J . 40.78 -30.54 23.36
C7 NAG J . 39.32 -28.33 17.17
C8 NAG J . 38.28 -28.13 16.10
N2 NAG J . 38.89 -28.92 18.28
O3 NAG J . 39.58 -31.67 18.76
O4 NAG J . 39.64 -32.48 21.51
O5 NAG J . 40.31 -28.88 21.69
O6 NAG J . 40.43 -29.77 24.50
O7 NAG J . 40.48 -27.95 16.98
C1 NAG K . 26.42 36.22 -21.27
C2 NAG K . 27.28 37.10 -20.35
C3 NAG K . 28.01 38.18 -21.18
C4 NAG K . 28.71 37.62 -22.43
C5 NAG K . 27.78 36.66 -23.19
C6 NAG K . 28.48 35.95 -24.35
C7 NAG K . 26.69 37.61 -17.99
C8 NAG K . 25.75 38.38 -17.11
N2 NAG K . 26.47 37.73 -19.31
O3 NAG K . 28.91 38.91 -20.37
O4 NAG K . 29.08 38.70 -23.27
O5 NAG K . 27.26 35.71 -22.28
O6 NAG K . 29.71 35.42 -23.91
O7 NAG K . 27.60 36.94 -17.49
C1 NAG K . 30.49 38.72 -23.64
C2 NAG K . 30.72 39.62 -24.88
C3 NAG K . 32.20 39.79 -25.22
C4 NAG K . 33.01 40.14 -23.97
C5 NAG K . 32.70 39.16 -22.83
C6 NAG K . 33.41 39.52 -21.54
C7 NAG K . 28.80 39.53 -26.40
C8 NAG K . 28.31 39.08 -27.74
N2 NAG K . 30.02 39.11 -26.05
O3 NAG K . 32.38 40.78 -26.22
O4 NAG K . 34.39 40.14 -24.29
O5 NAG K . 31.31 39.13 -22.56
O6 NAG K . 32.76 40.64 -20.96
O7 NAG K . 28.10 40.26 -25.70
C1 NAG L . -12.73 -11.24 7.57
C2 NAG L . -11.42 -11.05 6.78
C3 NAG L . -11.50 -11.58 5.34
C4 NAG L . -12.07 -12.99 5.30
C5 NAG L . -13.37 -13.01 6.12
C6 NAG L . -14.09 -14.36 6.14
C7 NAG L . -9.86 -9.27 7.27
C8 NAG L . -9.50 -7.84 7.06
N2 NAG L . -11.03 -9.66 6.76
O3 NAG L . -10.21 -11.55 4.73
O4 NAG L . -12.39 -13.30 3.97
O5 NAG L . -13.10 -12.60 7.44
O6 NAG L . -13.21 -15.39 6.54
O7 NAG L . -9.11 -10.05 7.88
C1 NAG L . -11.84 -14.55 3.47
C2 NAG L . -12.54 -14.78 2.14
C3 NAG L . -12.01 -16.04 1.45
C4 NAG L . -10.50 -16.06 1.40
C5 NAG L . -9.86 -15.70 2.72
C6 NAG L . -8.37 -15.43 2.50
C7 NAG L . -14.86 -14.01 2.05
C8 NAG L . -16.29 -14.50 2.07
N2 NAG L . -13.96 -14.91 2.38
O3 NAG L . -12.53 -16.08 0.13
O4 NAG L . -10.09 -17.35 1.01
O5 NAG L . -10.44 -14.52 3.28
O6 NAG L . -7.71 -15.20 3.73
O7 NAG L . -14.61 -12.84 1.75
C1 NAG M . -17.09 6.15 53.02
C2 NAG M . -18.22 5.42 53.76
C3 NAG M . -17.68 4.47 54.84
C4 NAG M . -16.51 3.60 54.35
C5 NAG M . -15.50 4.45 53.53
C6 NAG M . -14.35 3.62 52.94
C7 NAG M . -20.48 6.41 54.07
C8 NAG M . -21.26 7.51 54.73
N2 NAG M . -19.18 6.36 54.36
O3 NAG M . -18.73 3.65 55.31
O4 NAG M . -15.84 3.04 55.47
O5 NAG M . -16.18 5.17 52.53
O6 NAG M . -14.80 2.49 52.22
O7 NAG M . -21.07 5.63 53.32
C1 NAG M . -15.74 1.57 55.38
C2 NAG M . -14.63 1.14 56.35
C3 NAG M . -14.57 -0.37 56.59
C4 NAG M . -15.95 -0.90 56.94
C5 NAG M . -17.01 -0.45 55.93
C6 NAG M . -18.40 -0.77 56.46
C7 NAG M . -12.69 2.60 56.49
C8 NAG M . -11.26 2.77 56.05
N2 NAG M . -13.34 1.60 55.90
O3 NAG M . -13.70 -0.62 57.67
O4 NAG M . -15.93 -2.32 57.08
O5 NAG M . -16.97 0.95 55.66
O6 NAG M . -19.36 -0.51 55.46
O7 NAG M . -13.19 3.34 57.32
C1 NAG N . -50.29 9.81 -25.95
C2 NAG N . -51.06 8.84 -26.87
C3 NAG N . -50.95 7.39 -26.39
C4 NAG N . -49.52 6.99 -26.00
C5 NAG N . -48.95 8.05 -25.05
C6 NAG N . -47.52 7.77 -24.59
C7 NAG N . -53.02 9.43 -28.24
C8 NAG N . -54.52 9.28 -28.35
N2 NAG N . -52.46 9.22 -27.04
O3 NAG N . -51.43 6.53 -27.41
O4 NAG N . -49.53 5.72 -25.37
O5 NAG N . -48.99 9.31 -25.69
O6 NAG N . -46.72 7.44 -25.71
O7 NAG N . -52.39 9.75 -29.24
C1 NAG N . -48.79 4.68 -26.10
C2 NAG N . -48.42 3.56 -25.13
C3 NAG N . -47.75 2.39 -25.84
C4 NAG N . -48.58 1.95 -27.05
C5 NAG N . -48.99 3.13 -27.95
C6 NAG N . -50.05 2.66 -28.94
C7 NAG N . -48.02 4.26 -22.80
C8 NAG N . -47.04 4.88 -21.84
N2 NAG N . -47.57 4.05 -24.05
O3 NAG N . -47.64 1.30 -24.95
O4 NAG N . -47.84 1.00 -27.79
O5 NAG N . -49.56 4.18 -27.18
O6 NAG N . -50.34 3.71 -29.83
O7 NAG N . -49.15 3.98 -22.41
O1 PG4 O . 11.86 32.38 -2.12
C1 PG4 O . 12.21 31.28 -1.27
C2 PG4 O . 12.08 31.65 0.20
O2 PG4 O . 13.11 32.58 0.55
C3 PG4 O . 13.74 32.30 1.79
C4 PG4 O . 13.82 33.58 2.60
O3 PG4 O . 12.46 33.99 2.86
C2 PG4 P . 2.35 -13.05 -19.27
O2 PG4 P . 3.55 -12.29 -19.28
C3 PG4 P . 3.96 -11.93 -20.60
C4 PG4 P . 4.97 -10.78 -20.58
O3 PG4 P . 5.90 -10.93 -19.50
C5 PG4 P . 7.07 -10.13 -19.74
C6 PG4 P . 7.53 -9.44 -18.47
O4 PG4 P . 7.69 -10.40 -17.43
C7 PG4 P . 8.11 -9.79 -16.21
C8 PG4 P . 8.08 -10.80 -15.06
O5 PG4 P . 6.78 -10.84 -14.46
C1 PEG Q . 38.94 -18.91 -42.53
O1 PEG Q . 39.33 -19.91 -43.49
C2 PEG Q . 37.63 -18.25 -42.93
O2 PEG Q . 37.25 -17.29 -41.94
C3 PEG Q . 36.88 -16.02 -42.49
C4 PEG Q . 35.36 -15.83 -42.50
O4 PEG Q . 34.92 -15.63 -43.85
C ACY R . 28.07 -15.97 -4.06
O ACY R . 29.22 -16.36 -3.76
OXT ACY R . 27.82 -14.83 -4.49
CH3 ACY R . 26.93 -16.93 -3.88
O1 PG4 S . 31.66 -35.69 9.44
C1 PG4 S . 33.03 -35.33 9.24
C2 PG4 S . 33.30 -33.95 9.84
O2 PG4 S . 33.63 -34.13 11.20
C3 PG4 S . 34.43 -33.09 11.75
C4 PG4 S . 35.24 -33.67 12.91
O3 PG4 S . 34.53 -33.65 14.14
C5 PG4 S . 33.84 -34.86 14.43
C6 PG4 S . 34.03 -35.32 15.87
O4 PG4 S . 33.15 -36.43 16.14
O1 PG4 T . 15.46 35.00 -41.84
C1 PG4 T . 16.78 35.55 -41.88
C2 PG4 T . 17.69 34.78 -40.94
O2 PG4 T . 18.98 35.39 -40.88
C3 PG4 T . 20.03 34.42 -40.81
C4 PG4 T . 21.26 34.98 -41.52
O1 PG4 U . -23.01 4.65 14.10
C1 PG4 U . -22.97 3.22 14.22
C2 PG4 U . -21.67 2.72 13.58
O2 PG4 U . -20.56 3.37 14.18
C3 PG4 U . -19.28 3.17 13.57
C4 PG4 U . -18.84 1.72 13.73
O3 PG4 U . -17.77 1.57 14.66
C5 PG4 U . -18.11 1.79 16.04
C6 PG4 U . -17.36 0.87 16.99
O4 PG4 U . -17.31 1.43 18.30
C1 PEG V . -14.57 -2.54 29.28
O1 PEG V . -14.10 -2.49 27.91
C2 PEG V . -15.06 -1.17 29.68
O2 PEG V . -15.53 -1.14 31.03
C3 PEG V . -15.37 0.17 31.57
C4 PEG V . -16.67 0.74 32.11
O4 PEG V . -16.51 2.16 32.22
O1 PG4 W . 11.29 -4.92 25.04
C1 PG4 W . 10.82 -5.69 23.94
C2 PG4 W . 9.94 -4.83 23.05
O2 PG4 W . 9.59 -5.50 21.83
C3 PG4 W . 8.25 -5.98 21.80
C4 PG4 W . 8.32 -7.50 21.99
O3 PG4 W . 7.01 -8.03 22.10
C5 PG4 W . 6.99 -9.47 22.16
C6 PG4 W . 7.94 -10.01 23.22
O4 PG4 W . 7.54 -11.31 23.65
C7 PG4 W . 8.18 -11.69 24.87
C8 PG4 W . 7.14 -11.87 25.98
O5 PG4 W . 7.76 -12.28 27.21
C1 PEG X . -12.07 1.45 31.43
O1 PEG X . -12.37 1.32 30.03
C2 PEG X . -11.66 2.87 31.76
O2 PEG X . -10.29 2.85 32.15
C3 PEG X . -9.78 4.15 32.49
C4 PEG X . -8.26 4.08 32.61
O4 PEG X . -7.82 3.20 33.66
#